data_4CI3
#
_entry.id   4CI3
#
_cell.length_a   171.070
_cell.length_b   171.070
_cell.length_c   137.930
_cell.angle_alpha   90.00
_cell.angle_beta   90.00
_cell.angle_gamma   120.00
#
_symmetry.space_group_name_H-M   'P 32 2 1'
#
loop_
_entity.id
_entity.type
_entity.pdbx_description
1 polymer 'DNA DAMAGE-BINDING PROTEIN 1'
2 polymer 'PROTEIN CEREBLON'
3 non-polymer 'ZINC ION'
4 non-polymer S-Pomalidomide
#
loop_
_entity_poly.entity_id
_entity_poly.type
_entity_poly.pdbx_seq_one_letter_code
_entity_poly.pdbx_strand_id
1 'polypeptide(L)'
;MHHHHHHRRLVPRGSGGRMSYNYVVTAQKPTAVNGCVTGHFTSAEDLNLLIAKNTRLEIYVVTAEGLRPVKEVGMYGKIA
VMELFRPKGESKDLLFILTAKYNACILEYKQSGESIDIITRAHGNVQDRIGRPSETGIIGIIDPECRMIGLRLYDGLFKV
IPLDRDNKELKAFNIRLEELHVIDVKFLYGCQAPTICFVYQDPQGRHVKTYEVSLREKEFNKGPWKQENVEAEASMVIAV
PEPFGGAIIIGQESITYHNGDKYLAIAPPIIKQSTIVCHNRVDPNGSRYLLGDMEGRLFMLLLEKEEQMDGTVTLKDLRV
ELLGETSIAECLTYLDNGVVFVGSRLGDSQLVKLNVDSNEQGSYVVAMETFTNLGPIVDMCVVDLERQGQGQLVTCSGAF
KEGSLRIIRNGIGIHEHASIDLPGIKGLWPLRSDPNRETDDTLVLSFVGQTRVLMLNGEEVEETELMGFVDDQQTFFCGN
VAHQQLIQITSASVRLVSQEPKALVSEWKEPQAKNISVASCNSSQVVVAVGRALYYLQIHPQELRQISHTEMEHEVACLD
ITPLGDSNGLSPLCAIGLWTDISARILKLPSFELLHKEMLGGEIIPRSILMTTFESSHYLLCALGDGALFYFGLNIETGL
LSDRKKVTLGTQPTVLRTFRSLSTTNVFACSDRPTVIYSSNHKLVFSNVNLKEVNYMCPLNSDGYPDSLALANNSTLTIG
TIDEIQKLHIRTVPLYESPRKICYQEVSQCFGVLSSRIEVQDTSGGTTALRPSASTQALSSSVSSSKLFSSSTAPHETSF
GEEVEVHNLLIIDQHTFEVLHAHQFLQNEYALSLVSCKLGKDPNTYFIVGTAMVYPEEAEPKQGRIVVFQYSDGKLQTVA
EKEVKGAVYSMVEFNGKLLASINSTVRLYEWTTEKELRTECNHYNNIMALYLKTKGDFILVGDLMRSVLLLAYKPMEGNF
EEIARDFNPNWMSAVEILDDDNFLGAENAFNLFVCQKDSAATTDEERQHLQEVGLFHLGEFVNVFCHGSLVMQNLGETST
PTQGSVLFGTVNGMIGLVTSLSESWYNLLLDMQNRLNKVIKSVGKIEHSFWRSFHTERKTEPATGFIDGDLIESFLDISR
PKMQEVVANLQYDDGSGMKREATADDLIKVVEELTRIH
;
A
2 'polypeptide(L)'
;MDWSHPQFEKSAVDENLYFQGGGRMAAEEGGDGRRNMGNPPPPAPAESEEEDDNEMEVEDQDGKEAEKPNMINFDTSLPT
SHMYLGSDMEEFHGRTLHDDDSCQVIPVLPHVMVMLIPGQTLPLQLFHPQEVSMVRNLIQKDRTFAVLAYSNVREREAHF
GTTAEIYAYREEQEYGIETVKVKAIGRQRFKVLEIRTQSDGIQQAKVQILPERVLPSTMSAVQLQSLSRRHIFPSSKPKV
WQDRAFRQWWQKYQKRKFHCASLTSWPPWLYSLYDAETLMERVKRQLHEWDENLKDESLPTNPIDFSYRVAACLPIDDAL
RIQLLKIGSAIQRLRCELDIMNKCTSLCCKQCQDTEITTKNEIFSLSLCGPMAAYVNPHGYIHETLTVYKACNLNLSGRP
STEHSWFPGYAWTIAQCRICGNHMGWKFTATKKDMSPQKFWGLTRSALLPRIPEAEDELGHDRSPLLCL
;
B
#
# COMPACT_ATOMS: atom_id res chain seq x y z
N SER A 20 21.17 1.91 -12.17
CA SER A 20 20.46 2.68 -11.14
C SER A 20 20.48 2.01 -9.76
N TYR A 21 20.77 2.82 -8.73
CA TYR A 21 20.84 2.42 -7.33
C TYR A 21 19.96 3.38 -6.54
N ASN A 22 18.93 2.85 -5.85
CA ASN A 22 18.00 3.71 -5.13
C ASN A 22 18.01 3.49 -3.63
N TYR A 23 17.45 4.48 -2.92
CA TYR A 23 17.34 4.60 -1.47
C TYR A 23 15.88 4.88 -1.15
N VAL A 24 15.28 4.03 -0.31
CA VAL A 24 13.88 4.14 0.08
C VAL A 24 13.78 4.34 1.59
N VAL A 25 12.98 5.33 2.03
CA VAL A 25 12.81 5.65 3.45
C VAL A 25 11.35 6.04 3.77
N THR A 26 10.90 5.77 5.00
CA THR A 26 9.57 6.07 5.50
C THR A 26 9.49 7.51 5.98
N ALA A 27 8.69 8.33 5.30
CA ALA A 27 8.45 9.73 5.69
C ALA A 27 7.39 9.77 6.77
N GLN A 28 6.42 8.82 6.73
CA GLN A 28 5.30 8.69 7.66
C GLN A 28 4.96 7.21 7.81
N LYS A 29 4.98 6.70 9.05
CA LYS A 29 4.67 5.31 9.39
C LYS A 29 3.22 4.94 8.99
N PRO A 30 2.87 3.64 8.81
CA PRO A 30 1.48 3.32 8.46
C PRO A 30 0.56 3.79 9.58
N THR A 31 -0.57 4.42 9.21
CA THR A 31 -1.54 4.95 10.17
C THR A 31 -2.70 3.98 10.41
N ALA A 32 -3.18 3.31 9.34
CA ALA A 32 -4.31 2.38 9.41
C ALA A 32 -4.14 1.24 10.40
N VAL A 33 -5.23 0.87 11.09
CA VAL A 33 -5.27 -0.20 12.09
C VAL A 33 -5.69 -1.50 11.42
N ASN A 34 -4.82 -2.53 11.49
CA ASN A 34 -5.01 -3.86 10.91
C ASN A 34 -5.68 -4.82 11.86
N GLY A 35 -5.53 -4.57 13.15
CA GLY A 35 -6.10 -5.39 14.20
C GLY A 35 -5.80 -4.81 15.56
N CYS A 36 -6.55 -5.25 16.56
CA CYS A 36 -6.36 -4.83 17.95
C CYS A 36 -6.88 -5.88 18.91
N VAL A 37 -6.16 -6.03 20.04
CA VAL A 37 -6.49 -7.00 21.10
C VAL A 37 -6.37 -6.39 22.49
N THR A 38 -7.01 -7.08 23.46
CA THR A 38 -6.97 -6.77 24.88
C THR A 38 -6.58 -8.01 25.66
N GLY A 39 -5.78 -7.77 26.68
CA GLY A 39 -5.26 -8.78 27.61
C GLY A 39 -4.33 -8.18 28.62
N HIS A 40 -3.50 -9.03 29.25
CA HIS A 40 -2.54 -8.60 30.27
C HIS A 40 -1.10 -8.98 29.90
N PHE A 41 -0.62 -8.38 28.81
CA PHE A 41 0.69 -8.59 28.20
C PHE A 41 1.86 -8.07 29.03
N THR A 42 1.78 -6.81 29.50
CA THR A 42 2.81 -6.16 30.30
C THR A 42 2.88 -6.82 31.70
N SER A 43 1.90 -6.54 32.57
CA SER A 43 1.77 -7.15 33.89
C SER A 43 0.39 -7.78 33.94
N ALA A 44 0.19 -8.80 34.80
CA ALA A 44 -1.12 -9.47 34.96
C ALA A 44 -2.16 -8.57 35.65
N GLU A 45 -1.73 -7.32 36.01
CA GLU A 45 -2.54 -6.28 36.65
C GLU A 45 -3.06 -5.27 35.63
N ASP A 46 -2.16 -4.71 34.80
CA ASP A 46 -2.47 -3.71 33.77
C ASP A 46 -3.25 -4.28 32.58
N LEU A 47 -4.44 -3.68 32.25
CA LEU A 47 -5.23 -4.08 31.09
C LEU A 47 -4.60 -3.42 29.87
N ASN A 48 -4.17 -4.24 28.92
CA ASN A 48 -3.47 -3.80 27.73
C ASN A 48 -4.29 -3.79 26.45
N LEU A 49 -3.99 -2.81 25.58
CA LEU A 49 -4.54 -2.67 24.23
C LEU A 49 -3.38 -2.67 23.24
N LEU A 50 -3.33 -3.73 22.40
CA LEU A 50 -2.32 -3.92 21.37
C LEU A 50 -2.95 -3.60 20.02
N ILE A 51 -2.37 -2.61 19.33
CA ILE A 51 -2.83 -2.12 18.03
C ILE A 51 -1.79 -2.53 16.97
N ALA A 52 -2.24 -3.16 15.86
CA ALA A 52 -1.36 -3.56 14.76
C ALA A 52 -1.51 -2.57 13.64
N LYS A 53 -0.43 -1.85 13.34
CA LYS A 53 -0.41 -0.90 12.24
C LYS A 53 0.58 -1.44 11.21
N ASN A 54 0.26 -2.66 10.71
CA ASN A 54 0.99 -3.46 9.70
C ASN A 54 2.35 -3.96 10.17
N THR A 55 3.40 -3.16 9.93
CA THR A 55 4.79 -3.45 10.27
C THR A 55 5.10 -2.97 11.70
N ARG A 56 4.13 -2.25 12.35
CA ARG A 56 4.22 -1.68 13.70
C ARG A 56 3.30 -2.33 14.73
N LEU A 57 3.76 -2.38 15.98
CA LEU A 57 2.98 -2.88 17.12
C LEU A 57 3.03 -1.84 18.25
N GLU A 58 1.90 -1.17 18.47
CA GLU A 58 1.72 -0.16 19.51
C GLU A 58 1.16 -0.87 20.75
N ILE A 59 1.83 -0.73 21.92
CA ILE A 59 1.36 -1.39 23.15
C ILE A 59 0.97 -0.30 24.18
N TYR A 60 -0.23 -0.49 24.80
CA TYR A 60 -0.88 0.45 25.71
C TYR A 60 -1.43 -0.17 26.99
N VAL A 61 -1.76 0.70 27.97
CA VAL A 61 -2.45 0.32 29.21
C VAL A 61 -3.74 1.17 29.25
N VAL A 62 -4.89 0.55 29.59
CA VAL A 62 -6.17 1.26 29.69
C VAL A 62 -6.14 2.15 30.95
N THR A 63 -5.94 3.46 30.74
CA THR A 63 -5.83 4.49 31.78
C THR A 63 -7.15 4.73 32.52
N ALA A 64 -8.30 4.32 31.93
CA ALA A 64 -9.68 4.57 32.44
C ALA A 64 -10.02 6.07 32.23
N GLU A 65 -8.98 6.93 32.29
CA GLU A 65 -9.03 8.38 32.03
C GLU A 65 -8.19 8.70 30.77
N GLY A 66 -8.06 7.73 29.87
CA GLY A 66 -7.33 7.87 28.62
C GLY A 66 -6.73 6.58 28.10
N LEU A 67 -5.58 6.71 27.40
CA LEU A 67 -4.79 5.62 26.81
C LEU A 67 -3.29 5.86 27.11
N ARG A 68 -2.65 4.92 27.84
CA ARG A 68 -1.24 5.04 28.24
C ARG A 68 -0.27 4.46 27.19
N PRO A 69 0.50 5.31 26.45
CA PRO A 69 1.45 4.75 25.46
C PRO A 69 2.73 4.24 26.12
N VAL A 70 2.90 2.90 26.12
CA VAL A 70 4.01 2.19 26.77
C VAL A 70 5.24 2.01 25.86
N LYS A 71 5.07 1.34 24.71
CA LYS A 71 6.15 1.02 23.78
C LYS A 71 5.59 0.81 22.36
N GLU A 72 6.43 1.11 21.36
CA GLU A 72 6.10 0.91 19.95
C GLU A 72 7.23 0.13 19.31
N VAL A 73 6.93 -1.07 18.84
CA VAL A 73 7.97 -1.88 18.20
C VAL A 73 7.66 -2.14 16.75
N GLY A 74 8.66 -1.89 15.92
CA GLY A 74 8.61 -2.19 14.50
C GLY A 74 8.95 -3.65 14.28
N MET A 75 8.58 -4.18 13.12
CA MET A 75 8.84 -5.57 12.79
C MET A 75 9.21 -5.80 11.34
N TYR A 76 9.94 -6.90 11.08
CA TYR A 76 10.37 -7.31 9.76
C TYR A 76 9.36 -8.27 9.10
N GLY A 77 8.11 -7.79 9.05
CA GLY A 77 6.99 -8.50 8.47
C GLY A 77 5.70 -7.72 8.59
N LYS A 78 4.69 -8.13 7.82
CA LYS A 78 3.38 -7.52 7.89
C LYS A 78 2.59 -8.42 8.81
N ILE A 79 2.02 -7.88 9.90
CA ILE A 79 1.22 -8.67 10.86
C ILE A 79 -0.06 -9.20 10.18
N ALA A 80 -0.28 -10.53 10.26
CA ALA A 80 -1.47 -11.22 9.72
C ALA A 80 -2.36 -11.66 10.90
N VAL A 81 -1.75 -12.39 11.84
CA VAL A 81 -2.37 -12.89 13.07
C VAL A 81 -1.71 -12.16 14.26
N MET A 82 -2.49 -11.84 15.32
CA MET A 82 -2.06 -11.17 16.55
C MET A 82 -3.04 -11.53 17.66
N GLU A 83 -2.70 -12.55 18.45
CA GLU A 83 -3.55 -12.97 19.56
C GLU A 83 -2.75 -13.33 20.80
N LEU A 84 -3.11 -12.70 21.94
CA LEU A 84 -2.51 -12.91 23.26
C LEU A 84 -2.96 -14.26 23.86
N PHE A 85 -2.19 -14.81 24.84
CA PHE A 85 -2.46 -16.07 25.53
C PHE A 85 -1.61 -16.29 26.80
N ARG A 86 -2.20 -16.97 27.81
CA ARG A 86 -1.55 -17.30 29.08
C ARG A 86 -1.59 -18.84 29.30
N PRO A 87 -0.52 -19.58 28.92
CA PRO A 87 -0.53 -21.05 29.10
C PRO A 87 -0.14 -21.46 30.52
N LYS A 88 -1.15 -21.94 31.29
CA LYS A 88 -1.03 -22.35 32.70
C LYS A 88 -0.44 -21.21 33.57
N GLY A 89 0.58 -21.53 34.36
CA GLY A 89 1.25 -20.57 35.22
C GLY A 89 2.17 -19.63 34.46
N GLU A 90 1.81 -18.33 34.46
CA GLU A 90 2.57 -17.24 33.84
C GLU A 90 2.36 -15.92 34.64
N SER A 91 3.44 -15.10 34.78
CA SER A 91 3.44 -13.80 35.47
C SER A 91 2.59 -12.74 34.74
N LYS A 92 2.45 -12.89 33.40
CA LYS A 92 1.70 -12.01 32.50
C LYS A 92 1.26 -12.79 31.24
N ASP A 93 1.04 -12.10 30.10
CA ASP A 93 0.63 -12.72 28.83
C ASP A 93 1.72 -12.84 27.77
N LEU A 94 1.59 -13.89 26.95
CA LEU A 94 2.44 -14.21 25.82
C LEU A 94 1.68 -13.82 24.56
N LEU A 95 2.37 -13.19 23.60
CA LEU A 95 1.77 -12.72 22.35
C LEU A 95 2.21 -13.53 21.15
N PHE A 96 1.25 -14.00 20.36
CA PHE A 96 1.58 -14.71 19.13
C PHE A 96 1.40 -13.76 17.98
N ILE A 97 2.34 -13.76 17.02
CA ILE A 97 2.29 -12.93 15.82
C ILE A 97 2.67 -13.81 14.63
N LEU A 98 1.93 -13.72 13.55
CA LEU A 98 2.26 -14.44 12.33
C LEU A 98 2.29 -13.39 11.23
N THR A 99 3.39 -13.34 10.45
CA THR A 99 3.49 -12.36 9.38
C THR A 99 2.89 -12.90 8.09
N ALA A 100 2.74 -12.01 7.09
CA ALA A 100 2.24 -12.37 5.77
C ALA A 100 3.24 -13.32 5.07
N LYS A 101 4.54 -13.24 5.44
CA LYS A 101 5.61 -14.11 4.93
C LYS A 101 5.77 -15.40 5.74
N TYR A 102 4.77 -15.69 6.59
CA TYR A 102 4.61 -16.86 7.46
C TYR A 102 5.66 -16.96 8.58
N ASN A 103 6.12 -15.80 9.09
CA ASN A 103 7.04 -15.75 10.23
C ASN A 103 6.17 -15.84 11.49
N ALA A 104 6.42 -16.86 12.30
CA ALA A 104 5.67 -17.07 13.54
C ALA A 104 6.60 -16.82 14.72
N CYS A 105 6.08 -16.16 15.77
CA CYS A 105 6.81 -15.88 17.00
C CYS A 105 5.91 -15.66 18.22
N ILE A 106 6.39 -16.11 19.38
CA ILE A 106 5.75 -15.93 20.68
C ILE A 106 6.59 -14.88 21.37
N LEU A 107 5.98 -13.79 21.80
CA LEU A 107 6.71 -12.70 22.43
C LEU A 107 6.25 -12.44 23.86
N GLU A 108 7.21 -12.27 24.76
CA GLU A 108 7.02 -11.99 26.18
C GLU A 108 7.47 -10.55 26.45
N TYR A 109 6.78 -9.88 27.37
CA TYR A 109 7.14 -8.52 27.73
C TYR A 109 8.19 -8.56 28.85
N LYS A 110 9.16 -7.64 28.80
CA LYS A 110 10.21 -7.51 29.82
C LYS A 110 10.52 -6.04 30.10
N GLN A 111 10.37 -5.65 31.38
CA GLN A 111 10.59 -4.29 31.87
C GLN A 111 11.49 -4.32 33.12
N SER A 112 12.51 -3.45 33.15
CA SER A 112 13.43 -3.27 34.27
C SER A 112 13.88 -1.80 34.31
N GLY A 113 13.13 -1.00 35.06
CA GLY A 113 13.33 0.44 35.17
C GLY A 113 12.87 1.15 33.91
N GLU A 114 13.72 2.05 33.37
CA GLU A 114 13.44 2.80 32.15
C GLU A 114 13.76 1.99 30.87
N SER A 115 14.31 0.76 31.04
CA SER A 115 14.67 -0.16 29.96
C SER A 115 13.57 -1.19 29.69
N ILE A 116 12.92 -1.06 28.52
CA ILE A 116 11.83 -1.93 28.04
C ILE A 116 12.28 -2.69 26.80
N ASP A 117 12.07 -4.03 26.81
CA ASP A 117 12.48 -4.91 25.70
C ASP A 117 11.49 -6.04 25.45
N ILE A 118 11.05 -6.17 24.18
CA ILE A 118 10.16 -7.26 23.77
C ILE A 118 11.09 -8.47 23.59
N ILE A 119 10.69 -9.62 24.12
CA ILE A 119 11.53 -10.81 24.08
C ILE A 119 10.90 -11.96 23.33
N THR A 120 11.65 -12.55 22.40
CA THR A 120 11.20 -13.71 21.64
C THR A 120 11.28 -14.93 22.58
N ARG A 121 10.26 -15.79 22.56
CA ARG A 121 10.18 -17.01 23.37
C ARG A 121 10.31 -18.22 22.48
N ALA A 122 9.85 -18.11 21.22
CA ALA A 122 9.89 -19.15 20.20
C ALA A 122 9.74 -18.48 18.84
N HIS A 123 10.31 -19.07 17.76
CA HIS A 123 10.21 -18.52 16.40
C HIS A 123 10.54 -19.55 15.32
N GLY A 124 9.83 -19.45 14.20
CA GLY A 124 10.00 -20.32 13.04
C GLY A 124 9.11 -19.95 11.87
N ASN A 125 9.49 -20.37 10.66
CA ASN A 125 8.72 -20.10 9.44
C ASN A 125 7.82 -21.31 9.12
N VAL A 126 6.51 -21.10 9.23
CA VAL A 126 5.46 -22.10 9.09
C VAL A 126 5.05 -22.41 7.62
N GLN A 127 5.55 -21.63 6.65
CA GLN A 127 5.23 -21.77 5.21
C GLN A 127 5.43 -23.21 4.71
N ASP A 128 4.50 -23.70 3.86
CA ASP A 128 4.58 -25.03 3.27
C ASP A 128 5.28 -24.99 1.92
N ARG A 129 6.03 -26.07 1.62
CA ARG A 129 6.77 -26.27 0.36
C ARG A 129 5.83 -26.22 -0.86
N ILE A 130 4.57 -26.66 -0.68
CA ILE A 130 3.49 -26.68 -1.69
C ILE A 130 2.21 -26.12 -1.07
N GLY A 131 1.13 -26.07 -1.85
CA GLY A 131 -0.19 -25.60 -1.41
C GLY A 131 -0.65 -24.26 -1.95
N ARG A 132 -1.97 -24.15 -2.17
CA ARG A 132 -2.63 -22.93 -2.67
C ARG A 132 -3.11 -22.05 -1.50
N PRO A 133 -2.58 -20.81 -1.33
CA PRO A 133 -3.03 -19.95 -0.22
C PRO A 133 -4.51 -19.67 -0.35
N SER A 134 -5.26 -19.99 0.71
CA SER A 134 -6.71 -19.88 0.78
C SER A 134 -7.28 -18.51 0.39
N GLU A 135 -8.51 -18.52 -0.15
CA GLU A 135 -9.26 -17.35 -0.60
C GLU A 135 -9.76 -16.46 0.54
N THR A 136 -10.18 -17.08 1.66
CA THR A 136 -10.66 -16.37 2.84
C THR A 136 -9.50 -15.87 3.76
N GLY A 137 -8.26 -15.85 3.23
CA GLY A 137 -7.06 -15.38 3.90
C GLY A 137 -6.46 -16.28 4.96
N ILE A 138 -5.49 -15.75 5.73
CA ILE A 138 -4.81 -16.45 6.82
C ILE A 138 -5.70 -16.39 8.06
N ILE A 139 -6.02 -17.57 8.67
CA ILE A 139 -6.83 -17.67 9.89
C ILE A 139 -5.97 -18.25 11.02
N GLY A 140 -5.79 -17.48 12.09
CA GLY A 140 -4.99 -17.88 13.23
C GLY A 140 -5.76 -17.97 14.53
N ILE A 141 -6.25 -19.19 14.84
CA ILE A 141 -7.01 -19.50 16.06
C ILE A 141 -6.16 -20.23 17.11
N ILE A 142 -6.60 -20.15 18.39
CA ILE A 142 -5.93 -20.75 19.55
C ILE A 142 -6.96 -21.44 20.45
N ASP A 143 -6.64 -22.67 20.91
CA ASP A 143 -7.45 -23.45 21.84
C ASP A 143 -7.59 -22.65 23.17
N PRO A 144 -8.77 -22.67 23.87
CA PRO A 144 -8.91 -21.88 25.10
C PRO A 144 -7.97 -22.30 26.23
N GLU A 145 -7.60 -23.61 26.30
CA GLU A 145 -6.68 -24.18 27.30
C GLU A 145 -5.19 -23.99 26.95
N CYS A 146 -4.89 -23.25 25.84
CA CYS A 146 -3.56 -22.92 25.31
C CYS A 146 -2.78 -24.15 24.83
N ARG A 147 -3.50 -25.24 24.51
CA ARG A 147 -2.93 -26.51 24.07
C ARG A 147 -2.31 -26.50 22.65
N MET A 148 -2.70 -25.52 21.78
CA MET A 148 -2.20 -25.42 20.40
C MET A 148 -2.51 -24.09 19.70
N ILE A 149 -2.01 -23.96 18.46
CA ILE A 149 -2.21 -22.86 17.52
C ILE A 149 -2.76 -23.52 16.26
N GLY A 150 -3.91 -23.05 15.79
CA GLY A 150 -4.55 -23.53 14.58
C GLY A 150 -4.37 -22.53 13.46
N LEU A 151 -3.82 -22.97 12.31
CA LEU A 151 -3.59 -22.06 11.18
C LEU A 151 -4.24 -22.52 9.91
N ARG A 152 -5.05 -21.65 9.28
CA ARG A 152 -5.63 -21.96 8.00
C ARG A 152 -5.03 -21.02 6.97
N LEU A 153 -3.91 -21.47 6.39
CA LEU A 153 -3.14 -20.71 5.41
C LEU A 153 -3.38 -21.24 4.01
N TYR A 154 -3.62 -22.57 3.92
CA TYR A 154 -3.84 -23.29 2.66
C TYR A 154 -5.12 -24.13 2.71
N ASP A 155 -5.87 -24.15 1.59
CA ASP A 155 -7.12 -24.92 1.49
C ASP A 155 -6.84 -26.42 1.37
N GLY A 156 -7.49 -27.18 2.24
CA GLY A 156 -7.35 -28.64 2.30
C GLY A 156 -6.40 -29.12 3.38
N LEU A 157 -5.90 -28.18 4.21
CA LEU A 157 -4.98 -28.47 5.30
C LEU A 157 -5.26 -27.63 6.51
N PHE A 158 -5.00 -28.20 7.69
CA PHE A 158 -5.14 -27.51 8.97
C PHE A 158 -3.84 -27.68 9.79
N LYS A 159 -2.95 -26.67 9.72
CA LYS A 159 -1.67 -26.67 10.43
C LYS A 159 -1.86 -26.51 11.95
N VAL A 160 -1.07 -27.28 12.75
CA VAL A 160 -1.14 -27.26 14.22
C VAL A 160 0.24 -27.04 14.88
N ILE A 161 0.34 -25.97 15.68
CA ILE A 161 1.55 -25.62 16.43
C ILE A 161 1.23 -25.78 17.92
N PRO A 162 1.60 -26.92 18.54
CA PRO A 162 1.27 -27.14 19.96
C PRO A 162 2.03 -26.24 20.95
N LEU A 163 1.37 -25.16 21.42
CA LEU A 163 1.94 -24.20 22.38
C LEU A 163 1.94 -24.79 23.79
N LYS A 168 9.38 -24.20 20.93
CA LYS A 168 10.62 -23.44 20.98
C LYS A 168 11.08 -23.00 19.57
N GLU A 169 11.00 -23.91 18.60
CA GLU A 169 11.33 -23.66 17.21
C GLU A 169 10.00 -23.64 16.45
N LEU A 170 8.89 -23.56 17.21
CA LEU A 170 7.50 -23.60 16.77
C LEU A 170 7.28 -24.76 15.77
N LYS A 171 7.43 -25.99 16.29
CA LYS A 171 7.28 -27.24 15.54
C LYS A 171 5.85 -27.35 15.01
N ALA A 172 5.68 -27.58 13.70
CA ALA A 172 4.36 -27.64 13.08
C ALA A 172 4.03 -28.94 12.33
N PHE A 173 2.71 -29.25 12.15
CA PHE A 173 2.19 -30.43 11.44
C PHE A 173 0.80 -30.19 10.80
N ASN A 174 0.56 -30.85 9.67
CA ASN A 174 -0.69 -30.75 8.93
C ASN A 174 -1.67 -31.89 9.16
N ILE A 175 -2.97 -31.63 8.85
CA ILE A 175 -4.09 -32.57 8.94
C ILE A 175 -4.93 -32.38 7.67
N ARG A 176 -5.18 -33.48 6.93
CA ARG A 176 -5.95 -33.46 5.69
C ARG A 176 -7.41 -33.11 5.99
N LEU A 177 -7.74 -31.81 5.85
CA LEU A 177 -9.07 -31.24 6.05
C LEU A 177 -9.88 -31.37 4.75
N GLU A 178 -10.77 -32.40 4.71
CA GLU A 178 -11.64 -32.82 3.60
C GLU A 178 -12.39 -31.68 2.89
N GLU A 179 -13.05 -30.79 3.67
CA GLU A 179 -13.82 -29.67 3.16
C GLU A 179 -12.86 -28.54 2.80
N LEU A 180 -12.70 -28.33 1.48
CA LEU A 180 -11.73 -27.39 0.91
C LEU A 180 -12.05 -25.93 1.17
N HIS A 181 -13.31 -25.53 1.03
CA HIS A 181 -13.71 -24.15 1.16
C HIS A 181 -14.28 -23.78 2.52
N VAL A 182 -13.38 -23.40 3.44
CA VAL A 182 -13.69 -22.98 4.81
C VAL A 182 -13.85 -21.44 4.80
N ILE A 183 -15.00 -20.94 5.28
CA ILE A 183 -15.30 -19.51 5.36
C ILE A 183 -14.63 -18.91 6.62
N ASP A 184 -15.08 -19.30 7.83
CA ASP A 184 -14.50 -18.91 9.12
C ASP A 184 -14.38 -20.15 10.00
N VAL A 185 -13.51 -20.09 11.04
CA VAL A 185 -13.27 -21.17 12.00
C VAL A 185 -12.81 -20.60 13.36
N LYS A 186 -13.23 -21.25 14.47
CA LYS A 186 -12.87 -20.89 15.84
C LYS A 186 -12.70 -22.16 16.67
N PHE A 187 -11.92 -22.10 17.75
CA PHE A 187 -11.76 -23.21 18.67
C PHE A 187 -12.91 -23.18 19.65
N LEU A 188 -13.70 -24.27 19.74
CA LEU A 188 -14.85 -24.37 20.64
C LEU A 188 -14.43 -24.42 22.12
N TYR A 189 -15.15 -23.66 22.95
CA TYR A 189 -14.95 -23.57 24.38
C TYR A 189 -15.58 -24.79 25.08
N GLY A 190 -15.10 -25.09 26.30
CA GLY A 190 -15.57 -26.17 27.14
C GLY A 190 -15.71 -27.52 26.46
N CYS A 191 -14.57 -28.09 26.05
CA CYS A 191 -14.51 -29.39 25.38
C CYS A 191 -13.41 -30.26 26.00
N GLN A 192 -13.73 -31.54 26.30
CA GLN A 192 -12.78 -32.51 26.87
C GLN A 192 -11.60 -32.72 25.89
N ALA A 193 -11.92 -32.87 24.60
CA ALA A 193 -10.97 -33.02 23.49
C ALA A 193 -11.10 -31.76 22.60
N PRO A 194 -10.00 -30.94 22.41
CA PRO A 194 -10.11 -29.71 21.59
C PRO A 194 -10.88 -29.88 20.28
N THR A 195 -11.80 -28.94 20.02
CA THR A 195 -12.66 -28.96 18.84
C THR A 195 -12.68 -27.61 18.11
N ILE A 196 -12.78 -27.68 16.76
CA ILE A 196 -12.89 -26.54 15.87
C ILE A 196 -14.20 -26.59 15.12
N CYS A 197 -14.91 -25.46 15.09
CA CYS A 197 -16.18 -25.35 14.39
C CYS A 197 -15.98 -24.39 13.22
N PHE A 198 -16.32 -24.85 12.01
CA PHE A 198 -16.10 -24.06 10.79
C PHE A 198 -17.27 -24.01 9.81
N VAL A 199 -17.51 -22.82 9.24
CA VAL A 199 -18.52 -22.65 8.20
C VAL A 199 -17.80 -23.04 6.91
N TYR A 200 -18.42 -23.87 6.07
CA TYR A 200 -17.81 -24.30 4.83
C TYR A 200 -18.80 -24.34 3.68
N GLN A 201 -18.33 -24.14 2.45
CA GLN A 201 -19.19 -24.19 1.26
C GLN A 201 -18.76 -25.30 0.30
N ASP A 202 -19.76 -25.96 -0.30
CA ASP A 202 -19.65 -27.04 -1.29
C ASP A 202 -20.73 -26.83 -2.39
N PRO A 203 -20.74 -27.57 -3.52
CA PRO A 203 -21.78 -27.32 -4.54
C PRO A 203 -23.22 -27.46 -4.05
N GLN A 204 -23.46 -28.31 -3.02
CA GLN A 204 -24.79 -28.53 -2.42
C GLN A 204 -25.29 -27.27 -1.69
N GLY A 205 -24.41 -26.66 -0.89
CA GLY A 205 -24.68 -25.43 -0.14
C GLY A 205 -23.58 -25.03 0.81
N ARG A 206 -23.93 -24.22 1.81
CA ARG A 206 -23.01 -23.75 2.85
C ARG A 206 -23.49 -24.31 4.19
N HIS A 207 -22.63 -25.13 4.85
CA HIS A 207 -22.97 -25.83 6.10
C HIS A 207 -21.94 -25.60 7.17
N VAL A 208 -22.37 -25.67 8.44
CA VAL A 208 -21.45 -25.56 9.56
C VAL A 208 -21.07 -27.00 10.01
N LYS A 209 -19.79 -27.25 10.32
CA LYS A 209 -19.28 -28.57 10.71
C LYS A 209 -18.34 -28.52 11.94
N THR A 210 -18.09 -29.69 12.56
CA THR A 210 -17.19 -29.86 13.70
C THR A 210 -16.22 -31.02 13.50
N TYR A 211 -14.99 -30.86 14.01
CA TYR A 211 -13.92 -31.85 13.95
C TYR A 211 -13.11 -31.76 15.24
N GLU A 212 -12.64 -32.91 15.76
CA GLU A 212 -11.81 -32.95 16.96
C GLU A 212 -10.35 -33.16 16.56
N VAL A 213 -9.47 -32.24 16.98
CA VAL A 213 -8.04 -32.29 16.65
C VAL A 213 -7.24 -33.02 17.71
N SER A 214 -6.64 -34.18 17.33
CA SER A 214 -5.83 -35.01 18.22
C SER A 214 -4.34 -34.72 18.06
N LEU A 215 -3.66 -34.43 19.17
CA LEU A 215 -2.21 -34.19 19.15
C LEU A 215 -1.49 -35.53 19.21
N ARG A 216 -1.88 -36.38 20.17
CA ARG A 216 -1.34 -37.72 20.42
C ARG A 216 -1.50 -38.71 19.23
N GLU A 217 -2.36 -38.38 18.26
CA GLU A 217 -2.57 -39.20 17.07
C GLU A 217 -2.25 -38.41 15.79
N LYS A 218 -2.02 -37.07 15.92
CA LYS A 218 -1.70 -36.10 14.86
C LYS A 218 -2.72 -36.10 13.69
N GLU A 219 -4.03 -36.34 14.01
CA GLU A 219 -5.13 -36.43 13.05
C GLU A 219 -6.45 -35.81 13.57
N PHE A 220 -7.48 -35.79 12.69
CA PHE A 220 -8.83 -35.33 12.95
C PHE A 220 -9.78 -36.53 13.13
N ASN A 221 -10.74 -36.41 14.06
CA ASN A 221 -11.76 -37.43 14.28
C ASN A 221 -13.11 -36.74 14.49
N LYS A 222 -14.19 -37.34 13.94
CA LYS A 222 -15.59 -36.87 13.96
C LYS A 222 -15.95 -35.94 15.13
N GLY A 223 -16.51 -34.78 14.79
CA GLY A 223 -16.89 -33.76 15.76
C GLY A 223 -18.06 -34.11 16.65
N PRO A 224 -18.17 -33.42 17.82
CA PRO A 224 -19.27 -33.70 18.76
C PRO A 224 -20.68 -33.55 18.20
N TRP A 225 -20.90 -32.75 17.13
CA TRP A 225 -22.25 -32.62 16.58
C TRP A 225 -22.32 -32.56 15.05
N LYS A 226 -23.53 -32.87 14.54
CA LYS A 226 -23.91 -32.94 13.14
C LYS A 226 -23.65 -31.67 12.34
N GLN A 227 -23.41 -31.86 11.04
CA GLN A 227 -23.16 -30.82 10.03
C GLN A 227 -24.50 -30.09 9.72
N GLU A 228 -24.90 -29.18 10.63
CA GLU A 228 -26.16 -28.42 10.52
C GLU A 228 -26.06 -27.39 9.38
N ASN A 229 -27.08 -27.34 8.50
CA ASN A 229 -27.10 -26.40 7.38
C ASN A 229 -27.36 -24.96 7.84
N VAL A 230 -26.48 -24.03 7.41
CA VAL A 230 -26.50 -22.60 7.72
C VAL A 230 -26.91 -21.72 6.51
N GLU A 231 -27.04 -20.39 6.74
CA GLU A 231 -27.39 -19.37 5.72
C GLU A 231 -26.45 -19.45 4.52
N ALA A 232 -26.98 -19.23 3.29
CA ALA A 232 -26.22 -19.24 2.03
C ALA A 232 -25.04 -18.27 2.06
N GLU A 233 -25.17 -17.19 2.86
CA GLU A 233 -24.17 -16.15 3.05
C GLU A 233 -23.68 -16.08 4.52
N ALA A 234 -23.49 -17.25 5.17
CA ALA A 234 -22.97 -17.30 6.53
C ALA A 234 -21.48 -16.97 6.44
N SER A 235 -21.06 -15.91 7.16
CA SER A 235 -19.70 -15.36 7.13
C SER A 235 -18.83 -15.60 8.37
N MET A 236 -19.36 -15.46 9.60
CA MET A 236 -18.46 -15.63 10.75
C MET A 236 -18.99 -16.56 11.86
N VAL A 237 -18.04 -17.30 12.47
CA VAL A 237 -18.23 -18.22 13.59
C VAL A 237 -17.80 -17.47 14.85
N ILE A 238 -18.67 -17.42 15.87
CA ILE A 238 -18.33 -16.79 17.14
C ILE A 238 -18.39 -17.85 18.23
N ALA A 239 -17.21 -18.29 18.69
CA ALA A 239 -17.07 -19.26 19.76
C ALA A 239 -17.50 -18.60 21.07
N VAL A 240 -18.57 -19.12 21.69
CA VAL A 240 -19.13 -18.55 22.90
C VAL A 240 -18.68 -19.38 24.13
N PRO A 241 -18.15 -18.72 25.19
CA PRO A 241 -17.67 -19.47 26.37
C PRO A 241 -18.76 -20.12 27.23
N GLU A 242 -18.34 -20.82 28.33
CA GLU A 242 -19.21 -21.47 29.31
C GLU A 242 -19.98 -20.37 30.09
N PRO A 243 -21.21 -20.60 30.59
CA PRO A 243 -22.02 -21.84 30.62
C PRO A 243 -22.79 -22.17 29.34
N PHE A 244 -22.70 -21.29 28.34
CA PHE A 244 -23.39 -21.39 27.06
C PHE A 244 -22.83 -22.51 26.16
N GLY A 245 -21.59 -22.34 25.70
CA GLY A 245 -20.91 -23.27 24.80
C GLY A 245 -21.45 -23.15 23.38
N GLY A 246 -20.90 -23.95 22.47
CA GLY A 246 -21.33 -23.93 21.07
C GLY A 246 -20.84 -22.73 20.28
N ALA A 247 -21.54 -22.40 19.17
CA ALA A 247 -21.18 -21.29 18.27
C ALA A 247 -22.35 -20.47 17.72
N ILE A 248 -22.11 -19.16 17.46
CA ILE A 248 -23.07 -18.21 16.90
C ILE A 248 -22.61 -17.89 15.49
N ILE A 249 -23.30 -18.44 14.49
CA ILE A 249 -23.00 -18.22 13.07
C ILE A 249 -23.68 -16.92 12.60
N ILE A 250 -22.93 -16.01 11.95
CA ILE A 250 -23.48 -14.73 11.48
C ILE A 250 -23.51 -14.70 9.96
N GLY A 251 -24.65 -14.27 9.42
CA GLY A 251 -24.88 -14.15 8.00
C GLY A 251 -25.34 -12.77 7.60
N GLN A 252 -25.85 -12.64 6.38
CA GLN A 252 -26.34 -11.36 5.87
C GLN A 252 -27.65 -10.96 6.53
N GLU A 253 -28.64 -11.86 6.53
CA GLU A 253 -29.97 -11.61 7.07
C GLU A 253 -30.20 -12.26 8.44
N SER A 254 -29.43 -13.32 8.78
CA SER A 254 -29.62 -14.09 10.00
C SER A 254 -28.41 -14.32 10.89
N ILE A 255 -28.71 -14.51 12.18
CA ILE A 255 -27.78 -14.83 13.27
C ILE A 255 -28.34 -16.13 13.86
N THR A 256 -27.62 -17.25 13.71
CA THR A 256 -28.07 -18.55 14.23
C THR A 256 -27.11 -19.11 15.28
N TYR A 257 -27.63 -19.91 16.23
CA TYR A 257 -26.84 -20.53 17.29
C TYR A 257 -26.94 -22.06 17.19
N HIS A 258 -25.79 -22.76 17.36
CA HIS A 258 -25.73 -24.22 17.28
C HIS A 258 -24.97 -24.82 18.46
N ASN A 259 -25.54 -25.88 19.08
CA ASN A 259 -24.96 -26.64 20.18
C ASN A 259 -25.54 -28.07 20.14
N GLY A 260 -25.31 -28.75 19.01
CA GLY A 260 -25.79 -30.10 18.76
C GLY A 260 -27.29 -30.18 18.56
N ASP A 261 -28.01 -30.50 19.65
CA ASP A 261 -29.48 -30.60 19.68
C ASP A 261 -30.13 -29.25 20.06
N LYS A 262 -29.28 -28.22 20.40
CA LYS A 262 -29.67 -26.85 20.76
C LYS A 262 -29.51 -25.89 19.56
N TYR A 263 -30.60 -25.20 19.20
CA TYR A 263 -30.72 -24.29 18.06
C TYR A 263 -31.56 -23.04 18.43
N LEU A 264 -31.24 -21.87 17.84
CA LEU A 264 -31.96 -20.61 18.04
C LEU A 264 -31.68 -19.66 16.85
N ALA A 265 -32.53 -19.73 15.79
CA ALA A 265 -32.41 -18.94 14.55
C ALA A 265 -33.17 -17.59 14.57
N ILE A 266 -32.46 -16.46 14.47
CA ILE A 266 -33.08 -15.13 14.42
C ILE A 266 -32.70 -14.37 13.12
N ALA A 267 -33.66 -13.59 12.56
CA ALA A 267 -33.46 -12.78 11.34
C ALA A 267 -33.92 -11.32 11.57
N PRO A 268 -33.08 -10.48 12.23
CA PRO A 268 -33.48 -9.09 12.47
C PRO A 268 -33.37 -8.23 11.20
N PRO A 269 -34.35 -7.35 10.91
CA PRO A 269 -34.27 -6.53 9.69
C PRO A 269 -33.19 -5.46 9.74
N ILE A 270 -32.88 -4.95 10.95
CA ILE A 270 -31.89 -3.89 11.25
C ILE A 270 -30.46 -4.19 10.72
N ILE A 271 -30.12 -5.48 10.49
CA ILE A 271 -28.81 -5.93 10.00
C ILE A 271 -28.81 -6.27 8.49
N LYS A 272 -29.92 -6.00 7.79
CA LYS A 272 -30.06 -6.28 6.35
C LYS A 272 -29.26 -5.36 5.44
N GLN A 273 -29.24 -4.02 5.74
CA GLN A 273 -28.55 -2.99 4.94
C GLN A 273 -27.08 -3.30 4.65
N SER A 274 -26.31 -3.67 5.68
CA SER A 274 -24.90 -3.99 5.53
C SER A 274 -24.53 -5.28 6.28
N THR A 275 -23.50 -5.97 5.77
CA THR A 275 -22.96 -7.21 6.30
C THR A 275 -22.16 -6.93 7.56
N ILE A 276 -22.25 -7.83 8.57
CA ILE A 276 -21.49 -7.68 9.82
C ILE A 276 -20.09 -8.19 9.53
N VAL A 277 -19.10 -7.29 9.65
CA VAL A 277 -17.70 -7.57 9.34
C VAL A 277 -16.84 -7.87 10.54
N CYS A 278 -17.18 -7.33 11.72
CA CYS A 278 -16.38 -7.56 12.92
C CYS A 278 -17.21 -7.66 14.18
N HIS A 279 -16.63 -8.30 15.21
CA HIS A 279 -17.28 -8.46 16.50
C HIS A 279 -16.26 -8.28 17.65
N ASN A 280 -16.73 -8.45 18.90
CA ASN A 280 -15.95 -8.39 20.13
C ASN A 280 -16.77 -8.89 21.30
N ARG A 281 -16.13 -9.45 22.33
CA ARG A 281 -16.82 -9.94 23.51
C ARG A 281 -16.84 -8.86 24.59
N VAL A 282 -18.04 -8.55 25.06
CA VAL A 282 -18.29 -7.51 26.07
C VAL A 282 -18.25 -8.13 27.49
N ASP A 283 -19.13 -9.12 27.77
CA ASP A 283 -19.20 -9.82 29.05
C ASP A 283 -18.33 -11.08 28.94
N PRO A 284 -17.36 -11.31 29.86
CA PRO A 284 -16.47 -12.50 29.74
C PRO A 284 -17.18 -13.85 29.69
N ASN A 285 -18.40 -13.95 30.25
CA ASN A 285 -19.20 -15.17 30.24
C ASN A 285 -19.81 -15.45 28.85
N GLY A 286 -20.05 -14.37 28.08
CA GLY A 286 -20.61 -14.43 26.74
C GLY A 286 -22.07 -14.04 26.60
N SER A 287 -22.52 -13.03 27.38
CA SER A 287 -23.92 -12.54 27.36
C SER A 287 -24.13 -11.36 26.42
N ARG A 288 -23.07 -10.57 26.18
CA ARG A 288 -23.10 -9.43 25.28
C ARG A 288 -21.90 -9.44 24.33
N TYR A 289 -22.15 -9.10 23.04
CA TYR A 289 -21.14 -9.03 21.99
C TYR A 289 -21.33 -7.78 21.18
N LEU A 290 -20.24 -7.09 20.83
CA LEU A 290 -20.34 -5.94 19.95
C LEU A 290 -20.28 -6.46 18.51
N LEU A 291 -21.11 -5.90 17.62
CA LEU A 291 -21.17 -6.27 16.21
C LEU A 291 -20.99 -4.99 15.40
N GLY A 292 -20.25 -5.09 14.32
CA GLY A 292 -19.97 -3.95 13.47
C GLY A 292 -20.12 -4.26 12.00
N ASP A 293 -20.81 -3.39 11.27
CA ASP A 293 -21.04 -3.57 9.84
C ASP A 293 -20.11 -2.69 9.01
N MET A 294 -20.26 -2.76 7.67
CA MET A 294 -19.46 -2.01 6.71
C MET A 294 -19.84 -0.54 6.63
N GLU A 295 -20.95 -0.15 7.27
CA GLU A 295 -21.38 1.25 7.22
C GLU A 295 -21.13 2.00 8.54
N GLY A 296 -20.40 1.37 9.46
CA GLY A 296 -20.07 1.98 10.75
C GLY A 296 -21.18 1.97 11.77
N ARG A 297 -22.17 1.08 11.61
CA ARG A 297 -23.25 0.93 12.58
C ARG A 297 -22.77 -0.04 13.68
N LEU A 298 -23.05 0.28 14.96
CA LEU A 298 -22.64 -0.56 16.07
C LEU A 298 -23.84 -1.28 16.69
N PHE A 299 -23.73 -2.60 16.85
CA PHE A 299 -24.80 -3.43 17.38
C PHE A 299 -24.40 -4.21 18.61
N MET A 300 -25.39 -4.54 19.44
CA MET A 300 -25.17 -5.32 20.64
C MET A 300 -25.92 -6.65 20.52
N LEU A 301 -25.20 -7.77 20.49
CA LEU A 301 -25.85 -9.07 20.43
C LEU A 301 -25.97 -9.58 21.87
N LEU A 302 -27.20 -9.51 22.41
CA LEU A 302 -27.52 -9.91 23.79
C LEU A 302 -28.06 -11.35 23.86
N LEU A 303 -27.63 -12.10 24.91
CA LEU A 303 -27.99 -13.49 25.18
C LEU A 303 -28.71 -13.65 26.54
N LEU A 318 -31.56 -14.81 21.67
CA LEU A 318 -30.73 -13.84 20.95
C LEU A 318 -31.50 -12.59 20.58
N ARG A 319 -30.92 -11.42 20.86
CA ARG A 319 -31.52 -10.12 20.55
C ARG A 319 -30.43 -9.17 20.09
N VAL A 320 -30.73 -8.33 19.07
CA VAL A 320 -29.78 -7.34 18.55
C VAL A 320 -30.39 -5.96 18.71
N GLU A 321 -29.58 -5.00 19.15
CA GLU A 321 -29.97 -3.61 19.37
C GLU A 321 -28.92 -2.70 18.77
N LEU A 322 -29.33 -1.71 17.97
CA LEU A 322 -28.40 -0.74 17.37
C LEU A 322 -28.01 0.28 18.43
N LEU A 323 -26.70 0.40 18.67
CA LEU A 323 -26.13 1.31 19.66
C LEU A 323 -25.90 2.71 19.08
N GLY A 324 -25.22 2.78 17.93
CA GLY A 324 -24.96 4.06 17.26
C GLY A 324 -24.03 3.95 16.08
N GLU A 325 -23.45 5.09 15.67
CA GLU A 325 -22.52 5.14 14.54
C GLU A 325 -21.08 5.45 14.96
N THR A 326 -20.14 4.73 14.36
CA THR A 326 -18.69 4.88 14.58
C THR A 326 -18.02 5.01 13.23
N SER A 327 -16.68 4.98 13.21
CA SER A 327 -15.90 4.92 11.98
C SER A 327 -16.08 3.48 11.46
N ILE A 328 -15.88 3.23 10.15
CA ILE A 328 -16.02 1.89 9.60
C ILE A 328 -14.92 1.03 10.26
N ALA A 329 -15.35 0.24 11.25
CA ALA A 329 -14.48 -0.60 12.04
C ALA A 329 -13.96 -1.79 11.30
N GLU A 330 -12.66 -1.98 11.37
CA GLU A 330 -11.94 -3.11 10.82
C GLU A 330 -11.96 -4.15 11.95
N CYS A 331 -11.70 -3.68 13.18
CA CYS A 331 -11.67 -4.43 14.42
C CYS A 331 -12.29 -3.59 15.52
N LEU A 332 -12.92 -4.28 16.49
CA LEU A 332 -13.52 -3.66 17.64
C LEU A 332 -12.92 -4.26 18.89
N THR A 333 -12.83 -3.46 19.97
CA THR A 333 -12.33 -3.90 21.27
C THR A 333 -13.01 -3.25 22.44
N TYR A 334 -13.61 -4.09 23.28
CA TYR A 334 -14.21 -3.64 24.51
C TYR A 334 -13.13 -3.67 25.58
N LEU A 335 -12.98 -2.54 26.27
CA LEU A 335 -12.00 -2.32 27.32
C LEU A 335 -12.60 -1.50 28.46
N ASP A 336 -12.20 -1.80 29.71
CA ASP A 336 -12.70 -1.12 30.92
C ASP A 336 -14.24 -1.12 31.01
N ASN A 337 -14.85 0.01 31.42
CA ASN A 337 -16.29 0.16 31.55
C ASN A 337 -16.86 1.21 30.59
N GLY A 338 -17.64 0.73 29.63
CA GLY A 338 -18.31 1.56 28.63
C GLY A 338 -17.48 2.02 27.45
N VAL A 339 -16.14 2.14 27.62
CA VAL A 339 -15.23 2.60 26.56
C VAL A 339 -14.97 1.47 25.55
N VAL A 340 -14.98 1.83 24.25
CA VAL A 340 -14.76 0.90 23.14
C VAL A 340 -13.70 1.47 22.18
N PHE A 341 -12.81 0.60 21.70
CA PHE A 341 -11.84 1.02 20.71
C PHE A 341 -12.30 0.58 19.33
N VAL A 342 -12.44 1.55 18.43
CA VAL A 342 -12.85 1.34 17.05
C VAL A 342 -11.59 1.44 16.20
N GLY A 343 -11.11 0.27 15.76
CA GLY A 343 -9.93 0.18 14.92
C GLY A 343 -10.36 0.28 13.48
N SER A 344 -10.17 1.46 12.88
CA SER A 344 -10.58 1.73 11.50
C SER A 344 -9.40 1.81 10.54
N ARG A 345 -9.57 1.16 9.36
CA ARG A 345 -8.61 1.12 8.26
C ARG A 345 -9.05 2.06 7.13
N LEU A 346 -10.36 2.40 7.08
CA LEU A 346 -10.93 3.32 6.08
C LEU A 346 -10.98 4.78 6.55
N GLY A 347 -10.90 4.99 7.85
CA GLY A 347 -10.95 6.32 8.45
C GLY A 347 -10.25 6.39 9.79
N ASP A 348 -10.28 7.60 10.41
CA ASP A 348 -9.70 7.90 11.71
C ASP A 348 -10.23 6.91 12.77
N SER A 349 -9.32 6.29 13.53
CA SER A 349 -9.67 5.32 14.58
C SER A 349 -10.30 6.04 15.77
N GLN A 350 -11.00 5.29 16.63
CA GLN A 350 -11.73 5.93 17.71
C GLN A 350 -11.71 5.28 19.07
N LEU A 351 -12.08 6.11 20.06
CA LEU A 351 -12.40 5.83 21.45
C LEU A 351 -13.85 6.33 21.61
N VAL A 352 -14.80 5.43 21.91
CA VAL A 352 -16.22 5.81 22.04
C VAL A 352 -16.82 5.26 23.31
N LYS A 353 -17.86 5.94 23.85
CA LYS A 353 -18.54 5.55 25.09
C LYS A 353 -19.94 4.99 24.84
N LEU A 354 -20.18 3.76 25.34
CA LEU A 354 -21.45 3.05 25.26
C LEU A 354 -22.32 3.36 26.48
N ASN A 355 -23.10 4.46 26.40
CA ASN A 355 -24.00 4.93 27.46
C ASN A 355 -25.22 4.01 27.60
N VAL A 356 -25.72 3.87 28.86
CA VAL A 356 -26.90 3.07 29.20
C VAL A 356 -28.18 3.78 28.75
N ASP A 357 -28.12 5.13 28.66
CA ASP A 357 -29.23 5.99 28.25
C ASP A 357 -28.92 6.72 26.94
N SER A 358 -29.84 6.64 25.97
CA SER A 358 -29.74 7.28 24.65
C SER A 358 -29.88 8.79 24.77
N ASN A 359 -29.11 9.54 23.94
CA ASN A 359 -29.17 11.00 23.89
C ASN A 359 -30.44 11.48 23.14
N GLU A 360 -30.54 12.81 22.85
CA GLU A 360 -31.68 13.42 22.16
C GLU A 360 -31.90 12.82 20.77
N GLN A 361 -30.79 12.54 20.06
CA GLN A 361 -30.77 11.90 18.73
C GLN A 361 -31.13 10.41 18.82
N GLY A 362 -30.90 9.80 19.98
CA GLY A 362 -31.18 8.39 20.24
C GLY A 362 -29.97 7.47 20.25
N SER A 363 -28.76 8.04 20.06
CA SER A 363 -27.50 7.31 20.02
C SER A 363 -26.95 7.00 21.41
N TYR A 364 -26.69 5.71 21.67
CA TYR A 364 -26.11 5.20 22.90
C TYR A 364 -24.56 5.29 22.80
N VAL A 365 -24.04 5.81 21.66
CA VAL A 365 -22.61 5.96 21.34
C VAL A 365 -22.21 7.45 21.29
N VAL A 366 -21.15 7.82 22.04
CA VAL A 366 -20.60 9.18 22.05
C VAL A 366 -19.08 9.11 21.85
N ALA A 367 -18.57 9.89 20.88
CA ALA A 367 -17.15 9.92 20.54
C ALA A 367 -16.32 10.76 21.49
N MET A 368 -15.25 10.16 22.01
CA MET A 368 -14.32 10.77 22.94
C MET A 368 -13.10 11.29 22.17
N GLU A 369 -12.27 10.36 21.66
CA GLU A 369 -11.05 10.67 20.95
C GLU A 369 -10.97 10.09 19.54
N THR A 370 -10.42 10.90 18.63
CA THR A 370 -10.19 10.64 17.22
C THR A 370 -8.68 10.54 16.98
N PHE A 371 -8.27 9.49 16.26
CA PHE A 371 -6.87 9.22 15.92
C PHE A 371 -6.65 9.31 14.41
N THR A 372 -5.85 10.31 13.93
CA THR A 372 -5.56 10.53 12.51
C THR A 372 -5.01 9.29 11.79
N ASN A 373 -5.71 8.93 10.70
CA ASN A 373 -5.42 7.83 9.77
C ASN A 373 -5.46 8.43 8.36
N LEU A 374 -4.34 8.38 7.64
CA LEU A 374 -4.26 8.88 6.27
C LEU A 374 -4.73 7.85 5.24
N GLY A 375 -4.73 6.58 5.64
CA GLY A 375 -5.08 5.45 4.78
C GLY A 375 -6.55 5.24 4.45
N PRO A 376 -6.85 4.88 3.18
CA PRO A 376 -5.90 4.72 2.07
C PRO A 376 -5.57 6.00 1.31
N ILE A 377 -4.30 6.13 0.88
CA ILE A 377 -3.91 7.27 0.04
C ILE A 377 -4.12 6.75 -1.39
N VAL A 378 -5.20 7.21 -2.05
CA VAL A 378 -5.59 6.77 -3.39
C VAL A 378 -5.04 7.66 -4.50
N ASP A 379 -4.59 8.86 -4.12
CA ASP A 379 -3.96 9.88 -4.98
C ASP A 379 -3.45 11.01 -4.13
N MET A 380 -2.43 11.74 -4.61
CA MET A 380 -1.80 12.85 -3.90
C MET A 380 -1.04 13.77 -4.83
N CYS A 381 -0.65 14.96 -4.31
CA CYS A 381 0.19 15.94 -4.98
C CYS A 381 0.94 16.82 -3.98
N VAL A 382 2.12 17.31 -4.40
CA VAL A 382 3.00 18.19 -3.64
C VAL A 382 2.76 19.60 -4.16
N VAL A 383 2.31 20.50 -3.28
CA VAL A 383 2.03 21.91 -3.63
C VAL A 383 2.70 22.86 -2.62
N ASP A 384 3.39 23.90 -3.14
CA ASP A 384 4.06 24.94 -2.36
C ASP A 384 3.06 25.94 -1.79
N LEU A 385 2.12 25.46 -0.95
CA LEU A 385 1.15 26.31 -0.26
C LEU A 385 1.96 27.04 0.82
N GLU A 386 1.51 28.23 1.26
CA GLU A 386 2.19 29.08 2.27
C GLU A 386 3.51 29.63 1.68
N ARG A 387 4.66 28.97 1.96
CA ARG A 387 5.98 29.37 1.48
C ARG A 387 6.49 28.55 0.29
N GLN A 388 7.17 29.23 -0.68
CA GLN A 388 7.81 28.63 -1.84
C GLN A 388 9.07 27.92 -1.33
N GLY A 389 9.33 26.72 -1.85
CA GLY A 389 10.44 25.88 -1.42
C GLY A 389 10.01 24.88 -0.37
N GLN A 390 9.01 25.28 0.46
CA GLN A 390 8.39 24.48 1.51
C GLN A 390 7.23 23.72 0.84
N GLY A 391 7.49 22.45 0.52
CA GLY A 391 6.50 21.59 -0.12
C GLY A 391 5.53 20.99 0.87
N GLN A 392 4.26 20.91 0.46
CA GLN A 392 3.18 20.32 1.24
C GLN A 392 2.57 19.18 0.45
N LEU A 393 2.00 18.18 1.13
CA LEU A 393 1.44 17.01 0.46
C LEU A 393 -0.07 16.89 0.68
N VAL A 394 -0.87 17.13 -0.39
CA VAL A 394 -2.33 17.00 -0.28
C VAL A 394 -2.76 15.65 -0.85
N THR A 395 -3.36 14.81 0.01
CA THR A 395 -3.79 13.45 -0.34
C THR A 395 -5.30 13.29 -0.42
N CYS A 396 -5.74 12.29 -1.18
CA CYS A 396 -7.10 11.81 -1.31
C CYS A 396 -7.09 10.61 -0.37
N SER A 397 -7.53 10.82 0.87
CA SER A 397 -7.50 9.82 1.93
C SER A 397 -8.86 9.28 2.34
N GLY A 398 -8.86 8.03 2.81
CA GLY A 398 -10.07 7.38 3.27
C GLY A 398 -11.04 7.00 2.17
N ALA A 399 -12.20 6.42 2.55
CA ALA A 399 -13.23 6.01 1.59
C ALA A 399 -14.61 6.17 2.19
N PHE A 400 -15.64 6.30 1.35
CA PHE A 400 -17.04 6.43 1.74
C PHE A 400 -17.27 7.61 2.69
N LYS A 401 -18.00 7.43 3.82
CA LYS A 401 -18.30 8.52 4.77
C LYS A 401 -17.06 9.12 5.45
N GLU A 402 -15.96 8.36 5.42
CA GLU A 402 -14.66 8.66 6.02
C GLU A 402 -13.71 9.35 5.04
N GLY A 403 -14.21 9.66 3.85
CA GLY A 403 -13.45 10.32 2.80
C GLY A 403 -13.02 11.69 3.23
N SER A 404 -11.76 12.02 2.93
CA SER A 404 -11.15 13.28 3.37
C SER A 404 -10.02 13.74 2.49
N LEU A 405 -9.57 14.96 2.74
CA LEU A 405 -8.36 15.48 2.16
C LEU A 405 -7.40 15.58 3.32
N ARG A 406 -6.11 15.38 3.08
CA ARG A 406 -5.13 15.48 4.14
C ARG A 406 -4.00 16.32 3.66
N ILE A 407 -3.65 17.34 4.47
CA ILE A 407 -2.54 18.22 4.13
C ILE A 407 -1.43 17.92 5.12
N ILE A 408 -0.32 17.34 4.58
CA ILE A 408 0.84 16.95 5.36
C ILE A 408 1.99 17.89 5.03
N ARG A 409 2.41 18.61 6.08
CA ARG A 409 3.42 19.66 6.10
C ARG A 409 4.44 19.35 7.20
N ASN A 410 5.74 19.50 6.86
CA ASN A 410 6.84 19.29 7.79
C ASN A 410 6.94 20.47 8.74
N GLY A 411 6.94 20.18 10.04
CA GLY A 411 7.05 21.21 11.06
C GLY A 411 5.81 21.53 11.86
N ILE A 412 6.02 21.92 13.12
CA ILE A 412 5.00 22.32 14.10
C ILE A 412 4.49 23.72 13.77
N GLY A 413 3.23 23.97 14.09
CA GLY A 413 2.59 25.24 13.84
C GLY A 413 2.20 25.98 15.10
N ILE A 414 1.88 27.27 14.94
CA ILE A 414 1.46 28.16 16.03
C ILE A 414 0.09 28.73 15.74
N HIS A 415 -0.77 28.80 16.77
CA HIS A 415 -2.11 29.35 16.67
C HIS A 415 -2.21 30.67 17.41
N GLU A 416 -2.10 31.73 16.61
CA GLU A 416 -2.10 33.14 16.99
C GLU A 416 -3.43 33.57 17.59
N HIS A 417 -3.39 34.18 18.79
CA HIS A 417 -4.59 34.65 19.49
C HIS A 417 -4.57 36.16 19.71
N ALA A 418 -3.37 36.75 19.68
CA ALA A 418 -3.09 38.18 19.81
C ALA A 418 -1.87 38.51 18.95
N SER A 419 -1.83 39.72 18.41
CA SER A 419 -0.74 40.22 17.56
C SER A 419 -0.57 41.69 17.90
N ILE A 420 0.64 42.08 18.32
CA ILE A 420 0.89 43.45 18.75
C ILE A 420 2.12 44.06 18.04
N ASP A 421 1.99 45.32 17.59
CA ASP A 421 3.09 46.04 16.93
C ASP A 421 4.08 46.58 17.96
N LEU A 422 5.17 45.85 18.15
CA LEU A 422 6.25 46.21 19.06
C LEU A 422 7.57 45.79 18.40
N PRO A 423 8.12 46.63 17.51
CA PRO A 423 9.37 46.23 16.84
C PRO A 423 10.57 46.30 17.74
N GLY A 424 11.59 45.53 17.37
CA GLY A 424 12.89 45.49 18.04
C GLY A 424 12.89 44.99 19.46
N ILE A 425 12.21 43.86 19.71
CA ILE A 425 12.17 43.21 21.03
C ILE A 425 13.47 42.44 21.13
N LYS A 426 14.18 42.63 22.25
CA LYS A 426 15.47 42.00 22.57
C LYS A 426 15.34 41.01 23.73
N GLY A 427 14.13 40.81 24.24
CA GLY A 427 13.85 39.90 25.34
C GLY A 427 12.40 39.85 25.78
N LEU A 428 11.96 38.68 26.27
CA LEU A 428 10.59 38.42 26.74
C LEU A 428 10.59 37.63 28.07
N TRP A 429 9.88 38.13 29.10
CA TRP A 429 9.78 37.40 30.36
C TRP A 429 8.40 37.46 30.98
N PRO A 430 7.86 36.30 31.42
CA PRO A 430 6.55 36.31 32.09
C PRO A 430 6.67 36.50 33.60
N LEU A 431 5.69 37.20 34.18
CA LEU A 431 5.63 37.51 35.61
C LEU A 431 4.24 37.27 36.18
N ARG A 432 4.20 37.05 37.50
CA ARG A 432 2.97 36.94 38.29
C ARG A 432 3.07 38.11 39.27
N SER A 433 2.46 39.26 38.92
CA SER A 433 2.48 40.47 39.74
C SER A 433 1.64 40.30 41.01
N ASP A 434 0.84 39.20 41.08
CA ASP A 434 0.02 38.85 42.23
C ASP A 434 0.54 37.50 42.76
N PRO A 435 1.10 37.47 44.02
CA PRO A 435 1.63 36.21 44.55
C PRO A 435 0.55 35.17 44.86
N ASN A 436 -0.68 35.66 45.17
CA ASN A 436 -1.87 34.88 45.48
C ASN A 436 -2.38 34.11 44.24
N ARG A 437 -1.99 34.55 43.01
CA ARG A 437 -2.37 33.94 41.75
C ARG A 437 -1.32 33.00 41.20
N GLU A 438 -1.78 31.92 40.55
CA GLU A 438 -0.93 30.91 39.95
C GLU A 438 -0.60 31.25 38.49
N THR A 439 -1.40 32.16 37.86
CA THR A 439 -1.22 32.57 36.45
C THR A 439 -0.41 33.84 36.27
N ASP A 440 0.31 33.90 35.12
CA ASP A 440 1.10 35.02 34.63
C ASP A 440 0.13 36.13 34.24
N ASP A 441 0.27 37.33 34.81
CA ASP A 441 -0.59 38.46 34.49
C ASP A 441 0.20 39.63 33.92
N THR A 442 1.53 39.50 33.91
CA THR A 442 2.48 40.51 33.46
C THR A 442 3.48 39.94 32.44
N LEU A 443 3.71 40.67 31.32
CA LEU A 443 4.70 40.31 30.30
C LEU A 443 5.73 41.43 30.18
N VAL A 444 7.01 41.12 30.41
CA VAL A 444 8.07 42.11 30.38
C VAL A 444 8.95 41.97 29.15
N LEU A 445 9.01 43.08 28.40
CA LEU A 445 9.73 43.24 27.15
C LEU A 445 10.96 44.11 27.36
N SER A 446 12.02 43.77 26.61
CA SER A 446 13.32 44.43 26.61
C SER A 446 13.59 44.94 25.20
N PHE A 447 14.11 46.17 25.09
CA PHE A 447 14.45 46.78 23.82
C PHE A 447 15.84 47.39 23.96
N VAL A 448 16.42 47.95 22.88
CA VAL A 448 17.75 48.57 22.92
C VAL A 448 17.70 49.68 23.94
N GLY A 449 18.37 49.45 25.07
CA GLY A 449 18.47 50.39 26.18
C GLY A 449 17.19 50.73 26.93
N GLN A 450 16.08 50.02 26.65
CA GLN A 450 14.78 50.25 27.30
C GLN A 450 14.12 48.97 27.77
N THR A 451 13.12 49.12 28.65
CA THR A 451 12.28 48.06 29.16
C THR A 451 10.86 48.59 29.22
N ARG A 452 9.92 47.85 28.62
CA ARG A 452 8.48 48.15 28.65
C ARG A 452 7.78 47.01 29.39
N VAL A 453 6.67 47.30 30.09
CA VAL A 453 5.91 46.30 30.85
C VAL A 453 4.46 46.26 30.37
N LEU A 454 3.98 45.06 30.05
CA LEU A 454 2.59 44.86 29.62
C LEU A 454 1.82 44.08 30.66
N MET A 455 0.56 44.46 30.88
CA MET A 455 -0.34 43.77 31.79
C MET A 455 -1.42 43.03 31.00
N LEU A 456 -1.75 41.83 31.46
CA LEU A 456 -2.74 40.96 30.83
C LEU A 456 -4.01 40.88 31.69
N ASN A 457 -4.98 41.74 31.36
CA ASN A 457 -6.28 41.82 32.02
C ASN A 457 -7.20 40.94 31.20
N GLY A 458 -7.06 39.64 31.39
CA GLY A 458 -7.78 38.63 30.65
C GLY A 458 -7.20 38.54 29.25
N GLU A 459 -8.03 38.79 28.24
CA GLU A 459 -7.60 38.77 26.85
C GLU A 459 -7.01 40.12 26.42
N GLU A 460 -7.11 41.16 27.29
CA GLU A 460 -6.65 42.54 27.04
C GLU A 460 -5.20 42.77 27.44
N VAL A 461 -4.32 43.08 26.47
CA VAL A 461 -2.91 43.38 26.74
C VAL A 461 -2.78 44.90 26.82
N GLU A 462 -2.18 45.43 27.91
CA GLU A 462 -2.07 46.88 28.11
C GLU A 462 -0.71 47.33 28.63
N GLU A 463 -0.24 48.50 28.16
CA GLU A 463 1.03 49.11 28.55
C GLU A 463 0.92 49.65 30.00
N THR A 464 1.89 49.27 30.86
CA THR A 464 1.98 49.66 32.28
C THR A 464 3.45 49.79 32.74
N GLU A 465 3.65 50.22 33.99
CA GLU A 465 4.96 50.40 34.62
C GLU A 465 5.01 49.64 35.93
N LEU A 466 5.87 48.61 36.02
CA LEU A 466 6.00 47.83 37.24
C LEU A 466 6.89 48.59 38.20
N MET A 467 6.33 48.98 39.34
CA MET A 467 7.02 49.73 40.37
C MET A 467 8.23 48.95 40.91
N GLY A 468 9.41 49.60 40.91
CA GLY A 468 10.65 49.01 41.38
C GLY A 468 11.59 48.70 40.24
N PHE A 469 10.99 48.40 39.08
CA PHE A 469 11.68 48.09 37.83
C PHE A 469 12.02 49.40 37.12
N VAL A 470 13.16 49.43 36.41
CA VAL A 470 13.61 50.58 35.63
C VAL A 470 13.17 50.41 34.18
N ASP A 471 12.73 51.50 33.53
CA ASP A 471 12.30 51.43 32.14
C ASP A 471 13.37 51.95 31.18
N ASP A 472 14.36 52.72 31.70
CA ASP A 472 15.44 53.37 30.94
C ASP A 472 16.71 52.51 30.79
N GLN A 473 16.63 51.22 31.13
CA GLN A 473 17.76 50.30 30.98
C GLN A 473 17.31 48.98 30.36
N GLN A 474 18.14 48.41 29.49
CA GLN A 474 17.82 47.15 28.83
C GLN A 474 17.92 45.99 29.82
N THR A 475 16.84 45.17 29.90
CA THR A 475 16.74 44.00 30.78
C THR A 475 17.35 42.75 30.13
N PHE A 476 18.05 41.95 30.94
CA PHE A 476 18.69 40.70 30.53
C PHE A 476 17.91 39.54 31.13
N PHE A 477 17.22 39.80 32.25
CA PHE A 477 16.37 38.84 32.97
C PHE A 477 15.47 39.55 33.99
N CYS A 478 14.30 38.95 34.22
CA CYS A 478 13.32 39.29 35.23
C CYS A 478 12.29 38.18 35.35
N GLY A 479 11.86 37.93 36.58
CA GLY A 479 10.91 36.87 36.88
C GLY A 479 10.58 36.79 38.36
N ASN A 480 9.64 35.89 38.71
CA ASN A 480 9.22 35.67 40.10
C ASN A 480 10.32 34.89 40.82
N VAL A 481 10.77 35.39 41.96
CA VAL A 481 11.85 34.75 42.70
C VAL A 481 11.47 34.49 44.17
N ALA A 482 12.38 33.82 44.90
CA ALA A 482 12.26 33.43 46.30
C ALA A 482 11.73 34.50 47.22
N HIS A 483 10.93 34.07 48.22
CA HIS A 483 10.32 34.86 49.28
C HIS A 483 9.32 35.91 48.75
N GLN A 484 8.42 35.49 47.83
CA GLN A 484 7.39 36.33 47.19
C GLN A 484 7.98 37.68 46.68
N GLN A 485 9.07 37.57 45.89
CA GLN A 485 9.80 38.70 45.32
C GLN A 485 9.92 38.60 43.79
N LEU A 486 10.44 39.68 43.18
CA LEU A 486 10.69 39.81 41.74
C LEU A 486 12.10 40.36 41.58
N ILE A 487 12.74 39.99 40.46
CA ILE A 487 14.09 40.43 40.15
C ILE A 487 14.15 41.06 38.74
N GLN A 488 15.06 42.01 38.53
CA GLN A 488 15.28 42.63 37.22
C GLN A 488 16.78 42.85 37.10
N ILE A 489 17.41 42.14 36.16
CA ILE A 489 18.84 42.29 35.89
C ILE A 489 18.98 43.13 34.62
N THR A 490 19.53 44.33 34.79
CA THR A 490 19.75 45.29 33.71
C THR A 490 21.23 45.44 33.46
N SER A 491 21.58 46.19 32.40
CA SER A 491 22.95 46.48 32.03
C SER A 491 23.69 47.22 33.16
N ALA A 492 22.95 47.88 34.08
CA ALA A 492 23.50 48.64 35.19
C ALA A 492 23.55 47.92 36.53
N SER A 493 22.42 47.32 36.96
CA SER A 493 22.36 46.66 38.28
C SER A 493 21.52 45.39 38.32
N VAL A 494 21.37 44.81 39.54
CA VAL A 494 20.53 43.66 39.87
C VAL A 494 19.53 44.22 40.87
N ARG A 495 18.26 44.29 40.47
CA ARG A 495 17.22 44.88 41.30
C ARG A 495 16.28 43.84 41.89
N LEU A 496 16.09 43.88 43.23
CA LEU A 496 15.19 42.98 43.95
C LEU A 496 13.99 43.77 44.45
N VAL A 497 12.80 43.41 43.98
CA VAL A 497 11.54 44.09 44.26
C VAL A 497 10.59 43.16 45.03
N SER A 498 9.96 43.67 46.12
CA SER A 498 8.95 42.93 46.87
C SER A 498 7.60 43.02 46.14
N GLN A 499 6.70 42.04 46.35
CA GLN A 499 5.38 42.02 45.69
C GLN A 499 4.26 42.72 46.49
N GLU A 500 4.40 42.84 47.82
CA GLU A 500 3.39 43.52 48.65
C GLU A 500 4.06 44.50 49.64
N PRO A 501 4.23 45.79 49.27
CA PRO A 501 3.86 46.41 48.00
C PRO A 501 5.02 46.36 47.01
N LYS A 502 4.79 46.82 45.77
CA LYS A 502 5.86 46.86 44.77
C LYS A 502 6.77 48.04 45.12
N ALA A 503 8.03 47.73 45.52
CA ALA A 503 9.06 48.69 45.92
C ALA A 503 10.42 48.01 45.94
N LEU A 504 11.50 48.79 45.76
CA LEU A 504 12.84 48.20 45.75
C LEU A 504 13.31 47.84 47.16
N VAL A 505 13.59 46.54 47.38
CA VAL A 505 14.05 46.00 48.66
C VAL A 505 15.57 45.79 48.67
N SER A 506 16.17 45.56 47.51
CA SER A 506 17.61 45.36 47.41
C SER A 506 18.11 45.71 46.00
N GLU A 507 19.39 46.11 45.89
CA GLU A 507 20.04 46.45 44.63
C GLU A 507 21.52 46.12 44.69
N TRP A 508 22.01 45.43 43.67
CA TRP A 508 23.41 45.04 43.58
C TRP A 508 24.09 45.66 42.37
N LYS A 509 25.31 46.16 42.56
CA LYS A 509 26.13 46.74 41.51
C LYS A 509 27.58 46.25 41.63
N GLU A 510 28.29 46.23 40.48
CA GLU A 510 29.71 45.90 40.40
C GLU A 510 30.46 47.03 41.20
N PRO A 511 31.47 46.70 42.03
CA PRO A 511 32.09 47.75 42.89
C PRO A 511 32.63 49.04 42.22
N GLN A 512 33.07 48.95 40.95
CA GLN A 512 33.60 50.09 40.17
C GLN A 512 32.51 50.67 39.22
N ALA A 513 31.21 50.51 39.59
CA ALA A 513 30.00 50.95 38.87
C ALA A 513 29.93 50.47 37.40
N LYS A 514 30.69 49.41 37.07
CA LYS A 514 30.76 48.84 35.73
C LYS A 514 29.44 48.17 35.34
N ASN A 515 29.25 47.99 34.02
CA ASN A 515 28.08 47.39 33.42
C ASN A 515 28.11 45.86 33.40
N ILE A 516 26.96 45.24 33.68
CA ILE A 516 26.72 43.79 33.63
C ILE A 516 26.68 43.43 32.14
N SER A 517 27.50 42.47 31.72
CA SER A 517 27.60 42.06 30.33
C SER A 517 26.66 40.89 29.99
N VAL A 518 26.74 39.82 30.79
CA VAL A 518 25.94 38.59 30.69
C VAL A 518 25.25 38.40 32.07
N ALA A 519 24.10 37.69 32.10
CA ALA A 519 23.32 37.44 33.31
C ALA A 519 22.52 36.17 33.18
N SER A 520 22.46 35.40 34.26
CA SER A 520 21.66 34.18 34.39
C SER A 520 21.04 34.19 35.78
N CYS A 521 19.79 33.71 35.89
CA CYS A 521 19.08 33.73 37.16
C CYS A 521 18.04 32.63 37.22
N ASN A 522 17.93 31.97 38.38
CA ASN A 522 16.92 30.96 38.64
C ASN A 522 15.96 31.50 39.72
N SER A 523 15.65 30.74 40.81
CA SER A 523 14.74 31.26 41.83
C SER A 523 15.44 31.70 43.08
N SER A 524 16.63 31.16 43.32
CA SER A 524 17.42 31.44 44.52
C SER A 524 18.76 32.05 44.19
N GLN A 525 19.22 31.86 42.94
CA GLN A 525 20.55 32.25 42.50
C GLN A 525 20.60 33.17 41.30
N VAL A 526 21.69 33.94 41.22
CA VAL A 526 22.02 34.87 40.16
C VAL A 526 23.53 34.71 39.92
N VAL A 527 23.93 34.60 38.66
CA VAL A 527 25.33 34.58 38.23
C VAL A 527 25.43 35.61 37.11
N VAL A 528 26.23 36.66 37.34
CA VAL A 528 26.37 37.77 36.39
C VAL A 528 27.82 37.97 35.96
N ALA A 529 28.01 38.30 34.68
CA ALA A 529 29.33 38.56 34.13
C ALA A 529 29.52 40.05 33.89
N VAL A 530 30.72 40.55 34.19
CA VAL A 530 31.16 41.93 34.00
C VAL A 530 32.47 41.75 33.24
N GLY A 531 32.32 41.54 31.93
CA GLY A 531 33.44 41.27 31.02
C GLY A 531 34.00 39.89 31.25
N ARG A 532 35.11 39.80 32.02
CA ARG A 532 35.79 38.56 32.39
C ARG A 532 35.35 38.09 33.77
N ALA A 533 34.97 39.03 34.66
CA ALA A 533 34.54 38.73 36.02
C ALA A 533 33.17 38.06 36.08
N LEU A 534 32.96 37.21 37.10
CA LEU A 534 31.70 36.53 37.40
C LEU A 534 31.37 36.81 38.85
N TYR A 535 30.09 36.89 39.18
CA TYR A 535 29.65 37.11 40.55
C TYR A 535 28.48 36.20 40.86
N TYR A 536 28.57 35.45 41.97
CA TYR A 536 27.49 34.55 42.39
C TYR A 536 26.72 35.15 43.56
N LEU A 537 25.44 35.45 43.32
CA LEU A 537 24.54 36.01 44.33
C LEU A 537 23.45 35.03 44.70
N GLN A 538 22.96 35.18 45.92
CA GLN A 538 21.83 34.43 46.43
C GLN A 538 20.69 35.38 46.76
N ILE A 539 19.45 34.99 46.38
CA ILE A 539 18.21 35.73 46.58
C ILE A 539 17.61 35.38 47.96
N HIS A 540 17.86 36.27 48.92
CA HIS A 540 17.35 36.11 50.28
C HIS A 540 16.22 37.12 50.54
N PRO A 541 15.44 37.06 51.67
CA PRO A 541 14.37 38.06 51.86
C PRO A 541 14.96 39.43 52.11
N GLN A 542 14.59 40.42 51.25
CA GLN A 542 15.05 41.83 51.24
C GLN A 542 16.59 41.94 51.15
N GLU A 543 17.23 40.93 50.50
CA GLU A 543 18.67 40.85 50.36
C GLU A 543 19.12 40.08 49.12
N LEU A 544 20.09 40.66 48.41
CA LEU A 544 20.82 40.06 47.29
C LEU A 544 22.22 39.90 47.90
N ARG A 545 22.51 38.68 48.38
CA ARG A 545 23.75 38.35 49.08
C ARG A 545 24.82 37.91 48.10
N GLN A 546 26.00 38.57 48.12
CA GLN A 546 27.10 38.19 47.23
C GLN A 546 27.89 37.06 47.87
N ILE A 547 27.71 35.83 47.37
CA ILE A 547 28.37 34.65 47.90
C ILE A 547 29.84 34.57 47.43
N SER A 548 30.06 34.44 46.11
CA SER A 548 31.40 34.31 45.55
C SER A 548 31.61 35.12 44.27
N HIS A 549 32.86 35.12 43.77
CA HIS A 549 33.28 35.79 42.55
C HIS A 549 34.57 35.18 42.00
N THR A 550 34.73 35.22 40.67
CA THR A 550 35.90 34.72 39.97
C THR A 550 36.23 35.62 38.77
N GLU A 551 37.43 35.45 38.21
CA GLU A 551 37.90 36.09 36.99
C GLU A 551 38.11 34.96 36.00
N MET A 552 37.62 35.13 34.78
CA MET A 552 37.74 34.09 33.76
C MET A 552 38.94 34.35 32.86
N GLU A 553 39.42 33.27 32.19
CA GLU A 553 40.53 33.30 31.25
C GLU A 553 40.25 34.26 30.08
N HIS A 554 38.97 34.33 29.63
CA HIS A 554 38.53 35.16 28.52
C HIS A 554 37.19 35.85 28.82
N GLU A 555 36.71 36.69 27.89
CA GLU A 555 35.45 37.41 28.02
C GLU A 555 34.29 36.41 28.08
N VAL A 556 33.30 36.65 28.97
CA VAL A 556 32.14 35.77 29.12
C VAL A 556 31.16 36.08 27.98
N ALA A 557 30.66 35.02 27.30
CA ALA A 557 29.74 35.18 26.17
C ALA A 557 28.29 34.85 26.51
N CYS A 558 28.08 33.80 27.33
CA CYS A 558 26.77 33.31 27.77
C CYS A 558 26.86 32.53 29.09
N LEU A 559 25.74 32.48 29.83
CA LEU A 559 25.64 31.81 31.14
C LEU A 559 24.31 31.07 31.35
N ASP A 560 24.38 29.96 32.09
CA ASP A 560 23.19 29.21 32.46
C ASP A 560 23.35 28.56 33.83
N ILE A 561 22.35 28.74 34.69
CA ILE A 561 22.34 28.19 36.06
C ILE A 561 21.02 27.45 36.33
N THR A 562 20.45 26.82 35.28
CA THR A 562 19.21 26.05 35.37
C THR A 562 19.42 24.88 36.34
N PRO A 563 18.58 24.75 37.40
CA PRO A 563 18.77 23.63 38.34
C PRO A 563 18.19 22.34 37.75
N LEU A 564 19.04 21.31 37.63
CA LEU A 564 18.61 20.02 37.06
C LEU A 564 18.52 18.89 38.10
N GLY A 565 17.60 17.97 37.84
CA GLY A 565 17.31 16.82 38.70
C GLY A 565 16.47 17.20 39.90
N ASP A 566 16.48 16.35 40.95
CA ASP A 566 15.72 16.65 42.15
C ASP A 566 16.51 17.63 43.06
N SER A 567 16.81 18.81 42.48
CA SER A 567 17.47 19.96 43.09
C SER A 567 16.36 20.99 43.33
N ASN A 568 16.05 21.22 44.61
CA ASN A 568 14.97 22.13 44.99
C ASN A 568 15.37 23.60 44.77
N GLY A 569 15.27 24.02 43.49
CA GLY A 569 15.56 25.36 42.98
C GLY A 569 16.95 25.91 43.26
N LEU A 570 17.91 25.03 43.59
CA LEU A 570 19.30 25.37 43.92
C LEU A 570 20.26 24.54 43.06
N SER A 571 20.88 25.19 42.06
CA SER A 571 21.83 24.57 41.15
C SER A 571 23.25 24.59 41.70
N PRO A 572 23.94 23.43 41.69
CA PRO A 572 25.34 23.40 42.12
C PRO A 572 26.29 23.59 40.93
N LEU A 573 25.72 23.85 39.71
CA LEU A 573 26.41 23.99 38.42
C LEU A 573 26.10 25.30 37.72
N CYS A 574 27.11 25.80 36.98
CA CYS A 574 27.06 27.02 36.19
C CYS A 574 27.70 26.76 34.84
N ALA A 575 26.89 26.82 33.76
CA ALA A 575 27.35 26.61 32.38
C ALA A 575 27.80 27.94 31.82
N ILE A 576 28.95 27.95 31.14
CA ILE A 576 29.50 29.19 30.62
C ILE A 576 30.20 29.02 29.26
N GLY A 577 29.94 29.96 28.36
CA GLY A 577 30.57 30.04 27.05
C GLY A 577 31.53 31.21 27.05
N LEU A 578 32.74 31.03 26.52
CA LEU A 578 33.75 32.10 26.49
C LEU A 578 34.15 32.54 25.10
N TRP A 579 34.64 33.77 24.98
CA TRP A 579 35.15 34.35 23.74
C TRP A 579 36.57 33.82 23.50
N THR A 580 37.11 34.08 22.28
CA THR A 580 38.46 33.79 21.78
C THR A 580 38.80 32.27 21.80
N ASP A 581 38.78 31.58 22.97
CA ASP A 581 39.08 30.14 23.02
C ASP A 581 37.92 29.29 22.52
N ILE A 582 36.69 29.87 22.47
CA ILE A 582 35.44 29.26 21.99
C ILE A 582 35.16 28.00 22.80
N SER A 583 35.04 28.15 24.11
CA SER A 583 34.84 27.01 24.98
C SER A 583 33.54 27.00 25.75
N ALA A 584 32.94 25.81 25.90
CA ALA A 584 31.76 25.55 26.72
C ALA A 584 32.37 24.96 28.00
N ARG A 585 32.16 25.60 29.15
CA ARG A 585 32.74 25.18 30.42
C ARG A 585 31.68 24.91 31.48
N ILE A 586 31.82 23.80 32.20
CA ILE A 586 30.93 23.44 33.31
C ILE A 586 31.66 23.78 34.60
N LEU A 587 31.15 24.77 35.33
CA LEU A 587 31.71 25.29 36.57
C LEU A 587 30.87 24.89 37.78
N LYS A 588 31.52 24.75 38.94
CA LYS A 588 30.90 24.38 40.21
C LYS A 588 30.51 25.64 40.99
N LEU A 589 29.35 25.62 41.65
CA LEU A 589 28.90 26.72 42.51
C LEU A 589 28.98 26.26 43.97
N PRO A 590 29.50 27.07 44.91
CA PRO A 590 29.94 28.48 44.80
C PRO A 590 31.39 28.69 44.38
N SER A 591 32.26 27.68 44.58
CA SER A 591 33.70 27.70 44.30
C SER A 591 34.14 28.33 42.96
N PHE A 592 33.35 28.12 41.88
CA PHE A 592 33.59 28.51 40.47
C PHE A 592 34.64 27.60 39.81
N GLU A 593 34.82 26.40 40.40
CA GLU A 593 35.79 25.39 40.00
C GLU A 593 35.42 24.77 38.67
N LEU A 594 36.41 24.60 37.77
CA LEU A 594 36.20 24.00 36.46
C LEU A 594 36.03 22.50 36.60
N LEU A 595 34.89 21.98 36.14
CA LEU A 595 34.61 20.55 36.17
C LEU A 595 34.91 19.95 34.81
N HIS A 596 34.51 20.67 33.73
CA HIS A 596 34.70 20.27 32.34
C HIS A 596 34.94 21.50 31.46
N LYS A 597 35.67 21.32 30.36
CA LYS A 597 35.95 22.38 29.38
C LYS A 597 35.98 21.80 27.96
N GLU A 598 34.88 22.00 27.20
CA GLU A 598 34.77 21.53 25.81
C GLU A 598 35.21 22.61 24.84
N MET A 599 36.13 22.25 23.94
CA MET A 599 36.65 23.19 22.93
C MET A 599 35.77 23.05 21.70
N LEU A 600 34.79 23.94 21.57
CA LEU A 600 33.82 23.94 20.47
C LEU A 600 34.44 24.14 19.10
N GLY A 601 35.58 24.83 19.07
CA GLY A 601 36.33 25.08 17.85
C GLY A 601 35.73 26.10 16.90
N GLY A 602 36.60 26.97 16.41
CA GLY A 602 36.25 27.99 15.43
C GLY A 602 36.61 29.41 15.83
N GLU A 603 36.03 30.36 15.06
CA GLU A 603 36.18 31.81 15.21
C GLU A 603 34.82 32.41 15.63
N ILE A 604 33.78 31.55 15.67
CA ILE A 604 32.42 31.95 16.01
C ILE A 604 32.16 31.73 17.50
N ILE A 605 31.85 32.82 18.22
CA ILE A 605 31.60 32.79 19.67
C ILE A 605 30.28 32.12 20.05
N PRO A 606 30.25 31.32 21.16
CA PRO A 606 28.96 30.76 21.62
C PRO A 606 28.05 31.91 22.04
N ARG A 607 26.80 31.97 21.54
CA ARG A 607 25.86 33.04 21.83
C ARG A 607 24.90 32.68 22.97
N SER A 608 24.37 31.44 22.97
CA SER A 608 23.42 30.95 23.96
C SER A 608 23.86 29.61 24.55
N ILE A 609 23.69 29.43 25.87
CA ILE A 609 24.02 28.18 26.56
C ILE A 609 22.85 27.80 27.46
N LEU A 610 22.53 26.49 27.53
CA LEU A 610 21.38 25.99 28.31
C LEU A 610 21.56 24.57 28.82
N MET A 611 21.24 24.37 30.10
CA MET A 611 21.22 23.05 30.73
C MET A 611 19.75 22.63 30.78
N THR A 612 19.45 21.43 30.32
CA THR A 612 18.07 20.94 30.26
C THR A 612 17.97 19.44 30.58
N THR A 613 16.71 18.96 30.77
CA THR A 613 16.36 17.56 31.04
C THR A 613 15.27 17.10 30.07
N PHE A 614 15.58 16.09 29.27
CA PHE A 614 14.62 15.49 28.33
C PHE A 614 14.49 14.01 28.71
N GLU A 615 13.24 13.51 28.91
CA GLU A 615 12.97 12.11 29.28
C GLU A 615 13.92 11.62 30.43
N SER A 616 14.04 12.43 31.51
CA SER A 616 14.88 12.19 32.69
C SER A 616 16.40 12.15 32.41
N SER A 617 16.82 12.36 31.13
CA SER A 617 18.24 12.41 30.73
C SER A 617 18.67 13.89 30.69
N HIS A 618 19.82 14.21 31.30
CA HIS A 618 20.33 15.58 31.38
C HIS A 618 21.23 15.92 30.20
N TYR A 619 21.04 17.12 29.62
CA TYR A 619 21.80 17.58 28.45
C TYR A 619 22.36 19.01 28.57
N LEU A 620 23.41 19.33 27.81
CA LEU A 620 23.92 20.69 27.66
C LEU A 620 23.77 21.10 26.19
N LEU A 621 23.05 22.21 25.95
CA LEU A 621 22.84 22.76 24.60
C LEU A 621 23.65 24.05 24.49
N CYS A 622 24.36 24.21 23.39
CA CYS A 622 25.15 25.41 23.16
C CYS A 622 25.04 25.86 21.74
N ALA A 623 24.53 27.08 21.54
CA ALA A 623 24.32 27.68 20.22
C ALA A 623 25.38 28.70 19.89
N LEU A 624 25.93 28.64 18.66
CA LEU A 624 26.95 29.57 18.19
C LEU A 624 26.32 30.66 17.36
N GLY A 625 27.05 31.76 17.17
CA GLY A 625 26.65 32.90 16.34
C GLY A 625 26.37 32.61 14.87
N ASP A 626 26.89 31.49 14.34
CA ASP A 626 26.70 31.07 12.94
C ASP A 626 25.45 30.17 12.74
N GLY A 627 24.66 30.00 13.79
CA GLY A 627 23.44 29.20 13.77
C GLY A 627 23.64 27.72 14.04
N ALA A 628 24.89 27.29 14.31
CA ALA A 628 25.25 25.92 14.64
C ALA A 628 24.92 25.65 16.11
N LEU A 629 24.49 24.42 16.40
CA LEU A 629 24.09 24.03 17.74
C LEU A 629 24.81 22.75 18.15
N PHE A 630 25.51 22.80 19.27
CA PHE A 630 26.18 21.65 19.83
C PHE A 630 25.34 21.11 20.97
N TYR A 631 25.19 19.78 21.04
CA TYR A 631 24.41 19.22 22.12
C TYR A 631 25.05 17.97 22.67
N PHE A 632 25.29 17.99 23.97
CA PHE A 632 25.95 16.94 24.71
C PHE A 632 25.07 16.47 25.82
N GLY A 633 25.36 15.29 26.32
CA GLY A 633 24.70 14.76 27.49
C GLY A 633 25.51 15.33 28.65
N LEU A 634 24.86 15.62 29.76
CA LEU A 634 25.57 16.20 30.89
C LEU A 634 25.46 15.37 32.17
N ASN A 635 26.60 15.10 32.81
CA ASN A 635 26.61 14.40 34.08
C ASN A 635 26.49 15.49 35.16
N ILE A 636 25.41 15.44 35.94
CA ILE A 636 25.10 16.40 36.99
C ILE A 636 26.12 16.35 38.15
N GLU A 637 26.68 15.17 38.45
CA GLU A 637 27.65 15.00 39.55
C GLU A 637 29.09 15.39 39.18
N THR A 638 29.59 14.90 38.04
CA THR A 638 30.95 15.13 37.57
C THR A 638 31.07 16.41 36.75
N GLY A 639 30.04 16.70 35.97
CA GLY A 639 30.03 17.87 35.09
C GLY A 639 30.48 17.55 33.67
N LEU A 640 30.66 16.24 33.37
CA LEU A 640 31.16 15.77 32.08
C LEU A 640 30.17 15.88 30.94
N LEU A 641 30.63 16.51 29.84
CA LEU A 641 29.90 16.64 28.58
C LEU A 641 30.33 15.49 27.68
N SER A 642 29.37 14.63 27.33
CA SER A 642 29.61 13.45 26.50
C SER A 642 28.72 13.46 25.27
N ASP A 643 29.02 12.59 24.29
CA ASP A 643 28.25 12.39 23.06
C ASP A 643 28.00 13.69 22.29
N ARG A 644 29.10 14.44 21.99
CA ARG A 644 29.05 15.70 21.24
C ARG A 644 28.39 15.49 19.89
N LYS A 645 27.29 16.23 19.63
CA LYS A 645 26.56 16.20 18.36
C LYS A 645 26.36 17.66 17.89
N LYS A 646 26.63 17.94 16.59
CA LYS A 646 26.43 19.27 16.01
C LYS A 646 25.25 19.25 15.03
N VAL A 647 24.37 20.26 15.10
CA VAL A 647 23.22 20.37 14.20
C VAL A 647 23.14 21.81 13.64
N THR A 648 22.90 21.96 12.32
CA THR A 648 22.82 23.29 11.72
C THR A 648 21.38 23.74 11.70
N LEU A 649 21.05 24.74 12.55
CA LEU A 649 19.69 25.24 12.68
C LEU A 649 19.40 26.41 11.74
N GLY A 650 20.18 27.48 11.81
CA GLY A 650 19.97 28.64 10.95
C GLY A 650 21.25 29.30 10.49
N THR A 651 21.13 30.55 10.03
CA THR A 651 22.22 31.41 9.55
C THR A 651 22.55 32.47 10.61
N GLN A 652 21.56 32.72 11.49
CA GLN A 652 21.60 33.71 12.56
C GLN A 652 21.87 33.05 13.92
N PRO A 653 22.43 33.79 14.91
CA PRO A 653 22.69 33.19 16.22
C PRO A 653 21.40 32.72 16.89
N THR A 654 21.38 31.45 17.33
CA THR A 654 20.22 30.81 17.93
C THR A 654 20.07 31.15 19.43
N VAL A 655 18.83 31.43 19.87
CA VAL A 655 18.46 31.74 21.26
C VAL A 655 17.63 30.57 21.75
N LEU A 656 18.03 29.99 22.88
CA LEU A 656 17.37 28.82 23.45
C LEU A 656 16.52 29.17 24.66
N ARG A 657 15.21 28.92 24.58
CA ARG A 657 14.28 29.14 25.68
C ARG A 657 13.52 27.87 25.93
N THR A 658 13.41 27.50 27.21
CA THR A 658 12.71 26.31 27.65
C THR A 658 11.23 26.62 27.89
N PHE A 659 10.35 25.75 27.40
CA PHE A 659 8.90 25.87 27.54
C PHE A 659 8.26 24.52 27.80
N ARG A 660 7.05 24.51 28.42
CA ARG A 660 6.28 23.29 28.71
C ARG A 660 5.10 23.13 27.73
N SER A 661 4.92 21.90 27.21
CA SER A 661 3.84 21.53 26.30
C SER A 661 3.34 20.14 26.61
N LEU A 662 2.01 20.04 26.94
CA LEU A 662 1.28 18.82 27.28
C LEU A 662 2.04 18.02 28.36
N SER A 663 2.36 18.73 29.47
CA SER A 663 3.13 18.26 30.63
C SER A 663 4.48 17.60 30.25
N THR A 664 5.16 18.20 29.24
CA THR A 664 6.48 17.77 28.74
C THR A 664 7.38 18.99 28.41
N THR A 665 8.62 19.00 28.95
CA THR A 665 9.63 20.05 28.75
C THR A 665 10.27 19.98 27.38
N ASN A 666 10.31 21.12 26.69
CA ASN A 666 10.92 21.28 25.38
C ASN A 666 11.79 22.54 25.38
N VAL A 667 12.55 22.74 24.28
CA VAL A 667 13.42 23.90 24.08
C VAL A 667 13.12 24.52 22.73
N PHE A 668 12.73 25.81 22.71
CA PHE A 668 12.45 26.56 21.50
C PHE A 668 13.75 27.26 21.10
N ALA A 669 14.21 26.99 19.88
CA ALA A 669 15.43 27.52 19.29
C ALA A 669 15.09 28.61 18.28
N CYS A 670 15.06 29.86 18.77
CA CYS A 670 14.73 31.05 17.99
C CYS A 670 15.87 31.42 17.06
N SER A 671 15.61 31.42 15.74
CA SER A 671 16.51 31.82 14.66
C SER A 671 15.66 32.02 13.40
N ASP A 672 16.30 32.14 12.22
CA ASP A 672 15.63 32.27 10.93
C ASP A 672 14.94 30.96 10.49
N ARG A 673 15.27 29.85 11.18
CA ARG A 673 14.63 28.53 11.04
C ARG A 673 14.20 28.16 12.47
N PRO A 674 13.11 28.79 13.01
CA PRO A 674 12.71 28.48 14.40
C PRO A 674 12.46 26.99 14.56
N THR A 675 13.00 26.37 15.62
CA THR A 675 12.94 24.92 15.84
C THR A 675 12.55 24.54 17.26
N VAL A 676 11.82 23.44 17.43
CA VAL A 676 11.50 22.87 18.75
C VAL A 676 12.42 21.66 18.91
N ILE A 677 13.09 21.57 20.06
CA ILE A 677 14.02 20.50 20.39
C ILE A 677 13.33 19.68 21.46
N TYR A 678 12.99 18.43 21.11
CA TYR A 678 12.28 17.50 21.98
C TYR A 678 12.94 16.12 22.06
N SER A 679 12.38 15.21 22.89
CA SER A 679 12.93 13.88 23.06
C SER A 679 11.96 12.81 22.61
N SER A 680 12.45 11.81 21.85
CA SER A 680 11.70 10.67 21.35
C SER A 680 12.62 9.44 21.33
N ASN A 681 12.34 8.47 22.24
CA ASN A 681 13.10 7.24 22.47
C ASN A 681 14.53 7.55 22.97
N HIS A 682 14.60 8.47 23.96
CA HIS A 682 15.81 8.96 24.64
C HIS A 682 16.89 9.49 23.65
N LYS A 683 16.42 10.08 22.54
CA LYS A 683 17.23 10.70 21.47
C LYS A 683 16.61 12.07 21.15
N LEU A 684 17.44 13.11 20.97
CA LEU A 684 16.93 14.45 20.68
C LEU A 684 16.44 14.61 19.25
N VAL A 685 15.23 15.12 19.12
CA VAL A 685 14.58 15.37 17.85
C VAL A 685 14.47 16.88 17.64
N PHE A 686 14.56 17.32 16.39
CA PHE A 686 14.49 18.73 16.04
C PHE A 686 13.42 18.96 14.98
N SER A 687 12.25 19.47 15.37
CA SER A 687 11.23 19.77 14.37
C SER A 687 11.12 21.26 14.14
N ASN A 688 11.06 21.67 12.85
CA ASN A 688 10.94 23.08 12.45
C ASN A 688 9.58 23.68 12.85
N VAL A 689 9.53 25.02 12.98
CA VAL A 689 8.29 25.75 13.33
C VAL A 689 7.89 26.48 12.04
N ASN A 690 6.58 26.55 11.76
CA ASN A 690 6.10 27.20 10.54
C ASN A 690 5.85 28.68 10.78
N LEU A 691 6.97 29.40 10.85
CA LEU A 691 7.10 30.84 11.05
C LEU A 691 8.36 31.27 10.31
N LYS A 692 8.28 32.40 9.60
CA LYS A 692 9.39 32.94 8.79
C LYS A 692 10.71 33.06 9.58
N GLU A 693 10.61 33.51 10.86
CA GLU A 693 11.70 33.75 11.80
C GLU A 693 11.09 34.13 13.16
N VAL A 694 11.77 33.73 14.25
CA VAL A 694 11.47 34.06 15.63
C VAL A 694 12.82 34.49 16.25
N ASN A 695 12.84 35.66 16.89
CA ASN A 695 14.06 36.16 17.51
C ASN A 695 14.09 35.78 18.96
N TYR A 696 12.99 36.03 19.69
CA TYR A 696 12.87 35.71 21.09
C TYR A 696 11.47 35.19 21.39
N MET A 697 11.35 34.36 22.44
CA MET A 697 10.09 33.81 22.91
C MET A 697 10.14 33.46 24.40
N CYS A 698 8.96 33.22 24.99
CA CYS A 698 8.79 32.81 26.38
C CYS A 698 7.41 32.17 26.52
N PRO A 699 7.17 31.28 27.52
CA PRO A 699 5.83 30.70 27.67
C PRO A 699 4.97 31.56 28.60
N LEU A 700 3.75 31.90 28.14
CA LEU A 700 2.83 32.74 28.89
C LEU A 700 1.59 31.94 29.29
N ASN A 701 1.32 31.83 30.59
CA ASN A 701 0.13 31.13 31.07
C ASN A 701 -0.72 32.11 31.88
N SER A 702 -1.58 32.86 31.18
CA SER A 702 -2.46 33.86 31.77
C SER A 702 -3.90 33.38 31.73
N ASP A 703 -4.75 34.05 32.52
CA ASP A 703 -6.18 33.79 32.59
C ASP A 703 -6.86 33.97 31.21
N GLY A 704 -6.31 34.86 30.38
CA GLY A 704 -6.81 35.14 29.05
C GLY A 704 -6.14 34.32 27.97
N TYR A 705 -4.85 33.99 28.17
CA TYR A 705 -4.04 33.19 27.24
C TYR A 705 -3.43 32.00 28.03
N PRO A 706 -4.19 30.89 28.20
CA PRO A 706 -3.68 29.77 28.99
C PRO A 706 -2.79 28.83 28.20
N ASP A 707 -1.72 28.35 28.86
CA ASP A 707 -0.73 27.42 28.30
C ASP A 707 -0.24 27.89 26.92
N SER A 708 0.01 29.22 26.83
CA SER A 708 0.43 29.92 25.62
C SER A 708 1.94 30.20 25.54
N LEU A 709 2.36 30.73 24.39
CA LEU A 709 3.70 31.09 23.96
C LEU A 709 3.71 32.53 23.43
N ALA A 710 4.49 33.41 24.07
CA ALA A 710 4.65 34.78 23.61
C ALA A 710 5.88 34.75 22.72
N LEU A 711 5.69 35.03 21.42
CA LEU A 711 6.76 35.01 20.42
C LEU A 711 7.01 36.40 19.87
N ALA A 712 8.28 36.74 19.63
CA ALA A 712 8.65 38.03 19.09
C ALA A 712 9.59 37.87 17.91
N ASN A 713 9.37 38.66 16.86
CA ASN A 713 10.27 38.71 15.72
C ASN A 713 10.82 40.15 15.61
N ASN A 714 11.18 40.59 14.39
CA ASN A 714 11.73 41.93 14.17
C ASN A 714 10.70 43.04 14.41
N SER A 715 9.45 42.85 13.95
CA SER A 715 8.38 43.85 14.03
C SER A 715 7.26 43.63 15.07
N THR A 716 6.79 42.38 15.28
CA THR A 716 5.63 42.15 16.15
C THR A 716 5.76 41.07 17.21
N LEU A 717 4.96 41.24 18.28
CA LEU A 717 4.79 40.32 19.41
C LEU A 717 3.51 39.55 19.17
N THR A 718 3.57 38.22 19.15
CA THR A 718 2.39 37.38 18.99
C THR A 718 2.25 36.35 20.11
N ILE A 719 1.06 36.32 20.75
CA ILE A 719 0.71 35.35 21.78
C ILE A 719 -0.14 34.28 21.10
N GLY A 720 0.24 33.03 21.31
CA GLY A 720 -0.42 31.91 20.67
C GLY A 720 -0.19 30.56 21.32
N THR A 721 -0.78 29.50 20.70
CA THR A 721 -0.70 28.12 21.19
C THR A 721 0.05 27.24 20.24
N ILE A 722 0.89 26.34 20.76
CA ILE A 722 1.68 25.43 19.95
C ILE A 722 0.90 24.17 19.64
N ASP A 723 1.10 23.62 18.43
CA ASP A 723 0.50 22.38 17.98
C ASP A 723 1.10 21.16 18.70
N GLU A 724 0.89 19.96 18.11
CA GLU A 724 1.42 18.69 18.58
C GLU A 724 2.91 18.70 18.23
N ILE A 725 3.77 18.39 19.22
CA ILE A 725 5.22 18.35 19.06
C ILE A 725 5.58 17.01 18.41
N GLN A 726 5.64 17.01 17.07
CA GLN A 726 5.91 15.87 16.17
C GLN A 726 6.50 16.41 14.85
N LYS A 727 7.21 15.57 14.08
CA LYS A 727 7.87 15.98 12.84
C LYS A 727 6.92 16.57 11.77
N LEU A 728 5.78 15.90 11.49
CA LEU A 728 4.81 16.32 10.47
C LEU A 728 3.51 16.78 11.09
N HIS A 729 2.78 17.66 10.38
CA HIS A 729 1.47 18.15 10.79
C HIS A 729 0.41 17.72 9.76
N ILE A 730 -0.78 17.30 10.24
CA ILE A 730 -1.84 16.80 9.37
C ILE A 730 -3.17 17.55 9.55
N ARG A 731 -3.55 18.32 8.52
CA ARG A 731 -4.82 19.04 8.48
C ARG A 731 -5.84 18.15 7.76
N THR A 732 -6.99 17.91 8.40
CA THR A 732 -8.06 17.07 7.89
C THR A 732 -9.20 17.90 7.32
N VAL A 733 -9.60 17.64 6.07
CA VAL A 733 -10.73 18.30 5.41
C VAL A 733 -11.76 17.16 5.10
N PRO A 734 -12.65 16.75 6.05
CA PRO A 734 -13.57 15.64 5.76
C PRO A 734 -14.53 15.98 4.63
N LEU A 735 -14.66 15.07 3.65
CA LEU A 735 -15.52 15.24 2.48
C LEU A 735 -16.85 14.51 2.64
N TYR A 736 -16.85 13.44 3.46
CA TYR A 736 -18.00 12.58 3.76
C TYR A 736 -18.46 11.77 2.52
N GLU A 737 -17.53 11.64 1.55
CA GLU A 737 -17.67 10.90 0.29
C GLU A 737 -16.27 10.44 -0.13
N SER A 738 -16.17 9.62 -1.19
CA SER A 738 -14.89 9.09 -1.63
C SER A 738 -14.02 10.01 -2.49
N PRO A 739 -12.85 10.52 -2.00
CA PRO A 739 -11.96 11.26 -2.90
C PRO A 739 -11.23 10.24 -3.75
N ARG A 740 -11.16 10.45 -5.07
CA ARG A 740 -10.50 9.48 -5.91
C ARG A 740 -9.21 10.02 -6.53
N LYS A 741 -9.30 11.18 -7.22
CA LYS A 741 -8.18 11.84 -7.87
C LYS A 741 -8.02 13.29 -7.39
N ILE A 742 -6.79 13.86 -7.57
CA ILE A 742 -6.40 15.22 -7.18
C ILE A 742 -5.29 15.78 -8.08
N CYS A 743 -5.39 17.08 -8.37
CA CYS A 743 -4.41 17.88 -9.10
C CYS A 743 -4.56 19.35 -8.65
N TYR A 744 -3.61 20.21 -9.03
CA TYR A 744 -3.65 21.60 -8.59
C TYR A 744 -3.55 22.61 -9.74
N GLN A 745 -4.41 23.63 -9.70
CA GLN A 745 -4.42 24.74 -10.67
C GLN A 745 -3.97 25.97 -9.91
N GLU A 746 -2.75 26.45 -10.23
CA GLU A 746 -2.10 27.59 -9.58
C GLU A 746 -2.79 28.89 -9.95
N VAL A 747 -3.08 29.07 -11.25
CA VAL A 747 -3.73 30.25 -11.83
C VAL A 747 -5.16 30.49 -11.26
N SER A 748 -5.73 29.47 -10.59
CA SER A 748 -7.06 29.52 -10.01
C SER A 748 -7.03 29.52 -8.47
N GLN A 749 -5.84 29.22 -7.88
CA GLN A 749 -5.60 29.12 -6.42
C GLN A 749 -6.49 28.02 -5.78
N CYS A 750 -6.82 26.99 -6.58
CA CYS A 750 -7.69 25.88 -6.18
C CYS A 750 -7.24 24.51 -6.71
N PHE A 751 -7.74 23.45 -6.06
CA PHE A 751 -7.50 22.06 -6.41
C PHE A 751 -8.70 21.47 -7.14
N GLY A 752 -8.42 20.58 -8.08
CA GLY A 752 -9.41 19.79 -8.80
C GLY A 752 -9.47 18.42 -8.15
N VAL A 753 -10.65 18.00 -7.66
CA VAL A 753 -10.80 16.71 -6.97
C VAL A 753 -11.92 15.88 -7.57
N LEU A 754 -11.59 14.67 -8.07
CA LEU A 754 -12.60 13.73 -8.56
C LEU A 754 -13.08 12.96 -7.33
N SER A 755 -14.39 12.84 -7.16
CA SER A 755 -14.98 12.17 -6.01
C SER A 755 -16.26 11.46 -6.38
N SER A 756 -16.65 10.45 -5.60
CA SER A 756 -17.88 9.72 -5.87
C SER A 756 -18.70 9.47 -4.62
N ARG A 757 -20.02 9.58 -4.74
CA ARG A 757 -20.90 9.34 -3.60
C ARG A 757 -21.94 8.28 -3.91
N ILE A 758 -22.23 7.40 -2.93
CA ILE A 758 -23.22 6.34 -3.10
C ILE A 758 -24.57 6.93 -2.83
N GLU A 759 -25.52 6.69 -3.73
CA GLU A 759 -26.89 7.11 -3.63
C GLU A 759 -27.76 5.88 -3.82
N VAL A 760 -28.93 5.85 -3.16
CA VAL A 760 -29.85 4.73 -3.31
C VAL A 760 -30.99 5.06 -4.26
N GLN A 761 -31.51 4.03 -4.93
CA GLN A 761 -32.63 4.12 -5.87
C GLN A 761 -33.93 4.45 -5.10
N ASP A 762 -34.42 5.70 -5.19
CA ASP A 762 -35.65 6.13 -4.50
C ASP A 762 -36.92 5.76 -5.28
N THR A 763 -38.11 5.87 -4.64
CA THR A 763 -39.41 5.57 -5.26
C THR A 763 -39.86 6.75 -6.18
N SER A 764 -38.94 7.16 -7.06
CA SER A 764 -39.05 8.24 -8.05
C SER A 764 -38.08 7.93 -9.19
N GLY A 765 -38.18 8.70 -10.29
CA GLY A 765 -37.35 8.54 -11.49
C GLY A 765 -35.91 9.00 -11.33
N GLY A 766 -35.22 8.43 -10.34
CA GLY A 766 -33.84 8.77 -10.03
C GLY A 766 -33.37 8.18 -8.73
N THR A 767 -32.43 8.88 -8.07
CA THR A 767 -31.78 8.47 -6.83
C THR A 767 -31.68 9.58 -5.80
N THR A 768 -31.48 9.19 -4.53
CA THR A 768 -31.35 10.11 -3.39
C THR A 768 -30.14 9.76 -2.56
N ALA A 769 -29.48 10.78 -2.00
CA ALA A 769 -28.27 10.65 -1.19
C ALA A 769 -28.47 9.89 0.14
N LEU A 770 -27.35 9.45 0.75
CA LEU A 770 -27.35 8.71 2.02
C LEU A 770 -27.08 9.61 3.21
N ARG A 771 -26.36 10.72 2.98
CA ARG A 771 -25.97 11.73 3.95
C ARG A 771 -25.46 12.96 3.19
N PRO A 772 -25.39 14.17 3.78
CA PRO A 772 -24.79 15.29 3.04
C PRO A 772 -23.29 15.08 2.93
N SER A 773 -22.74 15.42 1.77
CA SER A 773 -21.32 15.25 1.48
C SER A 773 -20.84 16.38 0.60
N ALA A 774 -19.51 16.53 0.47
CA ALA A 774 -18.84 17.57 -0.30
C ALA A 774 -19.54 17.97 -1.61
N SER A 775 -19.84 16.99 -2.48
CA SER A 775 -20.50 17.20 -3.77
C SER A 775 -21.95 17.70 -3.68
N THR A 776 -22.62 17.44 -2.56
CA THR A 776 -23.99 17.88 -2.33
C THR A 776 -24.04 19.31 -1.75
N GLN A 777 -23.12 19.63 -0.80
CA GLN A 777 -23.04 20.92 -0.12
C GLN A 777 -22.01 21.88 -0.79
N ALA A 778 -22.01 21.94 -2.12
CA ALA A 778 -21.13 22.86 -2.87
C ALA A 778 -21.71 24.27 -2.84
N LEU A 779 -20.81 25.30 -2.82
CA LEU A 779 -21.14 26.73 -2.80
C LEU A 779 -22.03 27.04 -4.03
N SER A 780 -21.57 26.58 -5.21
CA SER A 780 -22.23 26.67 -6.51
C SER A 780 -22.20 25.27 -7.15
N SER A 781 -23.36 24.79 -7.63
CA SER A 781 -23.48 23.45 -8.21
C SER A 781 -23.75 23.46 -9.72
N SER A 782 -23.41 22.33 -10.42
CA SER A 782 -23.62 22.13 -11.85
C SER A 782 -23.66 20.64 -12.23
N VAL A 783 -24.27 20.31 -13.38
CA VAL A 783 -24.40 18.96 -13.91
C VAL A 783 -24.04 18.89 -15.40
N SER A 784 -23.55 17.73 -15.89
CA SER A 784 -23.19 17.55 -17.29
C SER A 784 -24.42 17.43 -18.18
N SER A 785 -24.41 18.11 -19.34
CA SER A 785 -25.49 18.05 -20.33
C SER A 785 -25.15 16.95 -21.36
N SER A 786 -26.04 15.94 -21.50
CA SER A 786 -25.82 14.80 -22.40
C SER A 786 -25.81 15.17 -23.88
N LYS A 787 -24.88 14.55 -24.63
CA LYS A 787 -24.69 14.66 -26.07
C LYS A 787 -24.30 13.28 -26.62
N LEU A 788 -24.01 12.31 -25.71
CA LEU A 788 -23.67 10.93 -26.06
C LEU A 788 -24.88 9.98 -25.90
N PHE A 789 -24.87 8.83 -26.63
CA PHE A 789 -25.93 7.81 -26.58
C PHE A 789 -25.46 6.61 -25.75
N GLU A 802 -30.99 -1.20 -4.43
CA GLU A 802 -30.13 -0.76 -5.54
C GLU A 802 -29.32 0.47 -5.11
N GLU A 803 -27.99 0.44 -5.34
CA GLU A 803 -27.06 1.51 -4.99
C GLU A 803 -26.25 2.00 -6.19
N VAL A 804 -26.36 3.30 -6.50
CA VAL A 804 -25.64 3.92 -7.61
C VAL A 804 -24.46 4.76 -7.08
N GLU A 805 -23.35 4.82 -7.85
CA GLU A 805 -22.16 5.63 -7.55
C GLU A 805 -22.30 6.88 -8.43
N VAL A 806 -22.33 8.08 -7.81
CA VAL A 806 -22.46 9.37 -8.53
C VAL A 806 -21.10 10.06 -8.51
N HIS A 807 -20.59 10.46 -9.69
CA HIS A 807 -19.26 11.07 -9.83
C HIS A 807 -19.28 12.56 -9.98
N ASN A 808 -18.25 13.23 -9.44
CA ASN A 808 -18.17 14.68 -9.41
C ASN A 808 -16.78 15.23 -9.58
N LEU A 809 -16.70 16.47 -10.05
CA LEU A 809 -15.46 17.22 -10.10
C LEU A 809 -15.62 18.34 -9.08
N LEU A 810 -14.93 18.23 -7.97
CA LEU A 810 -14.96 19.23 -6.91
C LEU A 810 -13.88 20.27 -7.19
N ILE A 811 -14.13 21.51 -6.73
CA ILE A 811 -13.23 22.66 -6.82
C ILE A 811 -13.02 23.11 -5.38
N ILE A 812 -11.78 23.03 -4.87
CA ILE A 812 -11.46 23.38 -3.48
C ILE A 812 -10.38 24.46 -3.40
N ASP A 813 -10.66 25.57 -2.66
CA ASP A 813 -9.72 26.70 -2.44
C ASP A 813 -8.50 26.22 -1.65
N GLN A 814 -7.28 26.55 -2.14
CA GLN A 814 -6.02 26.09 -1.55
C GLN A 814 -5.73 26.64 -0.11
N HIS A 815 -6.59 27.53 0.44
CA HIS A 815 -6.40 28.12 1.78
C HIS A 815 -7.49 27.64 2.73
N THR A 816 -8.75 27.99 2.42
CA THR A 816 -9.94 27.68 3.23
C THR A 816 -10.31 26.21 3.17
N PHE A 817 -10.12 25.59 1.98
CA PHE A 817 -10.46 24.20 1.64
C PHE A 817 -11.98 24.00 1.60
N GLU A 818 -12.68 24.95 0.95
CA GLU A 818 -14.12 24.96 0.83
C GLU A 818 -14.53 24.59 -0.59
N VAL A 819 -15.64 23.82 -0.73
CA VAL A 819 -16.13 23.42 -2.05
C VAL A 819 -16.78 24.60 -2.73
N LEU A 820 -15.96 25.29 -3.55
CA LEU A 820 -16.34 26.46 -4.32
C LEU A 820 -17.34 26.06 -5.40
N HIS A 821 -17.08 24.90 -6.04
CA HIS A 821 -17.94 24.35 -7.10
C HIS A 821 -17.87 22.84 -7.17
N ALA A 822 -18.99 22.21 -7.56
CA ALA A 822 -19.08 20.76 -7.75
C ALA A 822 -19.83 20.49 -9.04
N HIS A 823 -19.13 19.84 -10.00
CA HIS A 823 -19.73 19.46 -11.28
C HIS A 823 -20.05 17.98 -11.24
N GLN A 824 -21.34 17.65 -11.23
CA GLN A 824 -21.82 16.29 -11.21
C GLN A 824 -21.76 15.74 -12.62
N PHE A 825 -21.15 14.57 -12.77
CA PHE A 825 -21.05 13.91 -14.06
C PHE A 825 -22.34 13.21 -14.45
N LEU A 826 -22.39 12.69 -15.68
CA LEU A 826 -23.56 12.00 -16.22
C LEU A 826 -23.92 10.75 -15.43
N GLN A 827 -25.18 10.31 -15.56
CA GLN A 827 -25.69 9.09 -14.94
C GLN A 827 -24.86 7.96 -15.54
N ASN A 828 -24.38 7.02 -14.70
CA ASN A 828 -23.53 5.89 -15.09
C ASN A 828 -22.13 6.30 -15.59
N GLU A 829 -21.84 7.61 -15.66
CA GLU A 829 -20.53 8.09 -16.09
C GLU A 829 -19.59 7.99 -14.91
N TYR A 830 -18.53 7.22 -15.09
CA TYR A 830 -17.49 6.99 -14.10
C TYR A 830 -16.26 7.82 -14.47
N ALA A 831 -15.93 8.83 -13.64
CA ALA A 831 -14.76 9.67 -13.88
C ALA A 831 -13.47 8.96 -13.45
N LEU A 832 -12.50 8.86 -14.38
CA LEU A 832 -11.27 8.12 -14.18
C LEU A 832 -10.00 8.96 -14.05
N SER A 833 -9.72 9.84 -15.04
CA SER A 833 -8.50 10.64 -15.07
C SER A 833 -8.76 12.13 -14.98
N LEU A 834 -7.80 12.87 -14.37
CA LEU A 834 -7.89 14.32 -14.15
C LEU A 834 -6.54 15.05 -14.28
N VAL A 835 -6.48 16.07 -15.14
CA VAL A 835 -5.25 16.86 -15.35
C VAL A 835 -5.55 18.36 -15.51
N SER A 836 -4.79 19.21 -14.79
CA SER A 836 -4.89 20.68 -14.84
C SER A 836 -3.68 21.23 -15.61
N CYS A 837 -3.88 21.56 -16.88
CA CYS A 837 -2.79 22.02 -17.75
C CYS A 837 -3.24 23.04 -18.80
N LYS A 838 -2.25 23.52 -19.59
CA LYS A 838 -2.41 24.43 -20.72
C LYS A 838 -2.06 23.63 -21.98
N LEU A 839 -2.90 23.71 -23.00
CA LEU A 839 -2.66 22.98 -24.24
C LEU A 839 -2.60 23.92 -25.43
N GLY A 840 -1.87 23.49 -26.46
CA GLY A 840 -1.66 24.20 -27.71
C GLY A 840 -1.13 25.62 -27.55
N LYS A 841 -1.63 26.53 -28.41
CA LYS A 841 -1.23 27.94 -28.41
C LYS A 841 -2.01 28.72 -27.33
N ASP A 842 -3.12 28.13 -26.83
CA ASP A 842 -4.04 28.68 -25.82
C ASP A 842 -3.36 28.97 -24.47
N PRO A 843 -3.58 30.18 -23.90
CA PRO A 843 -2.95 30.53 -22.62
C PRO A 843 -3.80 30.26 -21.37
N ASN A 844 -4.98 29.63 -21.51
CA ASN A 844 -5.86 29.33 -20.37
C ASN A 844 -5.61 27.93 -19.82
N THR A 845 -5.51 27.79 -18.47
CA THR A 845 -5.33 26.50 -17.81
C THR A 845 -6.70 25.85 -17.66
N TYR A 846 -6.86 24.66 -18.26
CA TYR A 846 -8.10 23.90 -18.24
C TYR A 846 -8.02 22.67 -17.34
N PHE A 847 -9.12 22.38 -16.63
CA PHE A 847 -9.26 21.18 -15.83
C PHE A 847 -9.84 20.14 -16.77
N ILE A 848 -9.08 19.08 -17.07
CA ILE A 848 -9.53 18.05 -18.02
C ILE A 848 -9.82 16.74 -17.28
N VAL A 849 -10.99 16.11 -17.61
CA VAL A 849 -11.47 14.86 -17.03
C VAL A 849 -11.74 13.80 -18.11
N GLY A 850 -11.27 12.59 -17.82
CA GLY A 850 -11.43 11.42 -18.67
C GLY A 850 -12.39 10.46 -18.01
N THR A 851 -13.50 10.19 -18.70
CA THR A 851 -14.56 9.33 -18.16
C THR A 851 -14.75 8.02 -18.93
N ALA A 852 -15.62 7.17 -18.37
CA ALA A 852 -16.05 5.90 -18.93
C ALA A 852 -17.53 5.71 -18.62
N MET A 853 -18.31 5.31 -19.63
CA MET A 853 -19.72 5.02 -19.43
C MET A 853 -19.82 3.57 -19.02
N VAL A 854 -20.16 3.36 -17.74
CA VAL A 854 -20.20 2.04 -17.11
C VAL A 854 -21.63 1.52 -16.95
N TYR A 855 -21.89 0.37 -17.57
CA TYR A 855 -23.17 -0.31 -17.53
C TYR A 855 -22.95 -1.76 -17.07
N PRO A 856 -23.90 -2.34 -16.29
CA PRO A 856 -23.67 -3.69 -15.75
C PRO A 856 -23.50 -4.78 -16.81
N GLU A 857 -24.31 -4.72 -17.90
CA GLU A 857 -24.24 -5.68 -19.00
C GLU A 857 -22.86 -5.64 -19.68
N GLU A 858 -22.32 -4.43 -19.93
CA GLU A 858 -21.01 -4.23 -20.54
C GLU A 858 -19.91 -4.65 -19.56
N ALA A 859 -18.83 -5.19 -20.10
CA ALA A 859 -17.68 -5.63 -19.30
C ALA A 859 -16.55 -4.62 -19.45
N GLU A 860 -16.28 -4.21 -20.70
CA GLU A 860 -15.25 -3.24 -21.03
C GLU A 860 -15.98 -2.01 -21.60
N PRO A 861 -15.89 -0.84 -20.93
CA PRO A 861 -16.61 0.36 -21.42
C PRO A 861 -16.51 0.61 -22.94
N LYS A 862 -17.67 0.71 -23.59
CA LYS A 862 -17.76 0.95 -25.04
C LYS A 862 -17.74 2.44 -25.33
N GLN A 863 -18.06 3.26 -24.31
CA GLN A 863 -18.08 4.70 -24.48
C GLN A 863 -17.31 5.41 -23.41
N GLY A 864 -16.99 6.69 -23.67
CA GLY A 864 -16.27 7.56 -22.76
C GLY A 864 -16.17 8.98 -23.27
N ARG A 865 -15.79 9.91 -22.40
CA ARG A 865 -15.64 11.32 -22.74
C ARG A 865 -14.32 11.87 -22.26
N ILE A 866 -13.91 12.99 -22.90
CA ILE A 866 -12.79 13.81 -22.50
C ILE A 866 -13.43 15.18 -22.40
N VAL A 867 -13.51 15.73 -21.19
CA VAL A 867 -14.19 17.00 -20.98
C VAL A 867 -13.23 18.07 -20.51
N VAL A 868 -13.20 19.18 -21.27
CA VAL A 868 -12.35 20.36 -21.02
C VAL A 868 -13.20 21.40 -20.30
N PHE A 869 -12.76 21.82 -19.12
CA PHE A 869 -13.46 22.80 -18.28
C PHE A 869 -12.57 24.03 -18.03
N GLN A 870 -13.19 25.20 -17.89
CA GLN A 870 -12.50 26.44 -17.56
C GLN A 870 -13.08 26.94 -16.23
N TYR A 871 -12.21 27.16 -15.23
CA TYR A 871 -12.69 27.66 -13.95
C TYR A 871 -12.54 29.19 -13.87
N SER A 872 -13.65 29.89 -14.15
CA SER A 872 -13.74 31.35 -14.14
C SER A 872 -15.03 31.81 -13.44
N ASP A 873 -14.92 32.90 -12.64
CA ASP A 873 -16.00 33.54 -11.88
C ASP A 873 -16.68 32.57 -10.87
N GLY A 874 -15.88 31.70 -10.25
CA GLY A 874 -16.33 30.71 -9.27
C GLY A 874 -17.25 29.62 -9.77
N LYS A 875 -17.27 29.37 -11.12
CA LYS A 875 -18.09 28.37 -11.79
C LYS A 875 -17.35 27.71 -12.97
N LEU A 876 -17.41 26.37 -13.06
CA LEU A 876 -16.77 25.60 -14.14
C LEU A 876 -17.56 25.73 -15.44
N GLN A 877 -16.91 26.20 -16.51
CA GLN A 877 -17.52 26.34 -17.82
C GLN A 877 -16.98 25.27 -18.75
N THR A 878 -17.87 24.43 -19.30
CA THR A 878 -17.49 23.34 -20.20
C THR A 878 -17.11 23.91 -21.58
N VAL A 879 -15.81 23.80 -21.91
CA VAL A 879 -15.18 24.27 -23.15
C VAL A 879 -15.34 23.24 -24.27
N ALA A 880 -14.86 22.00 -24.06
CA ALA A 880 -14.93 20.94 -25.06
C ALA A 880 -15.36 19.58 -24.50
N GLU A 881 -16.18 18.84 -25.26
CA GLU A 881 -16.71 17.52 -24.93
C GLU A 881 -16.40 16.59 -26.12
N LYS A 882 -15.35 15.76 -25.97
CA LYS A 882 -14.92 14.82 -27.02
C LYS A 882 -15.37 13.41 -26.64
N GLU A 883 -16.23 12.80 -27.47
CA GLU A 883 -16.72 11.44 -27.24
C GLU A 883 -15.77 10.42 -27.86
N VAL A 884 -15.31 9.46 -27.04
CA VAL A 884 -14.37 8.42 -27.47
C VAL A 884 -15.03 7.03 -27.41
N LYS A 885 -14.47 6.03 -28.13
CA LYS A 885 -15.01 4.68 -28.16
C LYS A 885 -14.50 3.76 -27.04
N GLY A 886 -14.27 4.32 -25.85
CA GLY A 886 -13.81 3.55 -24.70
C GLY A 886 -13.53 4.32 -23.42
N ALA A 887 -12.93 3.63 -22.43
CA ALA A 887 -12.59 4.18 -21.12
C ALA A 887 -11.32 5.04 -21.17
N VAL A 888 -11.37 6.25 -20.57
CA VAL A 888 -10.20 7.15 -20.52
C VAL A 888 -9.46 6.93 -19.19
N TYR A 889 -8.77 5.79 -19.08
CA TYR A 889 -8.03 5.37 -17.88
C TYR A 889 -6.95 6.36 -17.46
N SER A 890 -6.27 6.97 -18.44
CA SER A 890 -5.15 7.88 -18.19
C SER A 890 -5.03 9.00 -19.21
N MET A 891 -4.53 10.15 -18.72
CA MET A 891 -4.29 11.36 -19.49
C MET A 891 -3.04 12.07 -18.97
N VAL A 892 -2.23 12.61 -19.89
CA VAL A 892 -1.03 13.37 -19.56
C VAL A 892 -0.78 14.49 -20.57
N GLU A 893 -0.29 15.64 -20.09
CA GLU A 893 0.06 16.80 -20.92
C GLU A 893 1.40 16.46 -21.58
N PHE A 894 1.36 16.26 -22.89
CA PHE A 894 2.54 15.88 -23.65
C PHE A 894 3.00 17.02 -24.56
N ASN A 895 3.98 17.80 -24.08
CA ASN A 895 4.59 18.94 -24.78
C ASN A 895 3.55 19.77 -25.57
N GLY A 896 2.63 20.43 -24.83
CA GLY A 896 1.56 21.26 -25.38
C GLY A 896 0.43 20.51 -26.09
N LYS A 897 0.43 19.17 -26.01
CA LYS A 897 -0.61 18.31 -26.60
C LYS A 897 -1.22 17.46 -25.50
N LEU A 898 -2.33 16.76 -25.80
CA LEU A 898 -2.97 15.90 -24.82
C LEU A 898 -2.77 14.46 -25.20
N LEU A 899 -2.15 13.71 -24.30
CA LEU A 899 -1.95 12.30 -24.52
C LEU A 899 -2.98 11.64 -23.62
N ALA A 900 -3.82 10.78 -24.19
CA ALA A 900 -4.87 10.13 -23.40
C ALA A 900 -5.12 8.72 -23.90
N SER A 901 -5.29 7.78 -22.98
CA SER A 901 -5.58 6.41 -23.33
C SER A 901 -7.09 6.16 -23.47
N ILE A 902 -7.49 5.38 -24.48
CA ILE A 902 -8.87 4.98 -24.74
C ILE A 902 -8.79 3.47 -24.86
N ASN A 903 -9.08 2.76 -23.75
CA ASN A 903 -9.00 1.30 -23.60
C ASN A 903 -7.59 0.79 -23.94
N SER A 904 -7.47 0.07 -25.07
CA SER A 904 -6.23 -0.49 -25.59
C SER A 904 -5.39 0.57 -26.34
N THR A 905 -6.07 1.47 -27.08
CA THR A 905 -5.45 2.53 -27.89
C THR A 905 -4.85 3.64 -27.03
N VAL A 906 -3.83 4.33 -27.57
CA VAL A 906 -3.16 5.49 -26.99
C VAL A 906 -3.31 6.59 -28.04
N ARG A 907 -3.95 7.71 -27.66
CA ARG A 907 -4.20 8.84 -28.57
C ARG A 907 -3.48 10.11 -28.21
N LEU A 908 -3.04 10.82 -29.26
CA LEU A 908 -2.43 12.14 -29.14
C LEU A 908 -3.41 13.13 -29.75
N TYR A 909 -3.78 14.16 -28.98
CA TYR A 909 -4.74 15.19 -29.37
C TYR A 909 -4.05 16.55 -29.45
N GLU A 910 -4.37 17.32 -30.50
CA GLU A 910 -3.86 18.67 -30.71
C GLU A 910 -4.97 19.68 -30.37
N TRP A 911 -4.65 20.73 -29.60
CA TRP A 911 -5.63 21.75 -29.21
C TRP A 911 -5.61 22.92 -30.19
N THR A 912 -6.65 23.03 -31.03
CA THR A 912 -6.80 24.05 -32.06
C THR A 912 -7.22 25.42 -31.49
N THR A 913 -7.23 26.44 -32.37
CA THR A 913 -7.64 27.82 -32.06
C THR A 913 -9.16 27.84 -31.83
N GLU A 914 -9.90 26.96 -32.55
CA GLU A 914 -11.35 26.74 -32.49
C GLU A 914 -11.77 26.14 -31.11
N LYS A 915 -10.78 25.89 -30.24
CA LYS A 915 -10.88 25.38 -28.86
C LYS A 915 -11.67 24.06 -28.76
N GLU A 916 -11.07 23.01 -29.36
CA GLU A 916 -11.54 21.61 -29.38
C GLU A 916 -10.38 20.69 -29.78
N LEU A 917 -10.22 19.55 -29.07
CA LEU A 917 -9.15 18.59 -29.31
C LEU A 917 -9.28 17.87 -30.65
N ARG A 918 -8.16 17.73 -31.38
CA ARG A 918 -8.10 17.09 -32.70
C ARG A 918 -7.12 15.93 -32.74
N THR A 919 -7.61 14.72 -33.07
CA THR A 919 -6.86 13.47 -33.18
C THR A 919 -5.66 13.66 -34.10
N GLU A 920 -4.46 13.37 -33.59
CA GLU A 920 -3.22 13.49 -34.34
C GLU A 920 -2.79 12.08 -34.78
N CYS A 921 -2.10 11.35 -33.91
CA CYS A 921 -1.63 9.99 -34.17
C CYS A 921 -2.12 9.01 -33.10
N ASN A 922 -2.20 7.72 -33.47
CA ASN A 922 -2.68 6.65 -32.57
C ASN A 922 -1.73 5.46 -32.52
N HIS A 923 -1.66 4.82 -31.35
CA HIS A 923 -0.89 3.60 -31.18
C HIS A 923 -1.81 2.53 -30.59
N TYR A 924 -2.06 1.45 -31.35
CA TYR A 924 -2.92 0.32 -30.98
C TYR A 924 -1.99 -0.70 -30.32
N ASN A 925 -2.23 -0.97 -29.01
CA ASN A 925 -1.31 -1.71 -28.14
C ASN A 925 -1.56 -3.18 -27.80
N ASN A 926 -2.80 -3.69 -27.95
CA ASN A 926 -3.14 -5.08 -27.59
C ASN A 926 -3.12 -5.30 -26.06
N ILE A 927 -2.58 -4.30 -25.32
CA ILE A 927 -2.56 -4.21 -23.86
C ILE A 927 -3.22 -2.90 -23.44
N MET A 928 -4.13 -3.01 -22.47
CA MET A 928 -4.91 -1.94 -21.86
C MET A 928 -3.99 -0.84 -21.39
N ALA A 929 -4.27 0.41 -21.77
CA ALA A 929 -3.41 1.54 -21.39
C ALA A 929 -3.77 2.21 -20.05
N LEU A 930 -3.77 1.41 -18.96
CA LEU A 930 -4.08 1.88 -17.60
C LEU A 930 -3.12 2.94 -17.13
N TYR A 931 -1.81 2.69 -17.32
CA TYR A 931 -0.77 3.61 -16.89
C TYR A 931 -0.22 4.35 -18.07
N LEU A 932 -0.11 5.68 -17.94
CA LEU A 932 0.39 6.56 -18.99
C LEU A 932 1.22 7.65 -18.37
N LYS A 933 2.54 7.46 -18.41
CA LYS A 933 3.52 8.39 -17.83
C LYS A 933 4.46 8.92 -18.92
N THR A 934 5.00 10.16 -18.71
CA THR A 934 5.86 10.79 -19.73
C THR A 934 6.97 11.73 -19.16
N LYS A 935 7.98 11.97 -20.02
CA LYS A 935 9.17 12.79 -19.85
C LYS A 935 9.72 13.03 -21.26
N GLY A 936 9.57 14.25 -21.76
CA GLY A 936 9.99 14.61 -23.13
C GLY A 936 9.19 13.83 -24.16
N ASP A 937 9.83 13.39 -25.26
CA ASP A 937 9.15 12.59 -26.29
C ASP A 937 9.18 11.08 -25.98
N PHE A 938 9.42 10.71 -24.70
CA PHE A 938 9.50 9.35 -24.19
C PHE A 938 8.27 9.02 -23.32
N ILE A 939 7.44 8.07 -23.78
CA ILE A 939 6.15 7.67 -23.18
C ILE A 939 6.16 6.24 -22.62
N LEU A 940 5.63 6.07 -21.39
CA LEU A 940 5.48 4.76 -20.75
C LEU A 940 4.01 4.35 -20.81
N VAL A 941 3.73 3.11 -21.26
CA VAL A 941 2.39 2.53 -21.33
C VAL A 941 2.37 1.30 -20.40
N GLY A 942 1.38 1.26 -19.50
CA GLY A 942 1.26 0.19 -18.52
C GLY A 942 -0.08 -0.51 -18.43
N ASP A 943 0.00 -1.77 -18.05
CA ASP A 943 -1.06 -2.75 -17.87
C ASP A 943 -1.11 -3.10 -16.37
N LEU A 944 -2.25 -3.62 -15.89
CA LEU A 944 -2.36 -4.04 -14.49
C LEU A 944 -1.49 -5.27 -14.24
N MET A 945 -1.05 -5.93 -15.32
CA MET A 945 -0.25 -7.14 -15.25
C MET A 945 1.22 -6.91 -15.54
N ARG A 946 1.70 -5.67 -15.32
CA ARG A 946 3.10 -5.28 -15.47
C ARG A 946 3.60 -5.27 -16.94
N SER A 947 2.69 -5.48 -17.90
CA SER A 947 3.09 -5.43 -19.31
C SER A 947 3.38 -3.97 -19.64
N VAL A 948 4.67 -3.63 -19.62
CA VAL A 948 5.14 -2.28 -19.90
C VAL A 948 5.61 -2.22 -21.33
N LEU A 949 5.41 -1.08 -21.99
CA LEU A 949 5.92 -0.80 -23.32
C LEU A 949 6.23 0.70 -23.44
N LEU A 950 7.39 1.02 -24.02
CA LEU A 950 7.86 2.38 -24.17
C LEU A 950 7.67 2.91 -25.57
N LEU A 951 6.99 4.04 -25.68
CA LEU A 951 6.73 4.69 -26.96
C LEU A 951 7.53 5.98 -27.10
N ALA A 952 7.70 6.42 -28.35
CA ALA A 952 8.40 7.65 -28.70
C ALA A 952 7.66 8.36 -29.83
N TYR A 953 7.37 9.66 -29.62
CA TYR A 953 6.70 10.43 -30.66
C TYR A 953 7.74 11.03 -31.61
N LYS A 954 7.68 10.63 -32.90
CA LYS A 954 8.56 11.12 -33.96
C LYS A 954 7.91 12.42 -34.48
N PRO A 955 8.47 13.63 -34.15
CA PRO A 955 7.81 14.89 -34.56
C PRO A 955 7.58 15.08 -36.06
N MET A 956 8.63 14.91 -36.88
CA MET A 956 8.54 15.07 -38.34
C MET A 956 7.67 14.00 -39.00
N GLU A 957 7.67 12.76 -38.44
CA GLU A 957 6.88 11.64 -38.95
C GLU A 957 5.40 11.74 -38.51
N GLY A 958 5.17 12.31 -37.32
CA GLY A 958 3.84 12.45 -36.72
C GLY A 958 3.22 11.10 -36.45
N ASN A 959 3.98 10.24 -35.74
CA ASN A 959 3.61 8.86 -35.45
C ASN A 959 4.31 8.42 -34.15
N PHE A 960 3.91 7.24 -33.62
CA PHE A 960 4.50 6.64 -32.43
C PHE A 960 5.39 5.45 -32.81
N GLU A 961 6.55 5.34 -32.14
CA GLU A 961 7.54 4.29 -32.35
C GLU A 961 7.71 3.48 -31.05
N GLU A 962 7.52 2.15 -31.13
CA GLU A 962 7.68 1.26 -29.98
C GLU A 962 9.18 1.01 -29.73
N ILE A 963 9.77 1.73 -28.75
CA ILE A 963 11.18 1.61 -28.37
C ILE A 963 11.42 0.20 -27.84
N ALA A 964 10.87 -0.11 -26.65
CA ALA A 964 11.04 -1.39 -25.96
C ALA A 964 9.77 -1.90 -25.30
N ARG A 965 9.74 -3.21 -24.99
CA ARG A 965 8.63 -3.81 -24.28
C ARG A 965 9.11 -4.91 -23.33
N ASP A 966 8.28 -5.25 -22.34
CA ASP A 966 8.51 -6.28 -21.34
C ASP A 966 7.18 -6.79 -20.85
N PHE A 967 7.03 -8.11 -20.83
CA PHE A 967 5.79 -8.77 -20.43
C PHE A 967 6.12 -9.89 -19.47
N ASN A 968 6.01 -9.60 -18.16
CA ASN A 968 6.26 -10.58 -17.12
C ASN A 968 5.16 -10.41 -16.11
N PRO A 969 4.06 -11.19 -16.31
CA PRO A 969 2.86 -11.04 -15.47
C PRO A 969 3.04 -11.04 -13.97
N ASN A 970 2.59 -9.93 -13.38
CA ASN A 970 2.48 -9.67 -11.96
C ASN A 970 1.61 -8.44 -11.81
N TRP A 971 0.82 -8.39 -10.74
CA TRP A 971 -0.06 -7.26 -10.50
C TRP A 971 0.70 -5.95 -10.24
N MET A 972 0.34 -4.88 -10.94
CA MET A 972 1.03 -3.60 -10.80
C MET A 972 0.05 -2.54 -10.35
N SER A 973 0.34 -1.87 -9.23
CA SER A 973 -0.55 -0.87 -8.64
C SER A 973 -0.23 0.57 -8.99
N ALA A 974 1.05 0.84 -9.28
CA ALA A 974 1.56 2.17 -9.61
C ALA A 974 2.86 2.08 -10.40
N VAL A 975 3.18 3.17 -11.12
CA VAL A 975 4.39 3.34 -11.91
C VAL A 975 4.68 4.86 -12.08
N GLU A 976 5.97 5.22 -12.10
CA GLU A 976 6.45 6.60 -12.26
C GLU A 976 7.77 6.57 -12.98
N ILE A 977 8.01 7.53 -13.87
CA ILE A 977 9.30 7.63 -14.55
C ILE A 977 10.28 8.31 -13.59
N LEU A 978 11.44 7.69 -13.33
CA LEU A 978 12.45 8.25 -12.43
C LEU A 978 13.33 9.28 -13.12
N ASP A 979 13.85 8.93 -14.31
CA ASP A 979 14.71 9.74 -15.15
C ASP A 979 14.54 9.34 -16.64
N ASP A 980 15.48 9.75 -17.49
CA ASP A 980 15.48 9.47 -18.93
C ASP A 980 15.50 7.96 -19.25
N ASP A 981 16.27 7.18 -18.48
CA ASP A 981 16.46 5.74 -18.70
C ASP A 981 15.82 4.81 -17.66
N ASN A 982 15.27 5.35 -16.55
CA ASN A 982 14.67 4.53 -15.50
C ASN A 982 13.22 4.86 -15.12
N PHE A 983 12.54 3.86 -14.54
CA PHE A 983 11.19 4.01 -14.02
C PHE A 983 10.92 3.07 -12.85
N LEU A 984 10.17 3.59 -11.85
CA LEU A 984 9.82 2.95 -10.57
C LEU A 984 8.38 2.47 -10.57
N GLY A 985 8.13 1.34 -9.94
CA GLY A 985 6.78 0.80 -9.85
C GLY A 985 6.49 -0.04 -8.63
N ALA A 986 5.20 -0.22 -8.34
CA ALA A 986 4.70 -1.07 -7.26
C ALA A 986 4.14 -2.35 -7.88
N GLU A 987 4.64 -3.50 -7.42
CA GLU A 987 4.37 -4.83 -7.93
C GLU A 987 3.79 -5.72 -6.84
N ASN A 988 3.00 -6.74 -7.24
CA ASN A 988 2.31 -7.69 -6.36
C ASN A 988 3.20 -8.33 -5.36
N ALA A 989 2.64 -8.37 -4.15
CA ALA A 989 3.13 -8.80 -2.85
C ALA A 989 3.98 -7.70 -2.25
N PHE A 990 3.41 -6.46 -2.27
CA PHE A 990 3.91 -5.23 -1.65
C PHE A 990 5.38 -4.91 -1.97
N ASN A 991 5.74 -5.05 -3.23
CA ASN A 991 7.10 -4.84 -3.70
C ASN A 991 7.26 -3.56 -4.52
N LEU A 992 8.52 -3.12 -4.68
CA LEU A 992 8.93 -2.01 -5.54
C LEU A 992 9.94 -2.56 -6.53
N PHE A 993 9.94 -2.02 -7.76
CA PHE A 993 10.90 -2.42 -8.80
C PHE A 993 11.37 -1.23 -9.58
N VAL A 994 12.48 -1.38 -10.31
CA VAL A 994 13.03 -0.33 -11.17
C VAL A 994 13.51 -0.99 -12.49
N CYS A 995 12.94 -0.60 -13.64
CA CYS A 995 13.37 -1.11 -14.95
C CYS A 995 14.26 0.00 -15.55
N GLN A 996 15.27 -0.40 -16.32
CA GLN A 996 16.23 0.50 -16.97
C GLN A 996 16.17 0.28 -18.50
N LYS A 997 16.97 1.04 -19.28
CA LYS A 997 17.05 0.90 -20.74
C LYS A 997 18.45 0.43 -21.17
N THR A 1002 23.73 -2.12 -28.09
CA THR A 1002 24.02 -1.73 -29.47
C THR A 1002 23.13 -2.46 -30.47
N THR A 1003 22.84 -3.75 -30.21
CA THR A 1003 21.97 -4.60 -31.05
C THR A 1003 20.50 -4.31 -30.79
N ASP A 1004 19.63 -4.43 -31.82
CA ASP A 1004 18.19 -4.16 -31.70
C ASP A 1004 17.48 -5.05 -30.68
N GLU A 1005 17.67 -6.39 -30.75
CA GLU A 1005 17.07 -7.37 -29.81
C GLU A 1005 17.56 -7.18 -28.36
N GLU A 1006 18.44 -6.19 -28.13
CA GLU A 1006 18.99 -5.79 -26.83
C GLU A 1006 18.39 -4.43 -26.41
N ARG A 1007 18.44 -3.41 -27.30
CA ARG A 1007 17.90 -2.06 -27.09
C ARG A 1007 16.36 -2.04 -26.98
N GLN A 1008 15.67 -2.99 -27.66
CA GLN A 1008 14.21 -3.16 -27.64
C GLN A 1008 13.74 -3.94 -26.39
N HIS A 1009 14.66 -4.19 -25.42
CA HIS A 1009 14.36 -4.90 -24.19
C HIS A 1009 14.87 -4.17 -22.97
N LEU A 1010 13.96 -4.04 -21.99
CA LEU A 1010 14.15 -3.35 -20.70
C LEU A 1010 14.62 -4.35 -19.65
N GLN A 1011 15.52 -3.91 -18.73
CA GLN A 1011 16.08 -4.78 -17.70
C GLN A 1011 15.77 -4.30 -16.27
N GLU A 1012 15.25 -5.23 -15.46
CA GLU A 1012 14.82 -5.11 -14.07
C GLU A 1012 16.09 -4.98 -13.18
N VAL A 1013 16.43 -3.72 -12.79
CA VAL A 1013 17.63 -3.37 -11.98
C VAL A 1013 17.38 -3.24 -10.44
N GLY A 1014 16.13 -2.99 -10.04
CA GLY A 1014 15.76 -2.84 -8.65
C GLY A 1014 14.63 -3.74 -8.22
N LEU A 1015 14.82 -4.48 -7.13
CA LEU A 1015 13.80 -5.35 -6.56
C LEU A 1015 13.86 -5.20 -5.06
N PHE A 1016 12.72 -4.94 -4.42
CA PHE A 1016 12.64 -4.67 -2.98
C PHE A 1016 11.26 -4.97 -2.41
N HIS A 1017 11.20 -5.77 -1.31
CA HIS A 1017 9.92 -6.01 -0.64
C HIS A 1017 9.67 -4.87 0.34
N LEU A 1018 8.73 -3.97 0.00
CA LEU A 1018 8.40 -2.78 0.79
C LEU A 1018 7.58 -3.09 2.04
N GLY A 1019 6.58 -3.96 1.89
CA GLY A 1019 5.66 -4.32 2.96
C GLY A 1019 4.42 -3.45 2.89
N GLU A 1020 4.33 -2.60 1.84
CA GLU A 1020 3.20 -1.68 1.63
C GLU A 1020 2.64 -1.70 0.21
N PHE A 1021 1.35 -1.36 0.08
CA PHE A 1021 0.68 -1.32 -1.21
C PHE A 1021 0.61 0.11 -1.73
N VAL A 1022 1.54 0.49 -2.64
CA VAL A 1022 1.64 1.83 -3.21
C VAL A 1022 0.57 2.07 -4.26
N ASN A 1023 -0.27 3.12 -4.09
CA ASN A 1023 -1.30 3.52 -5.04
C ASN A 1023 -0.88 4.69 -5.90
N VAL A 1024 0.07 5.50 -5.38
CA VAL A 1024 0.55 6.73 -6.01
C VAL A 1024 2.01 7.01 -5.73
N PHE A 1025 2.71 7.49 -6.78
CA PHE A 1025 4.08 7.99 -6.81
C PHE A 1025 3.95 9.44 -7.22
N CYS A 1026 4.78 10.31 -6.65
CA CYS A 1026 4.70 11.72 -6.92
C CYS A 1026 6.05 12.37 -6.76
N HIS A 1027 6.47 13.17 -7.76
CA HIS A 1027 7.71 13.90 -7.65
C HIS A 1027 7.50 15.13 -6.75
N GLY A 1028 8.32 15.26 -5.70
CA GLY A 1028 8.23 16.36 -4.77
C GLY A 1028 8.95 16.11 -3.47
N SER A 1029 8.99 17.11 -2.57
CA SER A 1029 9.65 16.99 -1.27
C SER A 1029 8.98 17.84 -0.21
N LEU A 1030 8.87 17.29 1.01
CA LEU A 1030 8.28 18.02 2.14
C LEU A 1030 9.33 18.89 2.88
N VAL A 1031 10.58 18.81 2.41
CA VAL A 1031 11.78 19.50 2.90
C VAL A 1031 12.12 20.72 2.01
N MET A 1032 12.60 21.81 2.67
CA MET A 1032 12.97 23.09 2.06
C MET A 1032 14.05 22.97 0.96
N THR A 1040 25.28 17.45 -4.37
CA THR A 1040 24.46 16.88 -3.28
C THR A 1040 24.65 15.34 -3.20
N PRO A 1041 24.38 14.68 -2.02
CA PRO A 1041 24.57 13.22 -1.94
C PRO A 1041 23.70 12.34 -2.84
N THR A 1042 22.41 12.73 -3.00
CA THR A 1042 21.38 12.00 -3.74
C THR A 1042 20.81 12.78 -4.94
N GLN A 1043 20.28 12.02 -5.92
CA GLN A 1043 19.69 12.52 -7.17
C GLN A 1043 18.19 12.25 -7.17
N GLY A 1044 17.38 13.29 -7.36
CA GLY A 1044 15.92 13.20 -7.42
C GLY A 1044 15.20 12.93 -6.10
N SER A 1045 13.83 13.00 -6.15
CA SER A 1045 12.94 12.75 -5.00
C SER A 1045 11.53 12.40 -5.46
N VAL A 1046 11.11 11.15 -5.18
CA VAL A 1046 9.78 10.61 -5.50
C VAL A 1046 9.17 10.16 -4.19
N LEU A 1047 8.00 10.71 -3.87
CA LEU A 1047 7.20 10.38 -2.69
C LEU A 1047 6.20 9.32 -3.09
N PHE A 1048 5.73 8.49 -2.13
CA PHE A 1048 4.72 7.48 -2.46
C PHE A 1048 3.67 7.31 -1.37
N GLY A 1049 2.42 7.12 -1.78
CA GLY A 1049 1.29 7.00 -0.85
C GLY A 1049 0.70 5.60 -0.88
N THR A 1050 0.52 4.98 0.31
CA THR A 1050 0.03 3.60 0.40
C THR A 1050 -1.38 3.46 1.03
N VAL A 1051 -1.93 2.23 0.97
CA VAL A 1051 -3.26 1.80 1.45
C VAL A 1051 -3.37 1.93 2.98
N ASN A 1052 -2.24 1.68 3.66
CA ASN A 1052 -2.13 1.75 5.10
C ASN A 1052 -1.86 3.16 5.67
N GLY A 1053 -1.80 4.17 4.81
CA GLY A 1053 -1.51 5.53 5.22
C GLY A 1053 -0.03 5.81 5.37
N MET A 1054 0.83 4.86 4.97
CA MET A 1054 2.29 5.02 5.01
C MET A 1054 2.71 5.90 3.82
N ILE A 1055 3.60 6.88 4.07
CA ILE A 1055 4.18 7.75 3.03
C ILE A 1055 5.67 7.40 3.00
N GLY A 1056 6.24 7.35 1.82
CA GLY A 1056 7.65 7.00 1.65
C GLY A 1056 8.34 7.85 0.63
N LEU A 1057 9.69 7.78 0.61
CA LEU A 1057 10.52 8.56 -0.30
C LEU A 1057 11.54 7.67 -0.96
N VAL A 1058 11.69 7.82 -2.30
CA VAL A 1058 12.66 7.09 -3.11
C VAL A 1058 13.61 8.09 -3.77
N THR A 1059 14.94 7.92 -3.56
CA THR A 1059 15.97 8.79 -4.15
C THR A 1059 17.11 7.96 -4.74
N SER A 1060 17.84 8.52 -5.71
CA SER A 1060 18.95 7.80 -6.35
C SER A 1060 20.28 8.01 -5.60
N LEU A 1061 21.21 7.03 -5.71
CA LEU A 1061 22.53 7.04 -5.06
C LEU A 1061 23.60 6.76 -6.10
N SER A 1062 24.87 7.08 -5.78
CA SER A 1062 26.00 6.77 -6.65
C SER A 1062 26.40 5.29 -6.44
N GLU A 1063 27.09 4.70 -7.44
CA GLU A 1063 27.54 3.29 -7.44
C GLU A 1063 28.29 2.92 -6.15
N SER A 1064 29.22 3.77 -5.71
CA SER A 1064 30.02 3.53 -4.51
C SER A 1064 29.29 3.87 -3.23
N TRP A 1065 28.42 4.91 -3.25
CA TRP A 1065 27.61 5.28 -2.08
C TRP A 1065 26.62 4.17 -1.79
N TYR A 1066 26.09 3.52 -2.85
CA TYR A 1066 25.20 2.37 -2.73
C TYR A 1066 25.96 1.23 -2.05
N ASN A 1067 27.16 0.89 -2.55
CA ASN A 1067 28.01 -0.18 -2.01
C ASN A 1067 28.40 0.08 -0.56
N LEU A 1068 28.70 1.35 -0.20
CA LEU A 1068 29.03 1.77 1.16
C LEU A 1068 27.89 1.44 2.10
N LEU A 1069 26.69 1.86 1.72
CA LEU A 1069 25.47 1.66 2.49
C LEU A 1069 25.04 0.20 2.51
N LEU A 1070 25.28 -0.54 1.41
CA LEU A 1070 24.91 -1.95 1.35
C LEU A 1070 25.78 -2.73 2.31
N ASP A 1071 27.09 -2.43 2.31
CA ASP A 1071 28.06 -3.07 3.19
C ASP A 1071 27.65 -2.77 4.63
N MET A 1072 27.26 -1.50 4.89
CA MET A 1072 26.80 -1.02 6.20
C MET A 1072 25.56 -1.78 6.67
N GLN A 1073 24.63 -2.09 5.75
CA GLN A 1073 23.39 -2.82 6.04
C GLN A 1073 23.70 -4.21 6.57
N ASN A 1074 24.69 -4.89 5.95
CA ASN A 1074 25.07 -6.25 6.31
C ASN A 1074 25.70 -6.27 7.69
N ARG A 1075 26.42 -5.18 8.03
CA ARG A 1075 27.08 -5.01 9.32
C ARG A 1075 26.12 -4.60 10.41
N LEU A 1076 25.11 -3.74 10.07
CA LEU A 1076 24.08 -3.28 11.01
C LEU A 1076 23.23 -4.45 11.46
N ASN A 1077 22.94 -5.39 10.53
CA ASN A 1077 22.09 -6.56 10.75
C ASN A 1077 22.73 -7.61 11.65
N LYS A 1078 24.02 -7.47 11.91
CA LYS A 1078 24.75 -8.39 12.78
C LYS A 1078 24.69 -7.88 14.21
N VAL A 1079 24.45 -6.56 14.36
CA VAL A 1079 24.34 -5.83 15.63
C VAL A 1079 22.89 -5.75 16.12
N ILE A 1080 21.99 -5.22 15.28
CA ILE A 1080 20.58 -5.01 15.57
C ILE A 1080 19.84 -6.31 15.85
N LYS A 1081 19.13 -6.32 16.99
CA LYS A 1081 18.30 -7.43 17.44
C LYS A 1081 16.89 -7.25 16.84
N SER A 1082 16.44 -8.25 16.04
CA SER A 1082 15.17 -8.24 15.31
C SER A 1082 14.04 -8.82 16.14
N VAL A 1083 12.88 -8.10 16.19
CA VAL A 1083 11.69 -8.51 16.96
C VAL A 1083 11.13 -9.78 16.32
N GLY A 1084 11.14 -10.86 17.09
CA GLY A 1084 10.69 -12.16 16.61
C GLY A 1084 11.77 -12.91 15.86
N LYS A 1085 12.98 -12.32 15.80
CA LYS A 1085 14.22 -12.84 15.18
C LYS A 1085 14.07 -13.22 13.68
N ILE A 1086 13.50 -12.28 12.88
CA ILE A 1086 13.31 -12.39 11.42
C ILE A 1086 14.58 -11.80 10.79
N GLU A 1087 15.13 -12.50 9.81
CA GLU A 1087 16.31 -12.00 9.10
C GLU A 1087 15.86 -10.83 8.19
N HIS A 1088 16.51 -9.65 8.30
CA HIS A 1088 16.19 -8.46 7.48
C HIS A 1088 16.24 -8.76 5.99
N SER A 1089 17.28 -9.52 5.54
CA SER A 1089 17.52 -9.97 4.15
C SER A 1089 16.30 -10.71 3.61
N PHE A 1090 15.67 -11.55 4.47
CA PHE A 1090 14.46 -12.32 4.17
C PHE A 1090 13.27 -11.37 4.01
N TRP A 1091 13.10 -10.43 4.97
CA TRP A 1091 12.03 -9.43 5.00
C TRP A 1091 12.04 -8.57 3.73
N ARG A 1092 13.22 -8.13 3.29
CA ARG A 1092 13.34 -7.29 2.12
C ARG A 1092 13.35 -8.04 0.81
N SER A 1093 13.41 -9.38 0.85
CA SER A 1093 13.43 -10.24 -0.34
C SER A 1093 12.17 -10.11 -1.15
N PHE A 1094 12.35 -9.75 -2.44
CA PHE A 1094 11.27 -9.63 -3.42
C PHE A 1094 10.50 -10.94 -3.36
N HIS A 1095 9.25 -10.85 -2.94
CA HIS A 1095 8.45 -12.03 -2.72
C HIS A 1095 7.17 -12.03 -3.49
N THR A 1096 6.83 -13.20 -4.04
CA THR A 1096 5.59 -13.55 -4.72
C THR A 1096 5.23 -14.97 -4.22
N GLU A 1097 4.06 -15.49 -4.61
CA GLU A 1097 3.59 -16.84 -4.25
C GLU A 1097 4.51 -17.87 -4.92
N ARG A 1098 5.11 -17.45 -6.07
CA ARG A 1098 6.06 -18.19 -6.91
C ARG A 1098 7.49 -18.05 -6.37
N LYS A 1099 8.20 -16.95 -6.73
CA LYS A 1099 9.59 -16.76 -6.35
C LYS A 1099 9.82 -15.76 -5.19
N THR A 1100 10.93 -15.97 -4.46
CA THR A 1100 11.47 -15.15 -3.39
C THR A 1100 12.96 -14.96 -3.71
N GLU A 1101 13.32 -13.76 -4.20
CA GLU A 1101 14.66 -13.36 -4.63
C GLU A 1101 15.20 -12.23 -3.73
N PRO A 1102 16.49 -12.23 -3.33
CA PRO A 1102 17.00 -11.14 -2.48
C PRO A 1102 16.83 -9.78 -3.12
N ALA A 1103 16.65 -8.75 -2.28
CA ALA A 1103 16.50 -7.38 -2.75
C ALA A 1103 17.76 -6.92 -3.46
N THR A 1104 17.57 -6.27 -4.62
CA THR A 1104 18.65 -5.76 -5.49
C THR A 1104 18.43 -4.29 -5.82
N GLY A 1105 19.53 -3.55 -5.93
CA GLY A 1105 19.58 -2.12 -6.27
C GLY A 1105 18.76 -1.17 -5.43
N PHE A 1106 18.50 -1.56 -4.16
CA PHE A 1106 17.71 -0.80 -3.17
C PHE A 1106 18.31 -0.84 -1.79
N ILE A 1107 18.30 0.33 -1.10
CA ILE A 1107 18.83 0.51 0.25
C ILE A 1107 17.68 0.86 1.17
N ASP A 1108 17.52 0.08 2.27
CA ASP A 1108 16.51 0.27 3.30
C ASP A 1108 16.93 1.42 4.22
N GLY A 1109 16.51 2.62 3.87
CA GLY A 1109 16.77 3.87 4.57
C GLY A 1109 16.42 3.82 6.04
N ASP A 1110 15.31 3.14 6.37
CA ASP A 1110 14.84 2.89 7.73
C ASP A 1110 15.89 2.12 8.52
N LEU A 1111 16.55 1.13 7.90
CA LEU A 1111 17.62 0.35 8.55
C LEU A 1111 18.87 1.22 8.69
N ILE A 1112 19.24 1.95 7.62
CA ILE A 1112 20.39 2.85 7.61
C ILE A 1112 20.27 3.94 8.71
N GLU A 1113 19.05 4.50 8.88
CA GLU A 1113 18.77 5.52 9.88
C GLU A 1113 18.89 5.01 11.34
N SER A 1114 18.69 3.69 11.60
CA SER A 1114 18.83 3.15 12.95
C SER A 1114 20.31 3.05 13.42
N PHE A 1115 21.29 3.41 12.54
CA PHE A 1115 22.70 3.49 12.90
C PHE A 1115 22.90 4.66 13.87
N LEU A 1116 22.17 5.77 13.67
CA LEU A 1116 22.24 6.95 14.54
C LEU A 1116 21.62 6.67 15.91
N ASP A 1117 20.86 5.57 16.03
CA ASP A 1117 20.13 5.15 17.23
C ASP A 1117 20.83 4.06 18.06
N ILE A 1118 21.72 3.23 17.46
CA ILE A 1118 22.45 2.16 18.16
C ILE A 1118 23.48 2.72 19.15
N SER A 1119 23.96 1.89 20.11
CA SER A 1119 24.96 2.33 21.09
C SER A 1119 26.25 2.78 20.40
N ARG A 1120 26.94 3.77 20.97
CA ARG A 1120 28.20 4.28 20.41
C ARG A 1120 29.27 3.18 20.26
N PRO A 1121 29.44 2.22 21.22
CA PRO A 1121 30.38 1.10 20.95
C PRO A 1121 29.89 0.18 19.82
N LYS A 1122 28.54 0.09 19.61
CA LYS A 1122 27.97 -0.71 18.53
C LYS A 1122 28.22 -0.05 17.18
N MET A 1123 28.25 1.31 17.14
CA MET A 1123 28.56 2.08 15.92
C MET A 1123 29.98 1.79 15.50
N GLN A 1124 30.89 1.73 16.49
CA GLN A 1124 32.31 1.46 16.33
C GLN A 1124 32.53 0.07 15.73
N GLU A 1125 31.72 -0.92 16.18
CA GLU A 1125 31.76 -2.31 15.73
C GLU A 1125 31.37 -2.38 14.25
N VAL A 1126 30.23 -1.74 13.88
CA VAL A 1126 29.69 -1.64 12.52
C VAL A 1126 30.72 -1.00 11.56
N VAL A 1127 31.35 0.12 11.97
CA VAL A 1127 32.31 0.86 11.14
C VAL A 1127 33.71 0.19 11.09
N ALA A 1128 34.02 -0.73 12.04
CA ALA A 1128 35.33 -1.38 12.11
C ALA A 1128 35.58 -2.27 10.90
N ASN A 1129 36.63 -1.90 10.12
CA ASN A 1129 37.10 -2.55 8.89
C ASN A 1129 36.06 -2.46 7.72
N LEU A 1130 35.05 -1.55 7.86
CA LEU A 1130 33.94 -1.32 6.92
C LEU A 1130 34.37 -0.82 5.53
N GLN A 1131 35.31 0.17 5.45
CA GLN A 1131 35.84 0.75 4.20
C GLN A 1131 34.79 1.57 3.45
N LYS A 1139 40.25 0.61 -2.36
CA LYS A 1139 39.62 0.72 -1.05
C LYS A 1139 40.11 1.94 -0.27
N ARG A 1140 39.20 2.57 0.52
CA ARG A 1140 39.43 3.74 1.38
C ARG A 1140 38.77 3.50 2.73
N GLU A 1141 39.42 3.94 3.82
CA GLU A 1141 38.93 3.74 5.18
C GLU A 1141 37.84 4.74 5.59
N ALA A 1142 36.91 4.30 6.44
CA ALA A 1142 35.78 5.11 6.90
C ALA A 1142 35.75 5.27 8.41
N THR A 1143 35.75 6.53 8.89
CA THR A 1143 35.68 6.86 10.32
C THR A 1143 34.22 6.79 10.71
N ALA A 1144 33.94 6.54 12.00
CA ALA A 1144 32.58 6.54 12.53
C ALA A 1144 31.99 7.95 12.38
N ASP A 1145 32.83 9.00 12.55
CA ASP A 1145 32.49 10.41 12.39
C ASP A 1145 32.09 10.71 10.94
N ASP A 1146 32.75 10.04 9.96
CA ASP A 1146 32.43 10.18 8.54
C ASP A 1146 31.04 9.60 8.29
N LEU A 1147 30.77 8.40 8.85
CA LEU A 1147 29.51 7.69 8.73
C LEU A 1147 28.35 8.33 9.48
N ILE A 1148 28.64 9.11 10.56
CA ILE A 1148 27.61 9.82 11.31
C ILE A 1148 27.08 10.93 10.41
N LYS A 1149 28.01 11.70 9.76
CA LYS A 1149 27.69 12.79 8.83
C LYS A 1149 26.86 12.31 7.63
N VAL A 1150 27.30 11.21 6.96
CA VAL A 1150 26.62 10.58 5.82
C VAL A 1150 25.17 10.20 6.19
N VAL A 1151 24.98 9.43 7.29
CA VAL A 1151 23.68 8.98 7.77
C VAL A 1151 22.81 10.18 8.18
N GLU A 1152 23.39 11.20 8.84
CA GLU A 1152 22.70 12.44 9.23
C GLU A 1152 22.15 13.16 7.99
N GLU A 1153 23.02 13.32 6.95
CA GLU A 1153 22.72 13.95 5.65
C GLU A 1153 21.49 13.30 4.99
N LEU A 1154 21.37 11.97 5.09
CA LEU A 1154 20.26 11.19 4.55
C LEU A 1154 18.95 11.40 5.34
N THR A 1155 19.04 11.80 6.62
CA THR A 1155 17.83 12.03 7.42
C THR A 1155 17.20 13.40 7.05
N ARG A 1156 17.99 14.25 6.40
CA ARG A 1156 17.59 15.59 5.96
C ARG A 1156 16.71 15.57 4.71
N ILE A 1157 16.67 14.45 3.95
CA ILE A 1157 15.83 14.35 2.74
C ILE A 1157 14.33 14.33 3.05
N HIS A 1158 13.96 13.92 4.27
CA HIS A 1158 12.57 13.86 4.69
C HIS A 1158 12.30 14.57 6.01
N MET B 71 -32.27 -30.16 -32.98
CA MET B 71 -31.21 -30.59 -32.07
C MET B 71 -30.33 -31.71 -32.68
N ILE B 72 -29.03 -31.75 -32.28
CA ILE B 72 -28.01 -32.69 -32.76
C ILE B 72 -28.02 -34.02 -32.00
N ASN B 73 -28.01 -35.16 -32.73
CA ASN B 73 -27.97 -36.52 -32.18
C ASN B 73 -26.62 -37.24 -32.45
N PHE B 74 -25.63 -36.52 -32.99
CA PHE B 74 -24.30 -37.10 -33.22
C PHE B 74 -23.58 -37.14 -31.87
N ASP B 75 -22.77 -38.20 -31.64
CA ASP B 75 -21.99 -38.39 -30.41
C ASP B 75 -20.70 -37.56 -30.42
N THR B 76 -20.75 -36.34 -29.82
CA THR B 76 -19.63 -35.38 -29.74
C THR B 76 -18.30 -35.98 -29.23
N SER B 77 -18.38 -37.10 -28.49
CA SER B 77 -17.20 -37.78 -27.96
C SER B 77 -16.44 -38.50 -29.07
N LEU B 78 -17.17 -39.18 -30.01
CA LEU B 78 -16.63 -39.92 -31.16
C LEU B 78 -15.39 -39.27 -31.88
N PRO B 79 -15.39 -37.99 -32.35
CA PRO B 79 -14.19 -37.47 -33.00
C PRO B 79 -12.90 -37.49 -32.15
N THR B 80 -12.98 -37.09 -30.87
CA THR B 80 -11.86 -37.01 -29.92
C THR B 80 -11.09 -38.34 -29.71
N SER B 81 -11.73 -39.50 -29.98
CA SER B 81 -11.13 -40.82 -29.80
C SER B 81 -10.31 -41.31 -31.02
N HIS B 82 -10.40 -40.62 -32.17
CA HIS B 82 -9.68 -40.91 -33.41
C HIS B 82 -9.81 -42.38 -33.84
N MET B 83 -11.06 -42.83 -34.00
CA MET B 83 -11.39 -44.20 -34.37
C MET B 83 -10.84 -44.66 -35.68
N TYR B 84 -10.65 -43.72 -36.63
CA TYR B 84 -10.08 -43.95 -37.96
C TYR B 84 -8.66 -44.50 -37.85
N LEU B 85 -7.96 -44.13 -36.75
CA LEU B 85 -6.60 -44.53 -36.39
C LEU B 85 -6.61 -45.98 -35.92
N GLY B 86 -7.82 -46.49 -35.67
CA GLY B 86 -8.10 -47.85 -35.22
C GLY B 86 -8.12 -47.97 -33.72
N SER B 87 -9.00 -48.81 -33.19
CA SER B 87 -9.05 -49.09 -31.76
C SER B 87 -7.91 -50.10 -31.47
N ASP B 88 -7.85 -50.67 -30.24
CA ASP B 88 -6.82 -51.64 -29.84
C ASP B 88 -5.40 -51.02 -29.87
N MET B 89 -5.23 -49.89 -29.16
CA MET B 89 -3.95 -49.19 -29.06
C MET B 89 -3.38 -49.35 -27.68
N GLU B 90 -2.04 -49.47 -27.58
CA GLU B 90 -1.34 -49.60 -26.30
C GLU B 90 -1.46 -48.27 -25.58
N GLU B 91 -2.05 -48.29 -24.40
CA GLU B 91 -2.27 -47.07 -23.64
C GLU B 91 -1.22 -46.86 -22.59
N PHE B 92 -0.78 -45.61 -22.46
CA PHE B 92 0.18 -45.21 -21.45
C PHE B 92 -0.45 -44.15 -20.58
N HIS B 93 -0.18 -44.29 -19.29
CA HIS B 93 -0.74 -43.53 -18.17
C HIS B 93 0.28 -42.56 -17.55
N GLY B 94 1.43 -43.10 -17.14
CA GLY B 94 2.55 -42.39 -16.51
C GLY B 94 2.86 -41.06 -17.16
N ARG B 95 2.96 -40.00 -16.34
CA ARG B 95 3.21 -38.64 -16.84
C ARG B 95 4.61 -38.13 -16.56
N THR B 96 5.21 -37.48 -17.56
CA THR B 96 6.53 -36.87 -17.48
C THR B 96 6.35 -35.35 -17.53
N LEU B 97 6.99 -34.63 -16.60
CA LEU B 97 6.96 -33.18 -16.54
C LEU B 97 8.31 -32.63 -16.15
N HIS B 98 8.84 -31.71 -16.97
CA HIS B 98 10.13 -31.07 -16.73
C HIS B 98 10.02 -29.85 -15.84
N ASP B 99 11.02 -29.64 -14.95
CA ASP B 99 11.05 -28.49 -14.06
C ASP B 99 10.99 -27.18 -14.86
N ASP B 100 10.40 -26.15 -14.26
CA ASP B 100 10.30 -24.85 -14.92
C ASP B 100 11.68 -24.25 -15.15
N ASP B 101 11.83 -23.50 -16.26
CA ASP B 101 13.06 -22.85 -16.74
C ASP B 101 14.20 -23.84 -17.03
N SER B 102 13.97 -25.16 -16.79
CA SER B 102 14.98 -26.19 -17.02
C SER B 102 15.20 -26.42 -18.49
N CYS B 103 16.46 -26.69 -18.83
CA CYS B 103 16.88 -26.95 -20.19
C CYS B 103 16.76 -28.44 -20.48
N GLN B 104 16.29 -28.79 -21.70
CA GLN B 104 16.11 -30.17 -22.15
C GLN B 104 16.52 -30.33 -23.61
N VAL B 105 16.85 -31.55 -24.03
CA VAL B 105 17.17 -31.86 -25.42
C VAL B 105 16.15 -32.90 -25.88
N ILE B 106 15.13 -32.45 -26.65
CA ILE B 106 14.00 -33.30 -27.08
C ILE B 106 13.99 -33.55 -28.59
N PRO B 107 13.70 -34.80 -29.05
CA PRO B 107 13.61 -35.04 -30.52
C PRO B 107 12.42 -34.34 -31.17
N VAL B 108 12.56 -34.03 -32.46
CA VAL B 108 11.55 -33.34 -33.27
C VAL B 108 11.16 -34.28 -34.41
N LEU B 109 9.84 -34.51 -34.60
CA LEU B 109 9.37 -35.33 -35.70
C LEU B 109 9.45 -34.54 -37.01
N PRO B 110 10.23 -35.05 -38.00
CA PRO B 110 10.48 -34.30 -39.24
C PRO B 110 9.28 -33.88 -40.08
N HIS B 111 8.16 -34.63 -40.05
CA HIS B 111 7.04 -34.30 -40.92
C HIS B 111 5.87 -33.64 -40.24
N VAL B 112 6.08 -33.12 -39.01
CA VAL B 112 5.03 -32.42 -38.28
C VAL B 112 5.28 -30.96 -38.61
N MET B 113 4.22 -30.26 -39.03
CA MET B 113 4.32 -28.85 -39.35
C MET B 113 3.25 -28.01 -38.62
N VAL B 114 2.33 -28.68 -37.88
CA VAL B 114 1.28 -28.02 -37.10
C VAL B 114 1.81 -27.52 -35.77
N MET B 115 1.16 -26.48 -35.23
CA MET B 115 1.46 -25.91 -33.94
C MET B 115 0.62 -26.65 -32.93
N LEU B 116 1.23 -27.10 -31.85
CA LEU B 116 0.46 -27.82 -30.83
C LEU B 116 0.33 -26.96 -29.58
N ILE B 117 -0.89 -26.77 -29.09
CA ILE B 117 -1.18 -26.01 -27.88
C ILE B 117 -1.17 -27.04 -26.74
N PRO B 118 -0.71 -26.74 -25.50
CA PRO B 118 -0.82 -27.73 -24.42
C PRO B 118 -2.27 -28.19 -24.18
N GLY B 119 -2.41 -29.48 -23.86
CA GLY B 119 -3.70 -30.14 -23.64
C GLY B 119 -4.37 -30.68 -24.88
N GLN B 120 -3.88 -30.26 -26.07
CA GLN B 120 -4.38 -30.64 -27.39
C GLN B 120 -3.88 -32.03 -27.81
N THR B 121 -4.81 -32.86 -28.35
CA THR B 121 -4.53 -34.21 -28.85
C THR B 121 -3.93 -34.13 -30.26
N LEU B 122 -2.73 -34.69 -30.44
CA LEU B 122 -2.07 -34.74 -31.74
C LEU B 122 -2.08 -36.18 -32.29
N PRO B 123 -2.87 -36.49 -33.34
CA PRO B 123 -2.86 -37.85 -33.89
C PRO B 123 -1.78 -37.99 -34.96
N LEU B 124 -1.01 -39.09 -34.95
CA LEU B 124 0.04 -39.28 -35.96
C LEU B 124 -0.04 -40.62 -36.66
N GLN B 125 0.45 -40.68 -37.90
CA GLN B 125 0.49 -41.89 -38.73
C GLN B 125 1.83 -41.82 -39.39
N LEU B 126 2.80 -42.47 -38.77
CA LEU B 126 4.20 -42.41 -39.18
C LEU B 126 4.59 -43.65 -39.98
N PHE B 127 5.23 -43.45 -41.16
CA PHE B 127 5.68 -44.54 -42.04
C PHE B 127 7.15 -44.37 -42.54
N HIS B 128 7.73 -43.15 -42.40
CA HIS B 128 9.12 -42.93 -42.80
C HIS B 128 10.02 -43.65 -41.80
N PRO B 129 10.89 -44.58 -42.28
CA PRO B 129 11.67 -45.42 -41.36
C PRO B 129 12.36 -44.73 -40.21
N GLN B 130 12.95 -43.55 -40.47
CA GLN B 130 13.65 -42.75 -39.46
C GLN B 130 12.72 -42.26 -38.35
N GLU B 131 11.44 -41.88 -38.70
CA GLU B 131 10.43 -41.41 -37.74
C GLU B 131 9.89 -42.60 -36.95
N VAL B 132 9.61 -43.72 -37.64
CA VAL B 132 9.14 -44.95 -37.02
C VAL B 132 10.15 -45.39 -35.96
N SER B 133 11.45 -45.45 -36.30
CA SER B 133 12.47 -45.85 -35.34
C SER B 133 12.62 -44.87 -34.19
N MET B 134 12.47 -43.56 -34.49
CA MET B 134 12.56 -42.47 -33.52
C MET B 134 11.56 -42.69 -32.38
N VAL B 135 10.26 -42.83 -32.72
CA VAL B 135 9.18 -42.99 -31.75
C VAL B 135 9.21 -44.32 -31.04
N ARG B 136 9.59 -45.38 -31.77
CA ARG B 136 9.71 -46.74 -31.27
C ARG B 136 10.71 -46.76 -30.09
N ASN B 137 11.77 -45.92 -30.20
CA ASN B 137 12.81 -45.74 -29.18
C ASN B 137 12.32 -44.82 -28.07
N LEU B 138 11.50 -43.82 -28.45
CA LEU B 138 10.92 -42.81 -27.56
C LEU B 138 9.94 -43.46 -26.58
N ILE B 139 9.25 -44.53 -27.01
CA ILE B 139 8.31 -45.31 -26.20
C ILE B 139 9.05 -46.03 -25.08
N GLN B 140 10.29 -46.48 -25.37
CA GLN B 140 11.18 -47.18 -24.45
C GLN B 140 11.68 -46.28 -23.33
N LYS B 141 11.37 -44.99 -23.40
CA LYS B 141 11.81 -44.04 -22.39
C LYS B 141 10.78 -42.95 -22.08
N ASP B 142 11.20 -41.69 -22.25
CA ASP B 142 10.53 -40.41 -22.01
C ASP B 142 9.12 -40.26 -22.57
N ARG B 143 8.85 -40.85 -23.75
CA ARG B 143 7.59 -40.80 -24.50
C ARG B 143 7.24 -39.38 -24.99
N THR B 144 8.10 -38.38 -24.69
CA THR B 144 7.84 -37.00 -25.11
C THR B 144 8.76 -36.52 -26.24
N PHE B 145 8.16 -35.84 -27.23
CA PHE B 145 8.84 -35.22 -28.36
C PHE B 145 8.53 -33.72 -28.41
N ALA B 146 9.21 -32.97 -29.28
CA ALA B 146 9.02 -31.53 -29.37
C ALA B 146 8.28 -31.14 -30.64
N VAL B 147 7.22 -30.34 -30.51
CA VAL B 147 6.45 -29.87 -31.65
C VAL B 147 6.77 -28.39 -31.77
N LEU B 148 7.37 -28.01 -32.91
CA LEU B 148 7.83 -26.63 -33.15
C LEU B 148 6.79 -25.73 -33.78
N ALA B 149 6.64 -24.53 -33.20
CA ALA B 149 5.71 -23.52 -33.69
C ALA B 149 6.48 -22.64 -34.68
N TYR B 150 6.44 -23.03 -35.95
CA TYR B 150 7.15 -22.36 -37.03
C TYR B 150 6.64 -20.96 -37.34
N SER B 151 7.58 -19.99 -37.28
CA SER B 151 7.37 -18.57 -37.62
C SER B 151 7.39 -18.42 -39.15
N ASN B 152 8.18 -19.28 -39.82
CA ASN B 152 8.30 -19.41 -41.26
C ASN B 152 8.54 -20.87 -41.55
N VAL B 153 7.48 -21.56 -41.94
CA VAL B 153 7.50 -22.99 -42.20
C VAL B 153 8.44 -23.33 -43.37
N ARG B 154 8.61 -22.42 -44.36
CA ARG B 154 9.48 -22.65 -45.51
C ARG B 154 10.95 -22.69 -45.12
N GLU B 155 11.45 -21.67 -44.38
CA GLU B 155 12.84 -21.73 -43.94
C GLU B 155 12.97 -22.46 -42.59
N ARG B 156 11.91 -23.21 -42.22
CA ARG B 156 11.77 -24.05 -41.02
C ARG B 156 12.36 -23.36 -39.77
N GLU B 157 11.94 -22.09 -39.54
CA GLU B 157 12.33 -21.24 -38.42
C GLU B 157 11.28 -21.28 -37.32
N ALA B 158 11.72 -21.61 -36.09
CA ALA B 158 10.84 -21.71 -34.93
C ALA B 158 11.58 -21.28 -33.70
N HIS B 159 10.93 -20.42 -32.89
CA HIS B 159 11.50 -19.89 -31.65
C HIS B 159 10.79 -20.44 -30.43
N PHE B 160 9.58 -21.00 -30.64
CA PHE B 160 8.76 -21.57 -29.59
C PHE B 160 8.22 -22.93 -30.02
N GLY B 161 7.72 -23.68 -29.05
CA GLY B 161 7.13 -24.99 -29.28
C GLY B 161 6.44 -25.54 -28.05
N THR B 162 5.89 -26.77 -28.18
CA THR B 162 5.18 -27.47 -27.11
C THR B 162 5.64 -28.90 -27.12
N THR B 163 5.79 -29.50 -25.93
CA THR B 163 6.18 -30.90 -25.80
C THR B 163 4.93 -31.75 -25.97
N ALA B 164 5.09 -32.89 -26.64
CA ALA B 164 4.00 -33.83 -26.88
C ALA B 164 4.35 -35.16 -26.25
N GLU B 165 3.45 -35.66 -25.40
CA GLU B 165 3.63 -36.92 -24.72
C GLU B 165 2.72 -37.96 -25.34
N ILE B 166 3.28 -39.10 -25.81
CA ILE B 166 2.50 -40.20 -26.40
C ILE B 166 1.64 -40.86 -25.33
N TYR B 167 0.33 -40.94 -25.59
CA TYR B 167 -0.61 -41.52 -24.65
C TYR B 167 -1.22 -42.83 -25.18
N ALA B 168 -1.28 -42.98 -26.52
CA ALA B 168 -1.78 -44.18 -27.20
C ALA B 168 -0.85 -44.45 -28.38
N TYR B 169 -0.48 -45.72 -28.56
CA TYR B 169 0.52 -46.16 -29.53
C TYR B 169 0.19 -47.52 -30.16
N ARG B 170 0.48 -47.70 -31.45
CA ARG B 170 0.25 -48.98 -32.13
C ARG B 170 1.17 -49.21 -33.32
N GLU B 171 1.87 -50.34 -33.32
CA GLU B 171 2.73 -50.71 -34.43
C GLU B 171 2.00 -51.68 -35.37
N GLU B 172 2.15 -51.46 -36.68
CA GLU B 172 1.62 -52.33 -37.72
C GLU B 172 2.70 -52.52 -38.78
N GLN B 173 2.51 -53.49 -39.64
CA GLN B 173 3.42 -53.83 -40.70
C GLN B 173 2.52 -54.16 -41.85
N GLU B 174 2.70 -53.45 -42.95
CA GLU B 174 1.88 -53.57 -44.13
C GLU B 174 2.62 -53.01 -45.30
N TYR B 175 2.39 -53.56 -46.50
CA TYR B 175 2.95 -53.06 -47.77
C TYR B 175 4.47 -52.94 -47.79
N GLY B 176 5.14 -53.86 -47.13
CA GLY B 176 6.59 -53.88 -47.07
C GLY B 176 7.18 -52.89 -46.08
N ILE B 177 6.33 -52.21 -45.32
CA ILE B 177 6.84 -51.21 -44.39
C ILE B 177 6.39 -51.44 -42.95
N GLU B 178 7.10 -50.80 -42.02
CA GLU B 178 6.79 -50.80 -40.62
C GLU B 178 6.17 -49.45 -40.36
N THR B 179 4.97 -49.50 -39.80
CA THR B 179 4.16 -48.33 -39.56
C THR B 179 3.78 -48.19 -38.08
N VAL B 180 3.61 -46.96 -37.65
CA VAL B 180 3.23 -46.70 -36.26
C VAL B 180 2.23 -45.54 -36.21
N LYS B 181 1.17 -45.73 -35.42
CA LYS B 181 0.11 -44.78 -35.23
C LYS B 181 0.15 -44.36 -33.78
N VAL B 182 0.29 -43.05 -33.53
CA VAL B 182 0.33 -42.53 -32.16
C VAL B 182 -0.73 -41.48 -31.91
N LYS B 183 -0.98 -41.24 -30.63
CA LYS B 183 -1.89 -40.24 -30.10
C LYS B 183 -1.10 -39.63 -28.98
N ALA B 184 -0.74 -38.36 -29.15
CA ALA B 184 0.04 -37.64 -28.17
C ALA B 184 -0.79 -36.46 -27.67
N ILE B 185 -0.34 -35.81 -26.59
CA ILE B 185 -1.03 -34.68 -25.96
C ILE B 185 -0.03 -33.59 -25.59
N GLY B 186 -0.40 -32.34 -25.87
CA GLY B 186 0.41 -31.18 -25.53
C GLY B 186 0.63 -31.06 -24.04
N ARG B 187 1.87 -30.76 -23.62
CA ARG B 187 2.14 -30.71 -22.21
C ARG B 187 2.72 -29.38 -21.78
N GLN B 188 3.95 -29.08 -22.24
CA GLN B 188 4.70 -27.91 -21.80
C GLN B 188 5.21 -27.07 -22.93
N ARG B 189 5.00 -25.76 -22.83
CA ARG B 189 5.50 -24.84 -23.85
C ARG B 189 7.00 -24.66 -23.61
N PHE B 190 7.76 -24.37 -24.67
CA PHE B 190 9.19 -24.15 -24.52
C PHE B 190 9.70 -23.03 -25.40
N LYS B 191 10.94 -22.62 -25.11
CA LYS B 191 11.70 -21.59 -25.80
C LYS B 191 12.86 -22.32 -26.50
N VAL B 192 12.92 -22.27 -27.85
CA VAL B 192 13.98 -22.93 -28.63
C VAL B 192 15.33 -22.23 -28.36
N LEU B 193 16.35 -23.01 -27.97
CA LEU B 193 17.68 -22.46 -27.68
C LEU B 193 18.67 -22.76 -28.82
N GLU B 194 18.49 -23.91 -29.50
CA GLU B 194 19.35 -24.37 -30.61
C GLU B 194 18.73 -25.63 -31.24
N ILE B 195 18.67 -25.69 -32.59
CA ILE B 195 18.17 -26.89 -33.28
C ILE B 195 19.35 -27.60 -33.95
N ARG B 196 19.75 -28.75 -33.37
CA ARG B 196 20.82 -29.59 -33.88
C ARG B 196 20.17 -30.69 -34.75
N THR B 197 20.80 -31.02 -35.88
CA THR B 197 20.26 -32.04 -36.79
C THR B 197 21.11 -33.32 -36.81
N GLN B 198 20.44 -34.49 -36.82
CA GLN B 198 21.09 -35.79 -36.85
C GLN B 198 21.14 -36.27 -38.30
N SER B 199 22.09 -37.19 -38.58
CA SER B 199 22.32 -37.80 -39.91
C SER B 199 21.08 -38.49 -40.50
N ASP B 200 20.28 -39.18 -39.66
CA ASP B 200 19.06 -39.90 -40.07
C ASP B 200 17.94 -38.98 -40.61
N GLY B 201 18.07 -37.67 -40.37
CA GLY B 201 17.11 -36.66 -40.80
C GLY B 201 16.36 -36.02 -39.65
N ILE B 202 16.01 -36.81 -38.61
CA ILE B 202 15.25 -36.30 -37.46
C ILE B 202 16.18 -35.36 -36.62
N GLN B 203 15.63 -34.21 -36.21
CA GLN B 203 16.36 -33.17 -35.45
C GLN B 203 16.14 -33.24 -33.95
N GLN B 204 17.10 -32.73 -33.19
CA GLN B 204 17.01 -32.62 -31.74
C GLN B 204 16.86 -31.14 -31.40
N ALA B 205 16.27 -30.84 -30.24
CA ALA B 205 16.11 -29.43 -29.90
C ALA B 205 16.46 -29.12 -28.46
N LYS B 206 17.49 -28.26 -28.27
CA LYS B 206 17.91 -27.74 -26.96
C LYS B 206 16.86 -26.67 -26.68
N VAL B 207 15.99 -26.94 -25.70
CA VAL B 207 14.85 -26.10 -25.37
C VAL B 207 14.83 -25.70 -23.90
N GLN B 208 14.17 -24.57 -23.59
CA GLN B 208 14.03 -24.09 -22.23
C GLN B 208 12.54 -24.05 -21.90
N ILE B 209 12.13 -24.86 -20.92
CA ILE B 209 10.73 -24.99 -20.48
C ILE B 209 10.22 -23.66 -19.93
N LEU B 210 9.13 -23.17 -20.49
CA LEU B 210 8.54 -21.92 -20.06
C LEU B 210 7.49 -22.23 -19.00
N PRO B 211 7.62 -21.62 -17.79
CA PRO B 211 6.64 -21.91 -16.73
C PRO B 211 5.32 -21.24 -16.98
N GLU B 212 4.26 -21.89 -16.51
CA GLU B 212 2.93 -21.34 -16.58
C GLU B 212 2.84 -20.39 -15.40
N ARG B 213 2.51 -19.12 -15.65
CA ARG B 213 2.46 -18.11 -14.59
C ARG B 213 1.06 -17.94 -14.06
N VAL B 214 0.92 -18.34 -12.78
CA VAL B 214 -0.33 -18.29 -12.04
C VAL B 214 -0.23 -17.12 -11.08
N LEU B 215 -1.21 -16.22 -11.18
CA LEU B 215 -1.26 -15.03 -10.34
C LEU B 215 -2.41 -15.19 -9.38
N PRO B 216 -2.33 -14.61 -8.16
CA PRO B 216 -3.46 -14.73 -7.23
C PRO B 216 -4.58 -13.76 -7.60
N SER B 217 -5.68 -13.73 -6.81
CA SER B 217 -6.79 -12.81 -7.03
C SER B 217 -6.22 -11.40 -7.11
N THR B 218 -6.83 -10.54 -7.93
CA THR B 218 -6.40 -9.15 -8.06
C THR B 218 -6.42 -8.45 -6.68
N MET B 219 -7.35 -8.88 -5.82
CA MET B 219 -7.63 -8.37 -4.49
C MET B 219 -6.86 -9.04 -3.36
N SER B 220 -6.24 -10.21 -3.58
CA SER B 220 -5.50 -10.98 -2.57
C SER B 220 -4.53 -10.17 -1.69
N ALA B 221 -3.65 -9.35 -2.30
CA ALA B 221 -2.67 -8.53 -1.60
C ALA B 221 -3.33 -7.41 -0.78
N VAL B 222 -4.12 -6.55 -1.44
CA VAL B 222 -4.81 -5.41 -0.84
C VAL B 222 -5.69 -5.84 0.36
N GLN B 223 -6.34 -7.02 0.33
CA GLN B 223 -7.15 -7.47 1.46
C GLN B 223 -6.41 -8.45 2.41
N LEU B 224 -6.05 -7.91 3.56
CA LEU B 224 -5.46 -8.58 4.72
C LEU B 224 -6.31 -8.01 5.87
N GLN B 225 -7.64 -8.34 5.82
CA GLN B 225 -8.66 -7.78 6.72
C GLN B 225 -9.90 -8.70 7.03
N SER B 226 -10.94 -8.07 7.61
CA SER B 226 -12.26 -8.60 8.01
C SER B 226 -13.10 -9.01 6.81
N LEU B 227 -12.97 -8.27 5.70
CA LEU B 227 -13.69 -8.47 4.44
C LEU B 227 -13.27 -9.73 3.68
N SER B 228 -12.16 -10.37 4.11
CA SER B 228 -11.58 -11.59 3.55
C SER B 228 -12.62 -12.73 3.40
N ARG B 229 -13.35 -13.00 4.48
CA ARG B 229 -14.37 -14.04 4.54
C ARG B 229 -15.71 -13.57 3.99
N ARG B 230 -15.71 -13.31 2.67
CA ARG B 230 -16.84 -12.93 1.83
C ARG B 230 -16.61 -13.72 0.56
N HIS B 231 -17.00 -15.00 0.59
CA HIS B 231 -16.78 -15.94 -0.49
C HIS B 231 -17.64 -15.66 -1.71
N ILE B 232 -17.07 -15.98 -2.87
CA ILE B 232 -17.62 -15.84 -4.20
C ILE B 232 -18.69 -16.90 -4.46
N ARG B 244 -31.85 -17.26 -16.74
CA ARG B 244 -31.67 -15.91 -16.19
C ARG B 244 -31.63 -15.92 -14.64
N ALA B 245 -31.73 -14.70 -14.00
CA ALA B 245 -31.69 -14.39 -12.55
C ALA B 245 -30.27 -14.41 -11.97
N PHE B 246 -29.37 -15.25 -12.55
CA PHE B 246 -27.95 -15.34 -12.17
C PHE B 246 -27.16 -14.14 -12.69
N ARG B 247 -27.81 -13.27 -13.48
CA ARG B 247 -27.25 -12.01 -14.02
C ARG B 247 -26.93 -11.09 -12.83
N GLN B 248 -27.82 -11.09 -11.83
CA GLN B 248 -27.72 -10.31 -10.59
C GLN B 248 -26.67 -10.92 -9.67
N TRP B 249 -26.46 -12.25 -9.74
CA TRP B 249 -25.44 -12.95 -8.96
C TRP B 249 -24.08 -12.42 -9.37
N TRP B 250 -23.85 -12.29 -10.68
CA TRP B 250 -22.60 -11.78 -11.23
C TRP B 250 -22.31 -10.33 -10.86
N GLN B 251 -23.37 -9.52 -10.71
CA GLN B 251 -23.27 -8.12 -10.29
C GLN B 251 -22.89 -8.09 -8.80
N LYS B 252 -23.57 -8.94 -7.97
CA LYS B 252 -23.32 -9.08 -6.53
C LYS B 252 -21.89 -9.61 -6.32
N TYR B 253 -21.44 -10.51 -7.23
CA TYR B 253 -20.09 -11.09 -7.26
C TYR B 253 -19.05 -9.99 -7.48
N GLN B 254 -19.25 -9.12 -8.50
CA GLN B 254 -18.33 -8.03 -8.78
C GLN B 254 -18.26 -7.07 -7.60
N LYS B 255 -19.43 -6.64 -7.12
CA LYS B 255 -19.56 -5.71 -6.00
C LYS B 255 -18.88 -6.28 -4.75
N ARG B 256 -18.97 -7.61 -4.54
CA ARG B 256 -18.40 -8.25 -3.36
C ARG B 256 -16.91 -8.58 -3.47
N LYS B 257 -16.51 -9.40 -4.46
CA LYS B 257 -15.11 -9.80 -4.63
C LYS B 257 -14.15 -8.61 -4.71
N PHE B 258 -14.55 -7.54 -5.42
CA PHE B 258 -13.72 -6.37 -5.65
C PHE B 258 -14.13 -5.16 -4.85
N HIS B 259 -14.68 -5.39 -3.65
CA HIS B 259 -15.07 -4.27 -2.81
C HIS B 259 -13.86 -3.47 -2.36
N CYS B 260 -12.75 -4.17 -2.09
CA CYS B 260 -11.50 -3.56 -1.61
C CYS B 260 -10.79 -2.72 -2.65
N ALA B 261 -11.40 -2.54 -3.84
CA ALA B 261 -10.87 -1.70 -4.91
C ALA B 261 -10.92 -0.26 -4.48
N SER B 262 -11.77 0.03 -3.47
CA SER B 262 -11.95 1.36 -2.90
C SER B 262 -10.71 1.83 -2.14
N LEU B 263 -9.83 0.87 -1.77
CA LEU B 263 -8.54 1.08 -1.10
C LEU B 263 -7.51 1.37 -2.15
N THR B 264 -7.79 0.99 -3.40
CA THR B 264 -6.87 1.20 -4.51
C THR B 264 -7.28 2.36 -5.40
N SER B 265 -6.56 2.54 -6.51
CA SER B 265 -6.77 3.62 -7.48
C SER B 265 -7.51 3.16 -8.73
N TRP B 266 -8.12 1.96 -8.68
CA TRP B 266 -8.89 1.41 -9.78
C TRP B 266 -10.27 0.90 -9.37
N PRO B 267 -11.28 1.00 -10.27
CA PRO B 267 -12.64 0.56 -9.92
C PRO B 267 -12.87 -0.97 -9.96
N PRO B 268 -13.94 -1.48 -9.29
CA PRO B 268 -14.20 -2.92 -9.29
C PRO B 268 -14.43 -3.49 -10.67
N TRP B 269 -15.06 -2.69 -11.56
CA TRP B 269 -15.29 -3.08 -12.94
C TRP B 269 -13.99 -3.20 -13.74
N LEU B 270 -12.89 -2.57 -13.26
CA LEU B 270 -11.61 -2.71 -13.92
C LEU B 270 -10.96 -4.01 -13.51
N TYR B 271 -11.04 -4.34 -12.22
CA TYR B 271 -10.50 -5.59 -11.69
C TYR B 271 -11.16 -6.82 -12.31
N SER B 272 -12.45 -6.71 -12.73
CA SER B 272 -13.20 -7.78 -13.40
C SER B 272 -12.52 -8.18 -14.69
N LEU B 273 -12.04 -7.18 -15.47
CA LEU B 273 -11.35 -7.38 -16.74
C LEU B 273 -10.09 -8.24 -16.57
N TYR B 274 -9.67 -8.48 -15.31
CA TYR B 274 -8.51 -9.31 -15.00
C TYR B 274 -8.83 -10.50 -14.09
N ASP B 275 -10.12 -10.74 -13.80
CA ASP B 275 -10.56 -11.86 -12.96
C ASP B 275 -10.72 -13.13 -13.80
N ALA B 276 -9.99 -14.20 -13.43
CA ALA B 276 -10.04 -15.46 -14.15
C ALA B 276 -11.47 -15.97 -14.26
N GLU B 277 -12.23 -16.07 -13.14
CA GLU B 277 -13.63 -16.54 -13.14
C GLU B 277 -14.52 -15.76 -14.07
N THR B 278 -14.38 -14.43 -14.07
CA THR B 278 -15.14 -13.50 -14.91
C THR B 278 -14.83 -13.71 -16.38
N LEU B 279 -13.53 -13.66 -16.74
CA LEU B 279 -13.07 -13.82 -18.11
C LEU B 279 -13.51 -15.16 -18.67
N MET B 280 -13.49 -16.22 -17.83
CA MET B 280 -13.89 -17.57 -18.19
C MET B 280 -15.37 -17.63 -18.49
N GLU B 281 -16.24 -17.01 -17.64
CA GLU B 281 -17.68 -17.01 -17.86
C GLU B 281 -18.06 -16.24 -19.12
N ARG B 282 -17.20 -15.29 -19.53
CA ARG B 282 -17.36 -14.52 -20.75
C ARG B 282 -17.05 -15.40 -21.97
N VAL B 283 -16.04 -16.28 -21.86
CA VAL B 283 -15.65 -17.25 -22.87
C VAL B 283 -16.74 -18.34 -22.93
N LYS B 284 -17.11 -18.95 -21.77
CA LYS B 284 -18.15 -19.96 -21.61
C LYS B 284 -19.45 -19.54 -22.30
N ARG B 285 -19.68 -18.23 -22.40
CA ARG B 285 -20.83 -17.64 -23.06
C ARG B 285 -20.77 -17.95 -24.57
N GLN B 286 -19.60 -17.73 -25.22
CA GLN B 286 -19.36 -18.04 -26.64
C GLN B 286 -19.35 -19.55 -26.92
N LEU B 287 -18.73 -20.34 -26.02
CA LEU B 287 -18.65 -21.80 -26.11
C LEU B 287 -20.05 -22.44 -26.12
N HIS B 288 -21.02 -21.84 -25.38
CA HIS B 288 -22.41 -22.31 -25.35
C HIS B 288 -23.17 -21.91 -26.61
N GLU B 289 -22.74 -20.84 -27.32
CA GLU B 289 -23.34 -20.43 -28.61
C GLU B 289 -22.92 -21.41 -29.73
N TRP B 290 -21.80 -22.12 -29.53
CA TRP B 290 -21.21 -23.11 -30.44
C TRP B 290 -21.70 -24.52 -30.15
N ASP B 291 -21.75 -24.91 -28.85
CA ASP B 291 -22.27 -26.21 -28.45
C ASP B 291 -23.54 -25.94 -27.67
N GLU B 292 -24.66 -26.10 -28.38
CA GLU B 292 -26.01 -25.87 -27.91
C GLU B 292 -26.42 -26.96 -26.90
N ASN B 293 -25.75 -28.15 -26.98
CA ASN B 293 -25.93 -29.33 -26.14
C ASN B 293 -24.73 -29.51 -25.15
N LEU B 294 -24.03 -28.41 -24.78
CA LEU B 294 -22.87 -28.41 -23.89
C LEU B 294 -23.26 -28.49 -22.43
N LYS B 295 -22.59 -29.38 -21.70
CA LYS B 295 -22.73 -29.56 -20.25
C LYS B 295 -21.40 -29.09 -19.62
N ASP B 296 -21.46 -28.11 -18.71
CA ASP B 296 -20.31 -27.46 -18.05
C ASP B 296 -19.27 -28.40 -17.42
N GLU B 297 -19.68 -29.65 -17.10
CA GLU B 297 -18.83 -30.70 -16.50
C GLU B 297 -17.72 -31.15 -17.45
N SER B 298 -17.97 -31.04 -18.79
CA SER B 298 -17.01 -31.41 -19.85
C SER B 298 -15.86 -30.41 -19.94
N LEU B 299 -16.14 -29.14 -19.59
CA LEU B 299 -15.19 -28.02 -19.58
C LEU B 299 -14.26 -28.08 -18.38
N PRO B 300 -12.96 -27.71 -18.55
CA PRO B 300 -12.06 -27.71 -17.39
C PRO B 300 -12.41 -26.58 -16.41
N THR B 301 -12.26 -26.86 -15.12
CA THR B 301 -12.56 -25.89 -14.07
C THR B 301 -11.40 -24.89 -13.92
N ASN B 302 -10.14 -25.38 -14.02
CA ASN B 302 -8.91 -24.60 -13.90
C ASN B 302 -8.74 -23.65 -15.10
N PRO B 303 -8.49 -22.32 -14.88
CA PRO B 303 -8.28 -21.40 -16.02
C PRO B 303 -7.04 -21.72 -16.87
N ILE B 304 -6.05 -22.44 -16.29
CA ILE B 304 -4.84 -22.85 -17.00
C ILE B 304 -5.24 -23.82 -18.12
N ASP B 305 -5.99 -24.89 -17.78
CA ASP B 305 -6.46 -25.89 -18.76
C ASP B 305 -7.54 -25.29 -19.67
N PHE B 306 -8.39 -24.41 -19.09
CA PHE B 306 -9.45 -23.74 -19.82
C PHE B 306 -8.91 -22.79 -20.90
N SER B 307 -7.97 -21.88 -20.56
CA SER B 307 -7.41 -20.96 -21.56
C SER B 307 -6.83 -21.74 -22.74
N TYR B 308 -6.09 -22.84 -22.45
CA TYR B 308 -5.48 -23.68 -23.47
C TYR B 308 -6.47 -24.43 -24.35
N ARG B 309 -7.54 -25.03 -23.76
CA ARG B 309 -8.60 -25.75 -24.49
C ARG B 309 -9.20 -24.80 -25.51
N VAL B 310 -9.64 -23.61 -25.06
CA VAL B 310 -10.21 -22.55 -25.90
C VAL B 310 -9.22 -22.07 -26.98
N ALA B 311 -7.92 -22.00 -26.66
CA ALA B 311 -6.90 -21.53 -27.60
C ALA B 311 -6.83 -22.39 -28.83
N ALA B 312 -6.92 -23.70 -28.63
CA ALA B 312 -6.80 -24.74 -29.63
C ALA B 312 -7.99 -24.88 -30.56
N CYS B 313 -9.13 -24.22 -30.28
CA CYS B 313 -10.30 -24.33 -31.16
C CYS B 313 -10.67 -23.00 -31.85
N LEU B 314 -9.77 -22.00 -31.78
CA LEU B 314 -9.97 -20.73 -32.46
C LEU B 314 -9.32 -20.77 -33.84
N PRO B 315 -10.14 -20.68 -34.92
CA PRO B 315 -9.58 -20.74 -36.27
C PRO B 315 -8.83 -19.46 -36.64
N ILE B 316 -7.58 -19.34 -36.16
CA ILE B 316 -6.78 -18.14 -36.43
C ILE B 316 -5.53 -18.45 -37.21
N ASP B 317 -4.94 -17.41 -37.86
CA ASP B 317 -3.72 -17.50 -38.66
C ASP B 317 -2.53 -17.89 -37.80
N ASP B 318 -1.46 -18.37 -38.43
CA ASP B 318 -0.27 -18.84 -37.75
C ASP B 318 0.43 -17.77 -36.94
N ALA B 319 0.51 -16.54 -37.46
CA ALA B 319 1.17 -15.44 -36.76
C ALA B 319 0.49 -15.13 -35.44
N LEU B 320 -0.86 -15.11 -35.44
CA LEU B 320 -1.66 -14.84 -34.26
C LEU B 320 -1.62 -16.01 -33.28
N ARG B 321 -1.53 -17.24 -33.79
CA ARG B 321 -1.45 -18.45 -32.98
C ARG B 321 -0.17 -18.47 -32.18
N ILE B 322 0.98 -18.08 -32.79
CA ILE B 322 2.28 -18.04 -32.10
C ILE B 322 2.20 -17.04 -30.96
N GLN B 323 1.55 -15.88 -31.23
CA GLN B 323 1.39 -14.81 -30.25
C GLN B 323 0.66 -15.32 -29.03
N LEU B 324 -0.37 -16.15 -29.25
CA LEU B 324 -1.15 -16.81 -28.21
C LEU B 324 -0.30 -17.86 -27.46
N LEU B 325 0.56 -18.59 -28.16
CA LEU B 325 1.43 -19.60 -27.54
C LEU B 325 2.50 -18.96 -26.64
N LYS B 326 2.94 -17.72 -26.97
CA LYS B 326 3.93 -16.97 -26.19
C LYS B 326 3.37 -16.61 -24.80
N ILE B 327 2.04 -16.27 -24.71
CA ILE B 327 1.33 -15.88 -23.49
C ILE B 327 1.67 -16.83 -22.33
N GLY B 328 2.10 -16.26 -21.21
CA GLY B 328 2.43 -17.03 -20.02
C GLY B 328 1.28 -17.14 -19.04
N SER B 329 0.41 -16.10 -19.01
CA SER B 329 -0.71 -16.07 -18.08
C SER B 329 -2.02 -16.53 -18.70
N ALA B 330 -2.81 -17.27 -17.90
CA ALA B 330 -4.13 -17.75 -18.30
C ALA B 330 -5.06 -16.55 -18.48
N ILE B 331 -4.84 -15.49 -17.67
CA ILE B 331 -5.58 -14.22 -17.71
C ILE B 331 -5.28 -13.49 -19.02
N GLN B 332 -3.98 -13.31 -19.35
CA GLN B 332 -3.53 -12.68 -20.59
C GLN B 332 -4.04 -13.49 -21.77
N ARG B 333 -4.10 -14.82 -21.61
CA ARG B 333 -4.58 -15.71 -22.66
C ARG B 333 -6.10 -15.54 -22.87
N LEU B 334 -6.90 -15.56 -21.78
CA LEU B 334 -8.35 -15.42 -21.85
C LEU B 334 -8.70 -14.07 -22.45
N ARG B 335 -7.99 -13.02 -21.99
CA ARG B 335 -8.20 -11.66 -22.48
C ARG B 335 -7.95 -11.62 -24.00
N CYS B 336 -6.88 -12.30 -24.46
CA CYS B 336 -6.51 -12.35 -25.87
C CYS B 336 -7.64 -13.03 -26.66
N GLU B 337 -8.06 -14.25 -26.22
CA GLU B 337 -9.12 -15.06 -26.80
C GLU B 337 -10.43 -14.32 -26.92
N LEU B 338 -10.80 -13.53 -25.91
CA LEU B 338 -12.04 -12.73 -25.95
C LEU B 338 -11.97 -11.65 -27.00
N ASP B 339 -10.78 -11.04 -27.19
CA ASP B 339 -10.56 -10.01 -28.20
C ASP B 339 -10.68 -10.60 -29.59
N ILE B 340 -10.02 -11.77 -29.81
CA ILE B 340 -10.08 -12.54 -31.05
C ILE B 340 -11.56 -12.89 -31.31
N MET B 341 -12.25 -13.45 -30.29
CA MET B 341 -13.65 -13.84 -30.40
C MET B 341 -14.57 -12.69 -30.76
N ASN B 342 -14.33 -11.50 -30.21
CA ASN B 342 -15.22 -10.37 -30.49
C ASN B 342 -14.96 -9.74 -31.85
N LYS B 343 -13.68 -9.54 -32.20
CA LYS B 343 -13.29 -8.95 -33.49
C LYS B 343 -13.51 -9.93 -34.68
N CYS B 344 -13.59 -11.29 -34.44
CA CYS B 344 -13.82 -12.32 -35.48
C CYS B 344 -15.23 -12.09 -36.01
N THR B 345 -15.37 -12.10 -37.33
CA THR B 345 -16.65 -11.94 -38.00
C THR B 345 -16.70 -12.93 -39.16
N SER B 346 -15.95 -12.64 -40.22
CA SER B 346 -15.91 -13.44 -41.42
C SER B 346 -14.62 -14.24 -41.56
N LEU B 347 -14.73 -15.44 -42.14
CA LEU B 347 -13.61 -16.33 -42.42
C LEU B 347 -13.52 -16.54 -43.92
N CYS B 348 -12.46 -15.99 -44.53
CA CYS B 348 -12.22 -15.99 -45.96
C CYS B 348 -11.22 -17.07 -46.38
N CYS B 349 -11.01 -17.19 -47.70
CA CYS B 349 -10.04 -18.06 -48.32
C CYS B 349 -8.69 -17.32 -48.24
N LYS B 350 -7.69 -17.92 -47.54
CA LYS B 350 -6.35 -17.34 -47.32
C LYS B 350 -5.66 -16.95 -48.62
N GLN B 351 -5.92 -17.72 -49.67
CA GLN B 351 -5.34 -17.54 -50.99
C GLN B 351 -5.85 -16.29 -51.71
N CYS B 352 -7.17 -16.15 -51.95
CA CYS B 352 -7.65 -14.95 -52.64
C CYS B 352 -7.99 -13.83 -51.68
N GLN B 353 -7.97 -14.13 -50.39
CA GLN B 353 -8.13 -13.21 -49.28
C GLN B 353 -9.50 -12.55 -49.13
N ASP B 354 -10.18 -12.14 -50.22
CA ASP B 354 -11.47 -11.46 -50.06
C ASP B 354 -12.69 -12.36 -50.27
N THR B 355 -12.51 -13.59 -50.76
CA THR B 355 -13.63 -14.52 -50.91
C THR B 355 -14.08 -15.03 -49.53
N GLU B 356 -15.30 -14.67 -49.09
CA GLU B 356 -15.83 -15.13 -47.80
C GLU B 356 -16.33 -16.56 -47.94
N ILE B 357 -15.93 -17.45 -47.03
CA ILE B 357 -16.30 -18.84 -47.03
C ILE B 357 -17.28 -19.14 -45.91
N THR B 358 -17.06 -18.60 -44.71
CA THR B 358 -18.01 -18.81 -43.61
C THR B 358 -17.90 -17.68 -42.65
N THR B 359 -18.77 -17.68 -41.67
CA THR B 359 -18.87 -16.64 -40.68
C THR B 359 -18.83 -17.25 -39.28
N LYS B 360 -18.51 -16.41 -38.24
CA LYS B 360 -18.46 -16.77 -36.82
C LYS B 360 -19.75 -17.48 -36.35
N ASN B 361 -20.93 -17.02 -36.83
CA ASN B 361 -22.25 -17.57 -36.52
C ASN B 361 -22.47 -19.01 -36.99
N GLU B 362 -21.71 -19.49 -38.02
CA GLU B 362 -21.88 -20.85 -38.54
C GLU B 362 -21.02 -21.92 -37.84
N ILE B 363 -20.05 -21.49 -37.01
CA ILE B 363 -19.17 -22.37 -36.23
C ILE B 363 -20.01 -23.09 -35.17
N PHE B 364 -19.75 -24.38 -34.97
CA PHE B 364 -20.45 -25.21 -33.99
C PHE B 364 -19.56 -26.37 -33.56
N SER B 365 -19.69 -26.81 -32.29
CA SER B 365 -18.84 -27.88 -31.78
C SER B 365 -19.43 -29.30 -32.01
N LEU B 366 -18.88 -30.02 -33.00
CA LEU B 366 -19.30 -31.39 -33.31
C LEU B 366 -18.43 -32.41 -32.52
N SER B 367 -17.39 -31.90 -31.84
CA SER B 367 -16.45 -32.65 -31.00
C SER B 367 -16.44 -32.01 -29.62
N LEU B 368 -16.10 -32.79 -28.57
CA LEU B 368 -15.99 -32.26 -27.20
C LEU B 368 -14.77 -31.34 -27.07
N CYS B 369 -13.71 -31.61 -27.85
CA CYS B 369 -12.55 -30.74 -27.73
C CYS B 369 -12.71 -29.37 -28.50
N GLY B 370 -13.94 -29.07 -28.91
CA GLY B 370 -14.29 -27.79 -29.52
C GLY B 370 -14.73 -27.80 -30.97
N PRO B 371 -15.03 -26.61 -31.56
CA PRO B 371 -15.41 -26.59 -32.97
C PRO B 371 -14.28 -27.02 -33.89
N MET B 372 -13.00 -26.72 -33.54
CA MET B 372 -11.79 -27.07 -34.31
C MET B 372 -10.90 -28.09 -33.56
N ALA B 373 -10.32 -29.07 -34.32
CA ALA B 373 -9.43 -30.13 -33.79
C ALA B 373 -8.47 -30.71 -34.85
N ALA B 374 -7.34 -31.30 -34.41
CA ALA B 374 -6.36 -31.87 -35.34
C ALA B 374 -6.63 -33.34 -35.68
N TYR B 375 -6.67 -33.68 -36.96
CA TYR B 375 -6.89 -35.04 -37.44
C TYR B 375 -5.84 -35.41 -38.52
N VAL B 376 -5.53 -36.74 -38.70
CA VAL B 376 -4.53 -37.23 -39.69
C VAL B 376 -5.14 -37.88 -40.86
N ASN B 377 -4.63 -37.55 -42.06
CA ASN B 377 -5.09 -38.24 -43.26
C ASN B 377 -4.27 -39.55 -43.45
N PRO B 378 -4.61 -40.46 -44.37
CA PRO B 378 -3.84 -41.70 -44.50
C PRO B 378 -2.34 -41.54 -44.76
N HIS B 379 -1.90 -40.33 -45.07
CA HIS B 379 -0.50 -40.09 -45.37
C HIS B 379 0.21 -39.27 -44.28
N GLY B 380 -0.38 -39.21 -43.10
CA GLY B 380 0.20 -38.54 -41.93
C GLY B 380 0.16 -37.03 -41.90
N TYR B 381 -0.50 -36.42 -42.90
CA TYR B 381 -0.62 -34.99 -42.94
C TYR B 381 -1.74 -34.59 -42.00
N ILE B 382 -1.41 -33.67 -41.06
CA ILE B 382 -2.36 -33.21 -40.04
C ILE B 382 -3.12 -32.02 -40.55
N HIS B 383 -4.46 -32.13 -40.48
CA HIS B 383 -5.38 -31.09 -40.87
C HIS B 383 -6.16 -30.64 -39.65
N GLU B 384 -5.99 -29.40 -39.20
CA GLU B 384 -6.77 -28.88 -38.08
C GLU B 384 -8.05 -28.40 -38.69
N THR B 385 -9.15 -29.17 -38.50
CA THR B 385 -10.43 -28.87 -39.18
C THR B 385 -11.49 -28.27 -38.24
N LEU B 386 -12.18 -27.23 -38.76
CA LEU B 386 -13.23 -26.44 -38.12
C LEU B 386 -14.58 -26.86 -38.71
N THR B 387 -15.52 -27.19 -37.81
CA THR B 387 -16.86 -27.63 -38.16
C THR B 387 -17.78 -26.41 -38.23
N VAL B 388 -18.44 -26.21 -39.38
CA VAL B 388 -19.40 -25.13 -39.64
C VAL B 388 -20.67 -25.70 -40.30
N TYR B 389 -21.86 -25.11 -40.10
CA TYR B 389 -23.06 -25.65 -40.73
C TYR B 389 -23.21 -25.21 -42.17
N LYS B 390 -22.87 -23.95 -42.45
CA LYS B 390 -23.00 -23.38 -43.78
C LYS B 390 -21.68 -22.74 -44.20
N ALA B 391 -21.29 -22.99 -45.44
CA ALA B 391 -20.11 -22.45 -46.09
C ALA B 391 -20.58 -21.82 -47.40
N CYS B 392 -19.83 -20.89 -47.99
CA CYS B 392 -20.39 -20.18 -49.13
C CYS B 392 -19.72 -20.43 -50.47
N ASN B 393 -18.53 -19.90 -50.73
CA ASN B 393 -18.04 -20.06 -52.09
C ASN B 393 -17.30 -21.33 -52.28
N LEU B 394 -17.97 -22.45 -52.08
CA LEU B 394 -17.34 -23.74 -52.20
C LEU B 394 -17.84 -24.57 -53.37
N ASN B 395 -16.92 -25.32 -53.96
CA ASN B 395 -17.22 -26.21 -55.06
C ASN B 395 -16.75 -27.55 -54.62
N LEU B 396 -17.60 -28.55 -54.82
CA LEU B 396 -17.25 -29.91 -54.47
C LEU B 396 -16.76 -30.59 -55.72
N SER B 397 -15.94 -31.61 -55.57
CA SER B 397 -15.48 -32.42 -56.70
C SER B 397 -15.51 -33.88 -56.28
N GLY B 398 -15.94 -34.74 -57.18
CA GLY B 398 -16.00 -36.17 -56.90
C GLY B 398 -17.21 -36.57 -56.07
N ARG B 399 -17.35 -37.86 -55.79
CA ARG B 399 -18.50 -38.35 -55.04
C ARG B 399 -18.13 -38.61 -53.55
N PRO B 400 -19.09 -38.65 -52.59
CA PRO B 400 -18.72 -38.88 -51.18
C PRO B 400 -17.98 -40.19 -50.91
N SER B 401 -17.13 -40.20 -49.87
CA SER B 401 -16.35 -41.35 -49.46
C SER B 401 -16.41 -41.46 -47.96
N THR B 402 -16.30 -42.67 -47.44
CA THR B 402 -16.31 -42.90 -46.00
C THR B 402 -14.94 -43.35 -45.54
N GLU B 403 -14.02 -43.53 -46.51
CA GLU B 403 -12.66 -43.97 -46.23
C GLU B 403 -11.96 -42.99 -45.32
N HIS B 404 -11.46 -43.51 -44.19
CA HIS B 404 -10.69 -42.82 -43.16
C HIS B 404 -11.44 -41.63 -42.56
N SER B 405 -12.80 -41.67 -42.59
CA SER B 405 -13.61 -40.57 -42.07
C SER B 405 -13.32 -40.27 -40.59
N TRP B 406 -13.08 -38.98 -40.29
CA TRP B 406 -12.79 -38.49 -38.94
C TRP B 406 -14.08 -38.34 -38.11
N PHE B 407 -15.26 -38.30 -38.76
CA PHE B 407 -16.56 -38.20 -38.09
C PHE B 407 -17.33 -39.42 -38.52
N PRO B 408 -17.37 -40.46 -37.65
CA PRO B 408 -18.04 -41.71 -38.03
C PRO B 408 -19.53 -41.53 -38.26
N GLY B 409 -19.98 -42.02 -39.41
CA GLY B 409 -21.36 -41.90 -39.84
C GLY B 409 -21.52 -40.87 -40.93
N TYR B 410 -20.42 -40.10 -41.20
CA TYR B 410 -20.37 -39.07 -42.23
C TYR B 410 -19.42 -39.42 -43.33
N ALA B 411 -19.83 -39.12 -44.55
CA ALA B 411 -19.02 -39.30 -45.75
C ALA B 411 -18.48 -37.92 -46.10
N TRP B 412 -17.31 -37.86 -46.72
CA TRP B 412 -16.70 -36.60 -47.11
C TRP B 412 -16.56 -36.47 -48.61
N THR B 413 -16.61 -35.24 -49.09
CA THR B 413 -16.38 -34.93 -50.50
C THR B 413 -15.52 -33.65 -50.53
N ILE B 414 -14.45 -33.66 -51.35
CA ILE B 414 -13.49 -32.55 -51.47
C ILE B 414 -14.16 -31.23 -51.82
N ALA B 415 -13.80 -30.16 -51.07
CA ALA B 415 -14.30 -28.79 -51.23
C ALA B 415 -13.16 -27.85 -51.52
N GLN B 416 -13.36 -26.99 -52.52
CA GLN B 416 -12.37 -26.00 -52.90
C GLN B 416 -13.03 -24.65 -53.03
N CYS B 417 -12.26 -23.59 -52.87
CA CYS B 417 -12.70 -22.22 -53.09
C CYS B 417 -13.18 -22.10 -54.54
N ARG B 418 -14.35 -21.43 -54.75
CA ARG B 418 -14.96 -21.24 -56.08
C ARG B 418 -14.06 -20.38 -56.93
N ILE B 419 -13.49 -19.35 -56.33
CA ILE B 419 -12.68 -18.40 -57.04
C ILE B 419 -11.31 -18.95 -57.43
N CYS B 420 -10.45 -19.33 -56.46
CA CYS B 420 -9.07 -19.75 -56.75
C CYS B 420 -8.83 -21.24 -56.83
N GLY B 421 -9.71 -22.05 -56.28
CA GLY B 421 -9.53 -23.49 -56.36
C GLY B 421 -8.77 -24.07 -55.20
N ASN B 422 -8.49 -23.26 -54.19
CA ASN B 422 -7.77 -23.68 -52.98
C ASN B 422 -8.56 -24.77 -52.30
N HIS B 423 -7.88 -25.84 -51.86
CA HIS B 423 -8.55 -26.92 -51.13
C HIS B 423 -8.89 -26.41 -49.74
N MET B 424 -10.17 -26.22 -49.49
CA MET B 424 -10.65 -25.60 -48.26
C MET B 424 -11.02 -26.59 -47.17
N GLY B 425 -11.17 -27.84 -47.55
CA GLY B 425 -11.57 -28.88 -46.61
C GLY B 425 -12.54 -29.83 -47.26
N TRP B 426 -13.62 -30.17 -46.56
CA TRP B 426 -14.57 -31.14 -47.06
C TRP B 426 -15.99 -30.81 -46.67
N LYS B 427 -16.95 -31.42 -47.38
CA LYS B 427 -18.37 -31.36 -47.03
C LYS B 427 -18.66 -32.71 -46.45
N PHE B 428 -19.20 -32.74 -45.22
CA PHE B 428 -19.58 -34.00 -44.61
C PHE B 428 -21.09 -34.20 -44.66
N THR B 429 -21.49 -35.37 -45.15
CA THR B 429 -22.90 -35.71 -45.33
C THR B 429 -23.18 -37.02 -44.62
N ALA B 430 -24.30 -37.09 -43.91
CA ALA B 430 -24.75 -38.26 -43.15
C ALA B 430 -25.01 -39.47 -44.05
N THR B 431 -24.64 -40.67 -43.57
CA THR B 431 -24.84 -41.93 -44.29
C THR B 431 -26.17 -42.57 -43.93
N LYS B 432 -26.83 -42.04 -42.88
CA LYS B 432 -28.14 -42.48 -42.42
C LYS B 432 -29.06 -41.26 -42.35
N LYS B 433 -30.31 -41.48 -42.79
CA LYS B 433 -31.41 -40.50 -42.85
C LYS B 433 -31.79 -39.84 -41.50
N ASP B 434 -31.58 -40.56 -40.38
CA ASP B 434 -31.93 -40.14 -39.01
C ASP B 434 -30.90 -39.26 -38.30
N MET B 435 -29.68 -39.14 -38.89
CA MET B 435 -28.57 -38.38 -38.31
C MET B 435 -28.77 -36.88 -38.30
N SER B 436 -28.31 -36.21 -37.21
CA SER B 436 -28.35 -34.76 -37.00
C SER B 436 -26.96 -34.26 -36.51
N PRO B 437 -26.26 -33.35 -37.22
CA PRO B 437 -26.62 -32.67 -38.47
C PRO B 437 -26.62 -33.56 -39.70
N GLN B 438 -27.46 -33.24 -40.68
CA GLN B 438 -27.53 -34.06 -41.89
C GLN B 438 -26.32 -33.77 -42.82
N LYS B 439 -25.77 -32.53 -42.70
CA LYS B 439 -24.60 -32.06 -43.42
C LYS B 439 -23.92 -30.97 -42.59
N PHE B 440 -22.59 -30.83 -42.77
CA PHE B 440 -21.75 -29.80 -42.17
C PHE B 440 -20.51 -29.62 -43.03
N TRP B 441 -19.61 -28.72 -42.65
CA TRP B 441 -18.41 -28.49 -43.42
C TRP B 441 -17.20 -28.58 -42.53
N GLY B 442 -16.20 -29.32 -43.02
CA GLY B 442 -14.93 -29.46 -42.33
C GLY B 442 -13.90 -28.60 -43.00
N LEU B 443 -13.66 -27.37 -42.48
CA LEU B 443 -12.71 -26.46 -43.11
C LEU B 443 -11.33 -26.46 -42.40
N THR B 444 -10.23 -26.69 -43.15
CA THR B 444 -8.89 -26.70 -42.55
C THR B 444 -8.46 -25.29 -42.22
N ARG B 445 -7.90 -25.04 -41.01
CA ARG B 445 -7.54 -23.64 -40.68
C ARG B 445 -6.45 -23.06 -41.55
N SER B 446 -5.51 -23.91 -42.07
CA SER B 446 -4.45 -23.42 -42.97
C SER B 446 -5.01 -22.76 -44.25
N ALA B 447 -6.28 -23.05 -44.60
CA ALA B 447 -6.98 -22.53 -45.79
C ALA B 447 -7.78 -21.26 -45.50
N LEU B 448 -8.01 -20.98 -44.22
CA LEU B 448 -8.81 -19.85 -43.76
C LEU B 448 -7.99 -18.66 -43.32
N LEU B 449 -8.64 -17.48 -43.31
CA LEU B 449 -8.06 -16.20 -42.93
C LEU B 449 -9.18 -15.39 -42.34
N PRO B 450 -9.13 -15.09 -41.04
CA PRO B 450 -10.21 -14.31 -40.40
C PRO B 450 -10.36 -12.84 -40.84
N ARG B 451 -9.51 -12.41 -41.79
CA ARG B 451 -9.44 -11.06 -42.40
C ARG B 451 -10.77 -10.31 -42.49
#